data_1H8V
#
_entry.id   1H8V
#
_cell.length_a   69.720
_cell.length_b   71.580
_cell.length_c   121.400
_cell.angle_alpha   90.00
_cell.angle_beta   91.52
_cell.angle_gamma   90.00
#
_symmetry.space_group_name_H-M   'P 1 21 1'
#
loop_
_entity.id
_entity.type
_entity.pdbx_description
1 polymer ENDO-BETA-1,4-GLUCANASE
2 non-polymer 2-acetamido-2-deoxy-beta-D-glucopyranose
3 water water
#
_entity_poly.entity_id   1
_entity_poly.type   'polypeptide(L)'
_entity_poly.pdbx_seq_one_letter_code
;(PCA)TSCDQWATFTGNGYTVSNNLWGASAGSGFGCVTAVSLSGGASWHADWQWSGGQNNVKSYQNSQIAIPQKRTVNSI
SSMPTTASWSYSGSNIRANVAYDLFTAANPNHVTYSGDYELMIWLGKYGDIGPIGSSQGTVNVGGQSWTLYYGYNGAMQV
YSFVAQTNTTNYSGDVKNFFNYLRDNKGYNAAGQYVLSYQFGTEPFTGSGTLNVASWTASIN
;
_entity_poly.pdbx_strand_id   A,B,C,D,E,F
#
loop_
_chem_comp.id
_chem_comp.type
_chem_comp.name
_chem_comp.formula
NAG D-saccharide, beta linking 2-acetamido-2-deoxy-beta-D-glucopyranose 'C8 H15 N O6'
#
# COMPACT_ATOMS: atom_id res chain seq x y z
N PCA A 1 -37.09 20.40 -12.93
CA PCA A 1 -36.76 21.24 -14.08
CB PCA A 1 -36.97 22.70 -13.69
CG PCA A 1 -37.22 22.63 -12.17
CD PCA A 1 -37.35 21.14 -11.86
OE PCA A 1 -37.66 20.67 -10.74
C PCA A 1 -35.30 21.07 -14.53
O PCA A 1 -34.55 20.32 -13.92
N THR A 2 -34.93 21.80 -15.58
CA THR A 2 -33.57 21.73 -16.11
C THR A 2 -32.98 23.12 -16.21
N SER A 3 -31.67 23.21 -16.05
CA SER A 3 -30.96 24.46 -16.13
C SER A 3 -29.47 24.20 -16.25
N CYS A 4 -28.78 25.08 -16.96
CA CYS A 4 -27.33 24.94 -17.12
C CYS A 4 -26.68 26.16 -16.46
N ASP A 5 -27.51 27.01 -15.84
CA ASP A 5 -27.01 28.20 -15.16
C ASP A 5 -26.02 27.77 -14.08
N GLN A 6 -24.91 28.50 -13.99
CA GLN A 6 -23.86 28.19 -13.03
C GLN A 6 -24.28 27.84 -11.60
N TRP A 7 -25.20 28.60 -11.02
CA TRP A 7 -25.61 28.35 -9.64
C TRP A 7 -27.08 27.96 -9.44
N ALA A 8 -27.68 27.35 -10.45
CA ALA A 8 -29.08 26.95 -10.38
C ALA A 8 -29.30 25.89 -9.31
N THR A 9 -30.44 25.99 -8.62
CA THR A 9 -30.81 25.03 -7.59
C THR A 9 -32.31 24.77 -7.68
N PHE A 10 -32.69 23.53 -7.44
CA PHE A 10 -34.09 23.14 -7.45
C PHE A 10 -34.29 22.47 -6.09
N THR A 11 -35.18 23.05 -5.28
CA THR A 11 -35.43 22.54 -3.94
C THR A 11 -36.89 22.14 -3.74
N GLY A 12 -37.09 21.16 -2.87
CA GLY A 12 -38.44 20.71 -2.59
C GLY A 12 -38.47 19.42 -1.82
N ASN A 13 -39.40 19.32 -0.87
CA ASN A 13 -39.56 18.13 -0.06
C ASN A 13 -38.30 17.69 0.70
N GLY A 14 -37.54 18.66 1.18
CA GLY A 14 -36.35 18.35 1.96
C GLY A 14 -35.12 17.97 1.15
N TYR A 15 -35.19 18.12 -0.17
CA TYR A 15 -34.06 17.82 -1.03
C TYR A 15 -33.76 19.00 -1.94
N THR A 16 -32.49 19.13 -2.32
CA THR A 16 -32.06 20.21 -3.20
C THR A 16 -31.10 19.68 -4.26
N VAL A 17 -31.38 19.99 -5.52
CA VAL A 17 -30.51 19.59 -6.61
C VAL A 17 -29.82 20.87 -7.06
N SER A 18 -28.48 20.85 -7.14
CA SER A 18 -27.72 22.04 -7.54
C SER A 18 -26.74 21.79 -8.68
N ASN A 19 -26.62 22.77 -9.58
CA ASN A 19 -25.68 22.66 -10.70
C ASN A 19 -24.31 22.87 -10.06
N ASN A 20 -24.21 23.94 -9.26
CA ASN A 20 -22.98 24.22 -8.52
C ASN A 20 -21.70 24.10 -9.36
N LEU A 21 -21.63 24.86 -10.44
CA LEU A 21 -20.47 24.85 -11.34
C LEU A 21 -19.41 25.82 -10.80
N TRP A 22 -18.89 25.56 -9.61
CA TRP A 22 -17.90 26.44 -9.01
C TRP A 22 -16.56 26.53 -9.71
N GLY A 23 -16.22 25.50 -10.49
CA GLY A 23 -14.95 25.50 -11.19
C GLY A 23 -15.06 25.69 -12.69
N ALA A 24 -16.16 26.27 -13.13
CA ALA A 24 -16.37 26.51 -14.57
C ALA A 24 -15.27 27.37 -15.16
N SER A 25 -14.67 28.22 -14.33
CA SER A 25 -13.58 29.11 -14.75
C SER A 25 -12.35 28.35 -15.20
N ALA A 26 -12.17 27.16 -14.64
CA ALA A 26 -11.01 26.32 -14.92
C ALA A 26 -10.95 25.64 -16.29
N GLY A 27 -12.04 25.70 -17.05
CA GLY A 27 -12.02 25.05 -18.35
C GLY A 27 -13.02 25.61 -19.33
N SER A 28 -13.23 24.87 -20.41
CA SER A 28 -14.17 25.25 -21.46
C SER A 28 -15.26 24.18 -21.51
N GLY A 29 -16.51 24.60 -21.49
CA GLY A 29 -17.58 23.62 -21.52
C GLY A 29 -18.84 24.07 -20.83
N PHE A 30 -19.62 23.10 -20.36
CA PHE A 30 -20.88 23.42 -19.70
C PHE A 30 -21.31 22.31 -18.77
N GLY A 31 -22.31 22.62 -17.95
CA GLY A 31 -22.86 21.67 -17.02
C GLY A 31 -24.34 21.99 -16.86
N CYS A 32 -25.19 20.98 -16.96
CA CYS A 32 -26.63 21.19 -16.79
C CYS A 32 -27.14 20.14 -15.82
N VAL A 33 -28.17 20.49 -15.06
CA VAL A 33 -28.75 19.55 -14.13
C VAL A 33 -30.25 19.48 -14.33
N THR A 34 -30.81 18.27 -14.19
CA THR A 34 -32.23 18.08 -14.36
C THR A 34 -32.79 17.33 -13.15
N ALA A 35 -33.73 17.97 -12.46
CA ALA A 35 -34.38 17.36 -11.31
C ALA A 35 -35.67 16.72 -11.81
N VAL A 36 -35.72 15.40 -11.79
CA VAL A 36 -36.90 14.69 -12.27
C VAL A 36 -37.97 14.65 -11.19
N SER A 37 -37.60 14.21 -9.99
CA SER A 37 -38.54 14.13 -8.88
C SER A 37 -37.79 14.25 -7.55
N LEU A 38 -38.40 14.94 -6.59
CA LEU A 38 -37.80 15.12 -5.29
C LEU A 38 -38.71 14.55 -4.18
N SER A 39 -39.60 13.63 -4.56
CA SER A 39 -40.53 13.02 -3.62
C SER A 39 -39.98 11.74 -2.99
N GLY A 40 -39.79 11.79 -1.67
CA GLY A 40 -39.27 10.63 -0.95
C GLY A 40 -37.83 10.32 -1.32
N GLY A 41 -37.18 11.28 -1.95
CA GLY A 41 -35.80 11.12 -2.37
C GLY A 41 -35.57 11.97 -3.60
N ALA A 42 -34.38 11.90 -4.17
CA ALA A 42 -34.08 12.71 -5.34
C ALA A 42 -33.72 11.88 -6.56
N SER A 43 -34.44 12.13 -7.64
CA SER A 43 -34.22 11.45 -8.92
C SER A 43 -33.81 12.60 -9.84
N TRP A 44 -32.58 12.55 -10.36
CA TRP A 44 -32.08 13.61 -11.22
C TRP A 44 -30.91 13.14 -12.08
N HIS A 45 -30.43 14.01 -12.94
CA HIS A 45 -29.26 13.69 -13.75
C HIS A 45 -28.48 14.93 -14.13
N ALA A 46 -27.17 14.77 -14.22
CA ALA A 46 -26.27 15.85 -14.56
C ALA A 46 -25.61 15.55 -15.90
N ASP A 47 -25.55 16.57 -16.75
CA ASP A 47 -24.92 16.42 -18.05
C ASP A 47 -23.83 17.47 -18.15
N TRP A 48 -22.71 17.10 -18.76
CA TRP A 48 -21.62 18.05 -18.90
C TRP A 48 -20.62 17.69 -19.97
N GLN A 49 -19.76 18.65 -20.27
CA GLN A 49 -18.71 18.51 -21.25
C GLN A 49 -17.66 19.55 -20.84
N TRP A 50 -16.44 19.10 -20.57
CA TRP A 50 -15.38 20.01 -20.15
C TRP A 50 -14.03 19.67 -20.79
N SER A 51 -13.24 20.71 -21.02
CA SER A 51 -11.90 20.57 -21.59
C SER A 51 -11.00 21.56 -20.84
N GLY A 52 -9.71 21.27 -20.77
CA GLY A 52 -8.79 22.16 -20.07
C GLY A 52 -8.79 21.90 -18.57
N GLY A 53 -7.83 22.50 -17.85
CA GLY A 53 -7.77 22.30 -16.41
C GLY A 53 -7.77 20.82 -16.10
N GLN A 54 -6.80 20.12 -16.68
CA GLN A 54 -6.65 18.68 -16.53
C GLN A 54 -6.95 18.14 -15.13
N ASN A 55 -6.38 18.75 -14.10
CA ASN A 55 -6.62 18.26 -12.75
C ASN A 55 -7.40 19.24 -11.86
N ASN A 56 -8.23 20.05 -12.48
CA ASN A 56 -9.06 21.01 -11.77
C ASN A 56 -10.53 20.60 -11.87
N VAL A 57 -11.17 20.36 -10.72
CA VAL A 57 -12.57 19.99 -10.70
C VAL A 57 -13.35 21.18 -11.25
N LYS A 58 -14.32 20.91 -12.12
CA LYS A 58 -15.08 22.00 -12.73
C LYS A 58 -16.36 22.30 -11.97
N SER A 59 -16.82 21.35 -11.17
CA SER A 59 -18.08 21.53 -10.44
C SER A 59 -18.39 20.34 -9.57
N TYR A 60 -19.51 20.45 -8.86
CA TYR A 60 -20.02 19.36 -8.04
C TYR A 60 -21.55 19.41 -8.11
N GLN A 61 -22.09 19.01 -9.26
CA GLN A 61 -23.54 18.98 -9.44
C GLN A 61 -23.95 17.92 -8.42
N ASN A 62 -24.92 18.23 -7.58
CA ASN A 62 -25.30 17.29 -6.54
C ASN A 62 -26.71 17.45 -6.03
N SER A 63 -27.15 16.43 -5.28
CA SER A 63 -28.45 16.45 -4.62
C SER A 63 -28.06 16.34 -3.15
N GLN A 64 -28.77 17.07 -2.29
CA GLN A 64 -28.48 17.05 -0.87
C GLN A 64 -29.78 17.20 -0.10
N ILE A 65 -29.75 16.86 1.18
CA ILE A 65 -30.93 16.97 2.02
C ILE A 65 -30.81 18.17 2.95
N ALA A 66 -31.94 18.74 3.32
CA ALA A 66 -31.94 19.88 4.21
C ALA A 66 -31.59 19.38 5.61
N ILE A 67 -30.90 20.24 6.37
CA ILE A 67 -30.51 19.90 7.74
C ILE A 67 -30.86 21.11 8.59
N PRO A 68 -32.14 21.22 8.98
CA PRO A 68 -32.72 22.29 9.81
C PRO A 68 -31.92 22.65 11.05
N GLN A 69 -31.48 21.62 11.77
CA GLN A 69 -30.72 21.82 13.00
C GLN A 69 -29.48 20.93 13.02
N LYS A 70 -28.31 21.56 13.04
CA LYS A 70 -27.06 20.82 13.05
C LYS A 70 -26.84 20.07 14.36
N ARG A 71 -26.46 18.80 14.24
CA ARG A 71 -26.20 17.95 15.39
C ARG A 71 -24.77 17.41 15.31
N THR A 72 -24.24 16.99 16.44
CA THR A 72 -22.89 16.44 16.45
C THR A 72 -22.91 15.03 15.86
N VAL A 73 -21.79 14.64 15.29
CA VAL A 73 -21.66 13.32 14.68
C VAL A 73 -21.97 12.20 15.65
N ASN A 74 -21.44 12.29 16.87
CA ASN A 74 -21.67 11.25 17.88
C ASN A 74 -23.12 11.16 18.35
N SER A 75 -23.83 12.29 18.37
CA SER A 75 -25.22 12.31 18.82
C SER A 75 -26.16 11.65 17.81
N ILE A 76 -25.77 11.69 16.54
CA ILE A 76 -26.59 11.09 15.49
C ILE A 76 -26.53 9.56 15.56
N SER A 77 -27.69 8.94 15.52
CA SER A 77 -27.78 7.48 15.60
C SER A 77 -27.51 6.77 14.27
N SER A 78 -27.95 7.36 13.17
CA SER A 78 -27.72 6.76 11.86
C SER A 78 -27.90 7.76 10.74
N MET A 79 -27.19 7.54 9.65
CA MET A 79 -27.25 8.40 8.48
C MET A 79 -27.42 7.49 7.27
N PRO A 80 -28.56 6.78 7.20
CA PRO A 80 -28.86 5.87 6.10
C PRO A 80 -28.97 6.56 4.76
N THR A 81 -28.54 5.86 3.71
CA THR A 81 -28.59 6.39 2.36
C THR A 81 -28.60 5.27 1.33
N THR A 82 -29.24 5.52 0.20
CA THR A 82 -29.28 4.55 -0.88
C THR A 82 -29.06 5.34 -2.16
N ALA A 83 -28.44 4.70 -3.14
CA ALA A 83 -28.16 5.35 -4.40
C ALA A 83 -28.13 4.35 -5.54
N SER A 84 -28.78 4.71 -6.63
CA SER A 84 -28.82 3.90 -7.84
C SER A 84 -28.45 4.87 -8.94
N TRP A 85 -27.28 4.67 -9.54
CA TRP A 85 -26.82 5.58 -10.59
C TRP A 85 -26.13 4.83 -11.72
N SER A 86 -25.85 5.56 -12.79
CA SER A 86 -25.17 5.01 -13.95
C SER A 86 -24.49 6.20 -14.63
N TYR A 87 -23.36 5.95 -15.28
CA TYR A 87 -22.64 7.01 -15.96
C TYR A 87 -22.45 6.60 -17.41
N SER A 88 -22.66 7.54 -18.33
CA SER A 88 -22.46 7.29 -19.74
C SER A 88 -21.72 8.51 -20.25
N GLY A 89 -21.06 8.38 -21.40
CA GLY A 89 -20.32 9.50 -21.96
C GLY A 89 -19.05 9.01 -22.63
N SER A 90 -18.10 9.91 -22.84
CA SER A 90 -16.86 9.52 -23.48
C SER A 90 -15.66 10.22 -22.83
N ASN A 91 -14.56 9.47 -22.71
CA ASN A 91 -13.34 9.99 -22.10
C ASN A 91 -13.68 10.63 -20.74
N ILE A 92 -14.49 9.93 -19.97
CA ILE A 92 -14.94 10.42 -18.68
C ILE A 92 -13.84 10.45 -17.60
N ARG A 93 -13.51 11.64 -17.15
CA ARG A 93 -12.55 11.82 -16.07
C ARG A 93 -13.35 12.52 -15.00
N ALA A 94 -13.93 11.72 -14.11
CA ALA A 94 -14.78 12.24 -13.06
C ALA A 94 -15.11 11.15 -12.05
N ASN A 95 -15.76 11.55 -10.95
CA ASN A 95 -16.15 10.59 -9.94
C ASN A 95 -17.63 10.67 -9.64
N VAL A 96 -18.06 9.85 -8.71
CA VAL A 96 -19.43 9.82 -8.23
C VAL A 96 -19.16 9.71 -6.75
N ALA A 97 -19.59 10.71 -5.99
CA ALA A 97 -19.30 10.70 -4.56
C ALA A 97 -20.22 11.49 -3.67
N TYR A 98 -20.27 11.02 -2.42
CA TYR A 98 -21.00 11.69 -1.38
C TYR A 98 -20.02 12.74 -0.91
N ASP A 99 -20.53 13.84 -0.38
CA ASP A 99 -19.69 14.91 0.12
C ASP A 99 -20.35 15.49 1.38
N LEU A 100 -19.61 15.52 2.48
CA LEU A 100 -20.15 16.05 3.73
C LEU A 100 -19.11 16.87 4.47
N PHE A 101 -19.50 18.03 4.96
CA PHE A 101 -18.57 18.86 5.72
C PHE A 101 -18.99 18.87 7.18
N THR A 102 -18.00 18.91 8.07
CA THR A 102 -18.28 18.97 9.50
C THR A 102 -17.38 20.03 10.12
N ALA A 103 -17.82 20.59 11.24
CA ALA A 103 -17.04 21.61 11.93
C ALA A 103 -17.48 21.69 13.39
N ALA A 104 -16.59 22.19 14.23
CA ALA A 104 -16.85 22.33 15.65
C ALA A 104 -17.91 23.40 15.91
N ASN A 105 -17.97 24.40 15.02
CA ASN A 105 -18.94 25.47 15.14
C ASN A 105 -20.20 25.08 14.37
N PRO A 106 -21.31 24.80 15.09
CA PRO A 106 -22.57 24.39 14.46
C PRO A 106 -23.13 25.35 13.41
N ASN A 107 -22.74 26.62 13.49
CA ASN A 107 -23.23 27.62 12.54
C ASN A 107 -22.25 27.87 11.40
N HIS A 108 -21.29 26.96 11.23
CA HIS A 108 -20.28 27.07 10.18
C HIS A 108 -20.94 27.06 8.80
N VAL A 109 -20.34 27.73 7.81
CA VAL A 109 -20.91 27.72 6.48
C VAL A 109 -21.00 26.27 6.04
N THR A 110 -22.03 25.93 5.27
CA THR A 110 -22.27 24.55 4.86
C THR A 110 -21.56 24.02 3.62
N TYR A 111 -20.68 24.80 3.02
CA TYR A 111 -19.95 24.34 1.84
C TYR A 111 -18.48 24.10 2.15
N SER A 112 -18.16 24.12 3.44
CA SER A 112 -16.80 23.87 3.91
C SER A 112 -16.84 23.60 5.42
N GLY A 113 -15.70 23.28 6.01
CA GLY A 113 -15.65 23.02 7.43
C GLY A 113 -14.29 22.56 7.89
N ASP A 114 -14.21 22.10 9.14
CA ASP A 114 -12.96 21.59 9.69
C ASP A 114 -12.55 20.36 8.91
N TYR A 115 -13.55 19.57 8.51
CA TYR A 115 -13.31 18.35 7.77
C TYR A 115 -14.28 18.19 6.61
N GLU A 116 -13.85 17.45 5.60
CA GLU A 116 -14.66 17.13 4.44
C GLU A 116 -14.58 15.61 4.33
N LEU A 117 -15.73 14.96 4.29
CA LEU A 117 -15.79 13.51 4.19
C LEU A 117 -16.36 13.19 2.83
N MET A 118 -15.61 12.43 2.02
CA MET A 118 -16.09 12.04 0.71
C MET A 118 -16.14 10.52 0.60
N ILE A 119 -17.16 10.03 -0.09
CA ILE A 119 -17.30 8.59 -0.32
C ILE A 119 -17.51 8.44 -1.82
N TRP A 120 -16.43 8.04 -2.51
CA TRP A 120 -16.45 7.87 -3.96
C TRP A 120 -17.00 6.52 -4.40
N LEU A 121 -18.28 6.47 -4.78
CA LEU A 121 -18.86 5.22 -5.24
C LEU A 121 -18.37 4.92 -6.65
N GLY A 122 -17.91 5.96 -7.34
CA GLY A 122 -17.41 5.77 -8.69
C GLY A 122 -16.17 6.61 -8.96
N LYS A 123 -15.30 6.10 -9.82
CA LYS A 123 -14.08 6.83 -10.18
C LYS A 123 -13.72 6.51 -11.63
N TYR A 124 -13.82 7.51 -12.49
CA TYR A 124 -13.50 7.35 -13.90
C TYR A 124 -12.23 8.10 -14.28
N GLY A 125 -11.34 7.43 -15.03
CA GLY A 125 -10.11 8.06 -15.45
C GLY A 125 -9.00 7.99 -14.41
N ASP A 126 -7.95 8.78 -14.64
CA ASP A 126 -6.80 8.83 -13.74
C ASP A 126 -6.90 9.95 -12.71
N ILE A 127 -8.12 10.39 -12.39
CA ILE A 127 -8.29 11.46 -11.42
C ILE A 127 -7.91 11.00 -10.02
N GLY A 128 -7.53 11.95 -9.17
CA GLY A 128 -7.13 11.58 -7.83
C GLY A 128 -7.77 12.41 -6.73
N PRO A 129 -7.99 11.81 -5.56
CA PRO A 129 -8.59 12.48 -4.42
C PRO A 129 -7.56 13.41 -3.78
N ILE A 130 -8.00 14.21 -2.83
CA ILE A 130 -7.09 15.11 -2.14
C ILE A 130 -6.17 14.22 -1.29
N GLY A 131 -4.93 14.65 -1.11
CA GLY A 131 -4.00 13.89 -0.29
C GLY A 131 -3.41 12.63 -0.88
N SER A 132 -3.08 11.69 -0.01
CA SER A 132 -2.48 10.42 -0.42
C SER A 132 -3.17 9.20 0.21
N SER A 133 -2.99 8.04 -0.43
CA SER A 133 -3.59 6.80 0.03
C SER A 133 -3.09 6.33 1.39
N GLN A 134 -4.02 5.93 2.23
CA GLN A 134 -3.71 5.43 3.57
C GLN A 134 -3.92 3.92 3.57
N GLY A 135 -4.16 3.36 2.39
CA GLY A 135 -4.36 1.92 2.29
C GLY A 135 -5.82 1.53 2.28
N THR A 136 -6.08 0.23 2.30
CA THR A 136 -7.45 -0.28 2.28
C THR A 136 -8.08 -0.34 3.66
N VAL A 137 -9.37 -0.05 3.72
CA VAL A 137 -10.11 -0.08 4.97
C VAL A 137 -11.49 -0.69 4.70
N ASN A 138 -12.09 -1.27 5.74
CA ASN A 138 -13.41 -1.88 5.61
C ASN A 138 -14.47 -1.08 6.36
N VAL A 139 -15.49 -0.65 5.64
CA VAL A 139 -16.57 0.12 6.24
C VAL A 139 -17.90 -0.35 5.66
N GLY A 140 -18.80 -0.75 6.55
CA GLY A 140 -20.11 -1.23 6.12
C GLY A 140 -20.09 -2.50 5.30
N GLY A 141 -19.06 -3.31 5.46
CA GLY A 141 -18.98 -4.56 4.73
C GLY A 141 -18.41 -4.44 3.33
N GLN A 142 -17.81 -3.29 3.04
CA GLN A 142 -17.21 -3.04 1.73
C GLN A 142 -15.80 -2.50 1.94
N SER A 143 -14.89 -2.81 1.01
CA SER A 143 -13.51 -2.34 1.09
C SER A 143 -13.37 -1.00 0.39
N TRP A 144 -12.57 -0.11 0.97
CA TRP A 144 -12.35 1.20 0.39
C TRP A 144 -10.89 1.59 0.49
N THR A 145 -10.42 2.39 -0.47
CA THR A 145 -9.07 2.89 -0.44
C THR A 145 -9.24 4.25 0.20
N LEU A 146 -8.68 4.44 1.38
CA LEU A 146 -8.81 5.69 2.10
C LEU A 146 -7.73 6.70 1.77
N TYR A 147 -8.14 7.92 1.43
CA TYR A 147 -7.21 8.99 1.14
C TYR A 147 -7.34 10.05 2.22
N TYR A 148 -6.24 10.73 2.51
CA TYR A 148 -6.23 11.78 3.53
C TYR A 148 -5.21 12.85 3.18
N GLY A 149 -5.55 14.08 3.49
CA GLY A 149 -4.66 15.18 3.22
C GLY A 149 -5.35 16.49 3.47
N TYR A 150 -4.60 17.58 3.40
CA TYR A 150 -5.17 18.91 3.61
C TYR A 150 -5.49 19.58 2.28
N ASN A 151 -6.53 20.39 2.30
CA ASN A 151 -6.93 21.21 1.16
C ASN A 151 -7.03 22.55 1.87
N GLY A 152 -5.87 23.11 2.19
CA GLY A 152 -5.84 24.36 2.93
C GLY A 152 -5.89 23.98 4.39
N ALA A 153 -6.65 24.72 5.19
CA ALA A 153 -6.76 24.40 6.60
C ALA A 153 -7.65 23.17 6.82
N MET A 154 -8.55 22.93 5.88
CA MET A 154 -9.49 21.80 5.94
C MET A 154 -8.84 20.44 5.71
N GLN A 155 -9.23 19.46 6.51
CA GLN A 155 -8.73 18.09 6.38
C GLN A 155 -9.76 17.28 5.59
N VAL A 156 -9.28 16.57 4.57
CA VAL A 156 -10.19 15.80 3.73
C VAL A 156 -9.92 14.29 3.75
N TYR A 157 -10.97 13.52 4.08
CA TYR A 157 -10.89 12.05 4.08
C TYR A 157 -11.76 11.54 2.94
N SER A 158 -11.18 10.79 2.02
CA SER A 158 -11.94 10.26 0.90
C SER A 158 -11.90 8.73 0.83
N PHE A 159 -13.05 8.10 1.05
CA PHE A 159 -13.17 6.65 0.98
C PHE A 159 -13.55 6.33 -0.46
N VAL A 160 -12.60 5.76 -1.20
CA VAL A 160 -12.79 5.43 -2.61
C VAL A 160 -13.09 3.95 -2.85
N ALA A 161 -14.27 3.66 -3.41
CA ALA A 161 -14.68 2.30 -3.69
C ALA A 161 -13.67 1.67 -4.65
N GLN A 162 -13.41 0.37 -4.46
CA GLN A 162 -12.44 -0.33 -5.29
C GLN A 162 -13.05 -0.92 -6.56
N THR A 163 -14.35 -0.67 -6.73
CA THR A 163 -15.11 -1.09 -7.90
C THR A 163 -16.26 -0.10 -7.96
N ASN A 164 -16.67 0.34 -9.15
CA ASN A 164 -17.78 1.29 -9.24
C ASN A 164 -19.00 0.64 -8.58
N THR A 165 -19.57 1.31 -7.59
CA THR A 165 -20.73 0.81 -6.88
C THR A 165 -21.95 1.61 -7.32
N THR A 166 -22.66 1.08 -8.31
CA THR A 166 -23.83 1.70 -8.93
C THR A 166 -25.15 1.57 -8.19
N ASN A 167 -25.23 0.61 -7.28
CA ASN A 167 -26.42 0.40 -6.46
C ASN A 167 -25.90 0.24 -5.06
N TYR A 168 -25.98 1.32 -4.29
CA TYR A 168 -25.44 1.36 -2.94
C TYR A 168 -26.49 1.55 -1.86
N SER A 169 -26.22 0.95 -0.71
CA SER A 169 -27.07 1.05 0.46
C SER A 169 -26.12 1.04 1.65
N GLY A 170 -26.11 2.13 2.42
CA GLY A 170 -25.22 2.17 3.58
C GLY A 170 -25.63 3.14 4.66
N ASP A 171 -24.72 3.35 5.61
CA ASP A 171 -24.93 4.25 6.74
C ASP A 171 -23.67 5.10 6.86
N VAL A 172 -23.76 6.37 6.49
CA VAL A 172 -22.61 7.25 6.55
C VAL A 172 -22.00 7.30 7.97
N LYS A 173 -22.80 6.93 8.96
CA LYS A 173 -22.32 6.93 10.33
C LYS A 173 -21.14 5.95 10.46
N ASN A 174 -21.17 4.88 9.67
CA ASN A 174 -20.08 3.91 9.72
C ASN A 174 -18.74 4.55 9.38
N PHE A 175 -18.74 5.46 8.41
CA PHE A 175 -17.51 6.12 8.02
C PHE A 175 -16.99 7.04 9.13
N PHE A 176 -17.88 7.83 9.72
CA PHE A 176 -17.46 8.71 10.80
C PHE A 176 -16.94 7.86 11.95
N ASN A 177 -17.63 6.76 12.26
CA ASN A 177 -17.19 5.90 13.35
C ASN A 177 -15.79 5.38 13.08
N TYR A 178 -15.48 5.08 11.81
CA TYR A 178 -14.15 4.60 11.47
C TYR A 178 -13.11 5.68 11.79
N LEU A 179 -13.39 6.91 11.41
CA LEU A 179 -12.47 8.01 11.65
C LEU A 179 -12.32 8.29 13.13
N ARG A 180 -13.44 8.22 13.85
CA ARG A 180 -13.42 8.47 15.29
C ARG A 180 -12.53 7.45 15.99
N ASP A 181 -12.72 6.18 15.64
CA ASP A 181 -11.98 5.09 16.26
C ASP A 181 -10.61 4.76 15.71
N ASN A 182 -10.25 5.32 14.56
CA ASN A 182 -8.94 5.01 13.97
C ASN A 182 -8.08 6.21 13.60
N LYS A 183 -8.69 7.39 13.48
CA LYS A 183 -7.96 8.57 13.09
C LYS A 183 -8.04 9.72 14.09
N GLY A 184 -8.60 9.45 15.27
CA GLY A 184 -8.70 10.48 16.27
C GLY A 184 -9.68 11.58 15.91
N TYR A 185 -10.59 11.29 15.00
CA TYR A 185 -11.59 12.29 14.58
C TYR A 185 -12.50 12.59 15.77
N ASN A 186 -12.66 13.87 16.09
CA ASN A 186 -13.50 14.27 17.22
C ASN A 186 -14.99 14.27 16.90
N ALA A 187 -15.54 13.06 16.77
CA ALA A 187 -16.96 12.89 16.48
C ALA A 187 -17.85 13.54 17.53
N ALA A 188 -17.37 13.60 18.77
CA ALA A 188 -18.15 14.21 19.84
C ALA A 188 -18.33 15.72 19.67
N GLY A 189 -17.39 16.37 18.98
CA GLY A 189 -17.49 17.81 18.81
C GLY A 189 -17.78 18.32 17.41
N GLN A 190 -17.79 17.43 16.42
CA GLN A 190 -18.05 17.84 15.04
C GLN A 190 -19.51 17.73 14.63
N TYR A 191 -20.04 18.80 14.04
CA TYR A 191 -21.42 18.83 13.58
C TYR A 191 -21.49 18.53 12.09
N VAL A 192 -22.52 17.80 11.67
CA VAL A 192 -22.70 17.47 10.25
C VAL A 192 -23.36 18.66 9.57
N LEU A 193 -22.58 19.39 8.77
CA LEU A 193 -23.05 20.57 8.08
C LEU A 193 -23.82 20.29 6.78
N SER A 194 -23.44 19.20 6.08
CA SER A 194 -24.11 18.85 4.84
C SER A 194 -24.09 17.35 4.59
N TYR A 195 -24.95 16.90 3.69
CA TYR A 195 -25.05 15.49 3.35
C TYR A 195 -25.43 15.52 1.87
N GLN A 196 -24.42 15.38 1.01
CA GLN A 196 -24.59 15.49 -0.43
C GLN A 196 -24.10 14.30 -1.25
N PHE A 197 -24.55 14.25 -2.50
CA PHE A 197 -24.18 13.18 -3.42
C PHE A 197 -24.19 13.73 -4.84
N GLY A 198 -23.12 13.47 -5.59
CA GLY A 198 -23.06 13.98 -6.95
C GLY A 198 -21.82 13.54 -7.70
N THR A 199 -21.35 14.40 -8.59
CA THR A 199 -20.18 14.10 -9.39
C THR A 199 -19.27 15.30 -9.56
N GLU A 200 -17.96 15.06 -9.45
CA GLU A 200 -16.95 16.08 -9.65
C GLU A 200 -16.27 15.69 -10.95
N PRO A 201 -16.54 16.43 -12.04
CA PRO A 201 -15.92 16.11 -13.32
C PRO A 201 -14.70 16.98 -13.58
N PHE A 202 -13.76 16.45 -14.34
CA PHE A 202 -12.55 17.19 -14.70
C PHE A 202 -12.55 17.46 -16.21
N THR A 203 -12.60 16.41 -17.02
CA THR A 203 -12.63 16.55 -18.48
C THR A 203 -13.43 15.43 -19.13
N GLY A 204 -13.85 15.67 -20.37
CA GLY A 204 -14.60 14.67 -21.12
C GLY A 204 -16.04 15.13 -21.33
N SER A 205 -16.92 14.17 -21.53
CA SER A 205 -18.33 14.45 -21.71
C SER A 205 -19.06 13.35 -20.97
N GLY A 206 -20.04 13.71 -20.15
CA GLY A 206 -20.73 12.68 -19.42
C GLY A 206 -22.11 13.04 -18.93
N THR A 207 -22.84 12.00 -18.55
CA THR A 207 -24.17 12.15 -18.00
C THR A 207 -24.27 11.18 -16.84
N LEU A 208 -24.44 11.73 -15.64
CA LEU A 208 -24.60 10.91 -14.47
C LEU A 208 -26.10 10.83 -14.25
N ASN A 209 -26.66 9.64 -14.36
CA ASN A 209 -28.08 9.51 -14.12
C ASN A 209 -28.28 8.96 -12.73
N VAL A 210 -28.99 9.70 -11.89
CA VAL A 210 -29.28 9.24 -10.55
C VAL A 210 -30.74 8.80 -10.54
N ALA A 211 -30.95 7.52 -10.83
CA ALA A 211 -32.30 6.97 -10.86
C ALA A 211 -32.95 7.09 -9.51
N SER A 212 -32.13 7.08 -8.45
CA SER A 212 -32.66 7.20 -7.11
C SER A 212 -31.59 7.54 -6.07
N TRP A 213 -31.94 8.43 -5.15
CA TRP A 213 -31.04 8.81 -4.07
C TRP A 213 -31.84 9.18 -2.84
N THR A 214 -31.47 8.59 -1.69
CA THR A 214 -32.13 8.88 -0.44
C THR A 214 -31.07 9.09 0.64
N ALA A 215 -31.36 9.96 1.59
CA ALA A 215 -30.44 10.23 2.68
C ALA A 215 -31.19 10.92 3.80
N SER A 216 -30.83 10.58 5.03
CA SER A 216 -31.48 11.19 6.17
C SER A 216 -30.59 11.09 7.40
N ILE A 217 -30.91 11.90 8.40
CA ILE A 217 -30.17 11.92 9.64
C ILE A 217 -31.18 11.59 10.74
N ASN A 218 -30.87 10.60 11.55
CA ASN A 218 -31.76 10.19 12.63
C ASN A 218 -31.12 10.49 13.98
N PCA B 1 -36.45 -7.36 46.60
CA PCA B 1 -36.46 -8.53 47.50
CB PCA B 1 -37.86 -9.11 47.49
CG PCA B 1 -38.44 -8.55 46.17
CD PCA B 1 -37.55 -7.35 45.85
OE PCA B 1 -37.80 -6.47 44.99
C PCA B 1 -35.46 -9.61 47.07
O PCA B 1 -34.95 -9.55 45.95
N THR B 2 -35.41 -10.70 47.83
CA THR B 2 -34.49 -11.79 47.54
C THR B 2 -35.14 -13.16 47.42
N SER B 3 -34.62 -13.98 46.52
CA SER B 3 -35.12 -15.33 46.33
C SER B 3 -34.04 -16.18 45.70
N CYS B 4 -33.99 -17.45 46.10
CA CYS B 4 -33.02 -18.37 45.56
C CYS B 4 -33.75 -19.46 44.78
N ASP B 5 -35.06 -19.27 44.60
CA ASP B 5 -35.88 -20.24 43.87
C ASP B 5 -35.44 -20.26 42.40
N GLN B 6 -35.39 -21.46 41.83
CA GLN B 6 -34.96 -21.65 40.45
C GLN B 6 -35.58 -20.73 39.40
N TRP B 7 -36.86 -20.42 39.55
CA TRP B 7 -37.52 -19.56 38.56
C TRP B 7 -38.06 -18.25 39.12
N ALA B 8 -37.51 -17.80 40.25
CA ALA B 8 -37.95 -16.55 40.87
C ALA B 8 -37.79 -15.36 39.93
N THR B 9 -38.78 -14.47 39.93
CA THR B 9 -38.72 -13.28 39.09
C THR B 9 -39.29 -12.10 39.84
N PHE B 10 -38.71 -10.92 39.61
CA PHE B 10 -39.14 -9.68 40.24
C PHE B 10 -39.33 -8.66 39.14
N THR B 11 -40.55 -8.14 39.00
CA THR B 11 -40.86 -7.16 37.96
C THR B 11 -41.38 -5.84 38.51
N GLY B 12 -40.94 -4.74 37.91
CA GLY B 12 -41.40 -3.44 38.37
C GLY B 12 -40.97 -2.25 37.53
N ASN B 13 -41.94 -1.64 36.84
CA ASN B 13 -41.68 -0.47 36.03
C ASN B 13 -40.83 -0.72 34.78
N GLY B 14 -41.21 -1.73 34.00
CA GLY B 14 -40.49 -2.02 32.77
C GLY B 14 -39.24 -2.87 32.91
N TYR B 15 -38.84 -3.20 34.13
CA TYR B 15 -37.66 -4.03 34.35
C TYR B 15 -38.00 -5.30 35.13
N THR B 16 -37.25 -6.37 34.87
CA THR B 16 -37.46 -7.64 35.55
C THR B 16 -36.15 -8.33 35.89
N VAL B 17 -36.07 -8.84 37.11
CA VAL B 17 -34.88 -9.55 37.55
C VAL B 17 -35.29 -11.01 37.72
N SER B 18 -34.55 -11.92 37.08
CA SER B 18 -34.86 -13.36 37.16
C SER B 18 -33.69 -14.19 37.65
N ASN B 19 -33.97 -15.21 38.46
CA ASN B 19 -32.92 -16.09 38.98
C ASN B 19 -32.52 -16.99 37.82
N ASN B 20 -33.52 -17.52 37.12
CA ASN B 20 -33.29 -18.33 35.92
C ASN B 20 -32.17 -19.36 36.07
N LEU B 21 -32.29 -20.26 37.05
CA LEU B 21 -31.26 -21.28 37.27
C LEU B 21 -31.57 -22.50 36.40
N TRP B 22 -31.60 -22.29 35.08
CA TRP B 22 -31.91 -23.35 34.14
C TRP B 22 -30.95 -24.54 34.15
N GLY B 23 -29.69 -24.29 34.47
CA GLY B 23 -28.71 -25.38 34.48
C GLY B 23 -28.32 -25.95 35.82
N ALA B 24 -29.14 -25.76 36.84
CA ALA B 24 -28.84 -26.28 38.17
C ALA B 24 -28.49 -27.76 38.15
N SER B 25 -29.23 -28.54 37.36
CA SER B 25 -29.03 -29.99 37.29
C SER B 25 -27.66 -30.42 36.73
N ALA B 26 -26.88 -29.46 36.25
CA ALA B 26 -25.55 -29.76 35.71
C ALA B 26 -24.53 -29.92 36.82
N GLY B 27 -24.94 -29.59 38.05
CA GLY B 27 -24.03 -29.71 39.18
C GLY B 27 -24.73 -29.62 40.52
N SER B 28 -24.13 -28.86 41.44
CA SER B 28 -24.68 -28.67 42.79
C SER B 28 -24.30 -27.29 43.29
N GLY B 29 -25.15 -26.72 44.14
CA GLY B 29 -24.87 -25.40 44.68
C GLY B 29 -26.14 -24.57 44.77
N PHE B 30 -26.01 -23.25 44.68
CA PHE B 30 -27.17 -22.39 44.76
C PHE B 30 -27.03 -21.12 43.94
N GLY B 31 -28.16 -20.43 43.77
CA GLY B 31 -28.19 -19.17 43.05
C GLY B 31 -29.31 -18.35 43.64
N CYS B 32 -29.00 -17.12 44.05
CA CYS B 32 -29.99 -16.22 44.62
C CYS B 32 -29.86 -14.87 43.95
N VAL B 33 -30.97 -14.18 43.81
CA VAL B 33 -30.95 -12.86 43.20
C VAL B 33 -31.68 -11.88 44.11
N THR B 34 -31.22 -10.63 44.13
CA THR B 34 -31.83 -9.60 44.95
C THR B 34 -32.07 -8.34 44.16
N ALA B 35 -33.33 -7.92 44.09
CA ALA B 35 -33.69 -6.71 43.37
C ALA B 35 -33.68 -5.56 44.37
N VAL B 36 -32.96 -4.50 44.04
CA VAL B 36 -32.87 -3.33 44.92
C VAL B 36 -33.76 -2.21 44.41
N SER B 37 -33.75 -2.00 43.10
CA SER B 37 -34.55 -0.97 42.47
C SER B 37 -34.85 -1.33 41.02
N LEU B 38 -36.04 -0.98 40.56
CA LEU B 38 -36.43 -1.26 39.18
C LEU B 38 -37.04 -0.02 38.51
N SER B 39 -36.78 1.15 39.10
CA SER B 39 -37.30 2.41 38.55
C SER B 39 -36.18 3.25 37.93
N GLY B 40 -36.37 3.60 36.66
CA GLY B 40 -35.37 4.40 35.96
C GLY B 40 -34.20 3.52 35.56
N GLY B 41 -34.31 2.23 35.86
CA GLY B 41 -33.27 1.29 35.53
C GLY B 41 -33.30 0.10 36.46
N ALA B 42 -32.30 -0.77 36.37
CA ALA B 42 -32.25 -1.96 37.22
C ALA B 42 -31.02 -1.93 38.13
N SER B 43 -31.27 -2.14 39.41
CA SER B 43 -30.20 -2.17 40.41
C SER B 43 -30.42 -3.46 41.20
N TRP B 44 -29.53 -4.43 41.00
CA TRP B 44 -29.66 -5.73 41.64
C TRP B 44 -28.33 -6.47 41.75
N HIS B 45 -28.35 -7.63 42.41
CA HIS B 45 -27.16 -8.44 42.51
C HIS B 45 -27.48 -9.94 42.53
N ALA B 46 -26.58 -10.73 41.95
CA ALA B 46 -26.75 -12.18 41.89
C ALA B 46 -25.68 -12.81 42.75
N ASP B 47 -26.08 -13.79 43.56
CA ASP B 47 -25.14 -14.47 44.45
C ASP B 47 -25.20 -15.96 44.15
N TRP B 48 -24.04 -16.61 44.16
CA TRP B 48 -24.01 -18.02 43.86
C TRP B 48 -22.76 -18.77 44.27
N GLN B 49 -22.87 -20.09 44.19
CA GLN B 49 -21.79 -21.01 44.47
C GLN B 49 -22.18 -22.26 43.69
N TRP B 50 -21.29 -22.70 42.81
CA TRP B 50 -21.56 -23.89 42.00
C TRP B 50 -20.32 -24.76 41.88
N SER B 51 -20.55 -26.06 41.86
CA SER B 51 -19.49 -27.07 41.74
C SER B 51 -20.05 -28.15 40.82
N GLY B 52 -19.17 -28.85 40.11
CA GLY B 52 -19.62 -29.88 39.19
C GLY B 52 -19.89 -29.30 37.82
N GLY B 53 -19.98 -30.14 36.80
CA GLY B 53 -20.24 -29.65 35.46
C GLY B 53 -19.27 -28.53 35.10
N GLN B 54 -17.98 -28.85 35.15
CA GLN B 54 -16.92 -27.89 34.87
C GLN B 54 -17.20 -26.87 33.78
N ASN B 55 -17.62 -27.35 32.61
CA ASN B 55 -17.89 -26.44 31.50
C ASN B 55 -19.36 -26.31 31.15
N ASN B 56 -20.23 -26.52 32.14
CA ASN B 56 -21.67 -26.42 31.93
C ASN B 56 -22.21 -25.18 32.66
N VAL B 57 -22.83 -24.26 31.94
CA VAL B 57 -23.39 -23.06 32.57
C VAL B 57 -24.50 -23.55 33.49
N LYS B 58 -24.54 -23.02 34.70
CA LYS B 58 -25.55 -23.42 35.68
C LYS B 58 -26.79 -22.55 35.68
N SER B 59 -26.66 -21.33 35.15
CA SER B 59 -27.78 -20.39 35.12
C SER B 59 -27.47 -19.09 34.40
N TYR B 60 -28.48 -18.21 34.31
CA TYR B 60 -28.31 -16.89 33.72
C TYR B 60 -29.18 -15.91 34.48
N GLN B 61 -28.79 -15.64 35.72
CA GLN B 61 -29.50 -14.68 36.56
C GLN B 61 -29.37 -13.38 35.78
N ASN B 62 -30.47 -12.67 35.59
CA ASN B 62 -30.40 -11.45 34.79
C ASN B 62 -31.50 -10.43 35.05
N SER B 63 -31.29 -9.24 34.49
CA SER B 63 -32.26 -8.16 34.56
C SER B 63 -32.57 -7.90 33.09
N GLN B 64 -33.83 -7.70 32.75
CA GLN B 64 -34.20 -7.45 31.37
C GLN B 64 -35.33 -6.44 31.25
N ILE B 65 -35.54 -5.92 30.06
CA ILE B 65 -36.60 -4.95 29.83
C ILE B 65 -37.81 -5.61 29.18
N ALA B 66 -38.98 -5.08 29.47
CA ALA B 66 -40.20 -5.63 28.90
C ALA B 66 -40.27 -5.22 27.43
N ILE B 67 -40.67 -6.17 26.59
CA ILE B 67 -40.81 -5.91 25.16
C ILE B 67 -42.23 -6.33 24.80
N PRO B 68 -43.22 -5.49 25.15
CA PRO B 68 -44.65 -5.72 24.90
C PRO B 68 -44.98 -5.86 23.41
N GLN B 69 -44.30 -5.07 22.58
CA GLN B 69 -44.55 -5.09 21.15
C GLN B 69 -43.27 -5.42 20.36
N LYS B 70 -43.14 -6.66 19.92
CA LYS B 70 -41.97 -7.07 19.14
C LYS B 70 -41.89 -6.27 17.85
N ARG B 71 -40.67 -5.99 17.40
CA ARG B 71 -40.44 -5.23 16.18
C ARG B 71 -39.16 -5.72 15.51
N THR B 72 -39.01 -5.41 14.23
CA THR B 72 -37.82 -5.83 13.49
C THR B 72 -36.63 -5.00 13.95
N VAL B 73 -35.43 -5.55 13.83
CA VAL B 73 -34.24 -4.80 14.25
C VAL B 73 -33.97 -3.67 13.26
N ASN B 74 -34.46 -3.83 12.03
CA ASN B 74 -34.26 -2.81 11.01
C ASN B 74 -35.14 -1.60 11.33
N SER B 75 -36.25 -1.84 12.03
CA SER B 75 -37.18 -0.77 12.39
C SER B 75 -36.66 -0.02 13.62
N ILE B 76 -35.80 -0.67 14.39
CA ILE B 76 -35.24 -0.06 15.58
C ILE B 76 -34.19 0.98 15.21
N SER B 77 -34.29 2.17 15.77
CA SER B 77 -33.34 3.23 15.47
C SER B 77 -32.17 3.19 16.44
N SER B 78 -32.43 2.78 17.68
CA SER B 78 -31.37 2.70 18.67
C SER B 78 -31.75 1.79 19.85
N MET B 79 -30.74 1.20 20.47
CA MET B 79 -30.93 0.32 21.62
C MET B 79 -29.87 0.68 22.65
N PRO B 80 -29.98 1.88 23.24
CA PRO B 80 -29.03 2.36 24.25
C PRO B 80 -29.04 1.57 25.55
N THR B 81 -27.86 1.41 26.13
CA THR B 81 -27.73 0.66 27.38
C THR B 81 -26.51 1.11 28.18
N THR B 82 -26.64 1.10 29.50
CA THR B 82 -25.56 1.46 30.39
C THR B 82 -25.49 0.38 31.46
N ALA B 83 -24.29 -0.11 31.72
CA ALA B 83 -24.10 -1.15 32.72
C ALA B 83 -22.94 -0.82 33.65
N SER B 84 -23.23 -0.75 34.95
CA SER B 84 -22.22 -0.48 35.96
C SER B 84 -22.23 -1.67 36.91
N TRP B 85 -21.16 -2.45 36.91
CA TRP B 85 -21.10 -3.63 37.76
C TRP B 85 -19.72 -3.92 38.34
N SER B 86 -19.67 -4.95 39.18
CA SER B 86 -18.44 -5.41 39.80
C SER B 86 -18.64 -6.86 40.22
N TYR B 87 -17.55 -7.62 40.21
CA TYR B 87 -17.64 -9.02 40.61
C TYR B 87 -16.73 -9.29 41.79
N SER B 88 -17.23 -10.08 42.73
CA SER B 88 -16.50 -10.47 43.92
C SER B 88 -16.70 -11.96 44.12
N GLY B 89 -15.81 -12.61 44.85
CA GLY B 89 -15.93 -14.04 45.09
C GLY B 89 -14.58 -14.75 45.07
N SER B 90 -14.58 -16.07 44.92
CA SER B 90 -13.33 -16.82 44.89
C SER B 90 -13.37 -17.89 43.80
N ASN B 91 -12.27 -17.99 43.05
CA ASN B 91 -12.17 -18.96 41.96
C ASN B 91 -13.37 -18.80 41.03
N ILE B 92 -13.65 -17.55 40.68
CA ILE B 92 -14.76 -17.21 39.83
C ILE B 92 -14.61 -17.64 38.38
N ARG B 93 -15.48 -18.56 37.95
CA ARG B 93 -15.49 -19.02 36.57
C ARG B 93 -16.89 -18.70 36.07
N ALA B 94 -17.01 -17.53 35.46
CA ALA B 94 -18.29 -17.04 34.95
C ALA B 94 -18.07 -15.79 34.11
N ASN B 95 -19.10 -15.39 33.39
CA ASN B 95 -19.02 -14.19 32.56
C ASN B 95 -20.05 -13.16 33.03
N VAL B 96 -20.09 -12.04 32.34
CA VAL B 96 -21.04 -10.98 32.60
C VAL B 96 -21.43 -10.62 31.18
N ALA B 97 -22.69 -10.77 30.83
CA ALA B 97 -23.04 -10.50 29.45
C ALA B 97 -24.48 -10.18 29.13
N TYR B 98 -24.64 -9.51 28.00
CA TYR B 98 -25.94 -9.16 27.46
C TYR B 98 -26.37 -10.39 26.69
N ASP B 99 -27.66 -10.65 26.65
CA ASP B 99 -28.18 -11.79 25.92
C ASP B 99 -29.43 -11.30 25.21
N LEU B 100 -29.45 -11.45 23.88
CA LEU B 100 -30.58 -11.02 23.05
C LEU B 100 -30.96 -12.15 22.10
N PHE B 101 -32.26 -12.37 21.94
CA PHE B 101 -32.74 -13.39 21.00
C PHE B 101 -33.57 -12.70 19.93
N THR B 102 -33.45 -13.15 18.69
CA THR B 102 -34.23 -12.58 17.59
C THR B 102 -34.75 -13.73 16.74
N ALA B 103 -35.92 -13.53 16.14
CA ALA B 103 -36.50 -14.55 15.29
C ALA B 103 -37.33 -13.89 14.19
N ALA B 104 -37.47 -14.59 13.07
CA ALA B 104 -38.23 -14.09 11.94
C ALA B 104 -39.71 -14.03 12.33
N ASN B 105 -40.08 -14.77 13.37
CA ASN B 105 -41.45 -14.79 13.87
C ASN B 105 -41.56 -13.89 15.10
N PRO B 106 -42.29 -12.77 14.99
CA PRO B 106 -42.46 -11.81 16.09
C PRO B 106 -43.09 -12.39 17.36
N ASN B 107 -43.81 -13.50 17.21
CA ASN B 107 -44.48 -14.14 18.34
C ASN B 107 -43.70 -15.34 18.88
N HIS B 108 -42.45 -15.47 18.44
CA HIS B 108 -41.57 -16.55 18.87
C HIS B 108 -41.39 -16.49 20.39
N VAL B 109 -41.04 -17.62 21.01
CA VAL B 109 -40.83 -17.65 22.45
C VAL B 109 -39.61 -16.78 22.77
N THR B 110 -39.72 -15.94 23.80
CA THR B 110 -38.65 -15.02 24.18
C THR B 110 -37.38 -15.62 24.79
N TYR B 111 -37.36 -16.94 24.99
CA TYR B 111 -36.17 -17.56 25.58
C TYR B 111 -35.23 -18.20 24.56
N SER B 112 -35.59 -18.13 23.29
CA SER B 112 -34.78 -18.69 22.21
C SER B 112 -35.12 -17.97 20.89
N GLY B 113 -34.63 -18.50 19.77
CA GLY B 113 -34.92 -17.88 18.49
C GLY B 113 -33.96 -18.28 17.37
N ASP B 114 -34.05 -17.61 16.22
CA ASP B 114 -33.18 -17.91 15.08
C ASP B 114 -31.74 -17.49 15.37
N TYR B 115 -31.59 -16.42 16.14
CA TYR B 115 -30.27 -15.92 16.49
C TYR B 115 -30.17 -15.54 17.95
N GLU B 116 -28.95 -15.61 18.47
CA GLU B 116 -28.69 -15.22 19.84
C GLU B 116 -27.49 -14.27 19.79
N LEU B 117 -27.67 -13.08 20.33
CA LEU B 117 -26.60 -12.11 20.35
C LEU B 117 -26.11 -11.96 21.78
N MET B 118 -24.82 -12.20 21.99
CA MET B 118 -24.22 -12.07 23.31
C MET B 118 -23.11 -11.04 23.29
N ILE B 119 -23.08 -10.20 24.32
CA ILE B 119 -22.06 -9.17 24.47
C ILE B 119 -21.44 -9.36 25.85
N TRP B 120 -20.30 -10.03 25.91
CA TRP B 120 -19.63 -10.31 27.18
C TRP B 120 -18.78 -9.13 27.67
N LEU B 121 -19.27 -8.40 28.66
CA LEU B 121 -18.53 -7.29 29.23
C LEU B 121 -17.49 -7.83 30.21
N GLY B 122 -17.73 -9.05 30.69
CA GLY B 122 -16.80 -9.66 31.63
C GLY B 122 -16.60 -11.14 31.39
N LYS B 123 -15.40 -11.63 31.69
CA LYS B 123 -15.06 -13.04 31.54
C LYS B 123 -14.03 -13.44 32.59
N TYR B 124 -14.46 -14.28 33.52
CA TYR B 124 -13.63 -14.77 34.60
C TYR B 124 -13.34 -16.25 34.45
N GLY B 125 -12.07 -16.62 34.59
CA GLY B 125 -11.69 -18.01 34.49
C GLY B 125 -11.43 -18.46 33.06
N ASP B 126 -11.19 -19.76 32.89
CA ASP B 126 -10.91 -20.32 31.57
C ASP B 126 -12.18 -20.76 30.83
N ILE B 127 -13.30 -20.10 31.12
CA ILE B 127 -14.57 -20.44 30.47
C ILE B 127 -14.55 -20.09 28.99
N GLY B 128 -15.23 -20.89 28.18
CA GLY B 128 -15.24 -20.63 26.76
C GLY B 128 -16.59 -20.33 26.15
N PRO B 129 -16.65 -19.32 25.28
CA PRO B 129 -17.88 -18.90 24.59
C PRO B 129 -18.33 -20.00 23.63
N ILE B 130 -19.56 -19.91 23.15
CA ILE B 130 -20.10 -20.89 22.22
C ILE B 130 -19.43 -20.70 20.85
N GLY B 131 -19.17 -21.80 20.15
CA GLY B 131 -18.56 -21.70 18.83
C GLY B 131 -17.05 -21.48 18.82
N SER B 132 -16.55 -20.90 17.73
CA SER B 132 -15.13 -20.62 17.59
C SER B 132 -14.84 -19.15 17.31
N SER B 133 -13.62 -18.72 17.65
CA SER B 133 -13.21 -17.33 17.46
C SER B 133 -13.19 -16.90 15.99
N GLN B 134 -13.61 -15.67 15.77
CA GLN B 134 -13.66 -15.09 14.43
C GLN B 134 -12.60 -13.99 14.36
N GLY B 135 -11.82 -13.86 15.42
CA GLY B 135 -10.79 -12.84 15.46
C GLY B 135 -11.30 -11.60 16.16
N THR B 136 -10.50 -10.54 16.14
CA THR B 136 -10.87 -9.28 16.78
C THR B 136 -11.75 -8.45 15.85
N VAL B 137 -12.68 -7.73 16.46
CA VAL B 137 -13.60 -6.86 15.74
C VAL B 137 -13.82 -5.62 16.59
N ASN B 138 -14.17 -4.52 15.95
CA ASN B 138 -14.40 -3.28 16.68
C ASN B 138 -15.79 -2.70 16.42
N VAL B 139 -16.51 -2.42 17.51
CA VAL B 139 -17.85 -1.87 17.41
C VAL B 139 -18.07 -0.94 18.61
N GLY B 140 -18.64 0.24 18.34
CA GLY B 140 -18.90 1.19 19.40
C GLY B 140 -17.62 1.78 19.98
N GLY B 141 -16.51 1.59 19.27
CA GLY B 141 -15.24 2.11 19.72
C GLY B 141 -14.43 1.18 20.60
N GLN B 142 -14.91 -0.06 20.75
CA GLN B 142 -14.23 -1.05 21.58
C GLN B 142 -13.90 -2.32 20.79
N SER B 143 -12.80 -2.97 21.15
CA SER B 143 -12.38 -4.20 20.48
C SER B 143 -13.00 -5.41 21.16
N TRP B 144 -13.53 -6.33 20.36
CA TRP B 144 -14.14 -7.54 20.90
C TRP B 144 -13.66 -8.75 20.14
N THR B 145 -13.62 -9.90 20.80
CA THR B 145 -13.24 -11.13 20.15
C THR B 145 -14.56 -11.76 19.79
N LEU B 146 -14.93 -11.69 18.51
CA LEU B 146 -16.19 -12.23 18.05
C LEU B 146 -16.18 -13.75 17.89
N TYR B 147 -17.16 -14.41 18.50
CA TYR B 147 -17.29 -15.86 18.40
C TYR B 147 -18.54 -16.19 17.60
N TYR B 148 -18.49 -17.30 16.88
CA TYR B 148 -19.63 -17.74 16.09
C TYR B 148 -19.78 -19.25 16.21
N GLY B 149 -21.00 -19.68 16.50
CA GLY B 149 -21.27 -21.10 16.64
C GLY B 149 -22.76 -21.37 16.62
N TYR B 150 -23.13 -22.62 16.84
CA TYR B 150 -24.53 -23.04 16.85
C TYR B 150 -24.99 -23.70 18.14
N ASN B 151 -26.23 -23.38 18.53
CA ASN B 151 -26.87 -23.98 19.70
C ASN B 151 -28.11 -24.59 19.05
N GLY B 152 -27.89 -25.66 18.30
CA GLY B 152 -28.98 -26.29 17.60
C GLY B 152 -29.10 -25.58 16.27
N ALA B 153 -30.32 -25.15 15.93
CA ALA B 153 -30.54 -24.44 14.68
C ALA B 153 -30.40 -22.93 14.91
N MET B 154 -30.05 -22.56 16.14
CA MET B 154 -29.88 -21.16 16.50
C MET B 154 -28.43 -20.71 16.37
N GLN B 155 -28.21 -19.70 15.53
CA GLN B 155 -26.87 -19.16 15.33
C GLN B 155 -26.55 -18.22 16.49
N VAL B 156 -25.42 -18.44 17.13
CA VAL B 156 -25.03 -17.62 18.28
C VAL B 156 -23.76 -16.81 18.02
N TYR B 157 -23.88 -15.49 18.10
CA TYR B 157 -22.75 -14.59 17.91
C TYR B 157 -22.41 -14.01 19.27
N SER B 158 -21.17 -14.17 19.70
CA SER B 158 -20.75 -13.64 21.00
C SER B 158 -19.59 -12.67 20.87
N PHE B 159 -19.84 -11.41 21.22
CA PHE B 159 -18.79 -10.39 21.18
C PHE B 159 -18.21 -10.35 22.59
N VAL B 160 -16.97 -10.81 22.72
CA VAL B 160 -16.31 -10.85 24.02
C VAL B 160 -15.28 -9.74 24.21
N ALA B 161 -15.48 -8.91 25.23
CA ALA B 161 -14.56 -7.81 25.51
C ALA B 161 -13.19 -8.38 25.85
N GLN B 162 -12.15 -7.62 25.49
CA GLN B 162 -10.78 -8.05 25.75
C GLN B 162 -10.27 -7.46 27.06
N THR B 163 -11.21 -7.02 27.88
CA THR B 163 -10.95 -6.44 29.20
C THR B 163 -12.31 -6.32 29.88
N ASN B 164 -12.37 -6.65 31.16
CA ASN B 164 -13.64 -6.54 31.87
C ASN B 164 -14.08 -5.08 31.83
N THR B 165 -15.19 -4.84 31.16
CA THR B 165 -15.73 -3.49 31.03
C THR B 165 -16.80 -3.32 32.10
N THR B 166 -16.37 -2.87 33.28
CA THR B 166 -17.24 -2.69 34.43
C THR B 166 -18.15 -1.46 34.36
N ASN B 167 -17.82 -0.53 33.48
CA ASN B 167 -18.60 0.69 33.31
C ASN B 167 -18.85 0.83 31.82
N TYR B 168 -19.94 0.25 31.36
CA TYR B 168 -20.28 0.25 29.96
C TYR B 168 -21.36 1.23 29.54
N SER B 169 -21.22 1.72 28.31
CA SER B 169 -22.16 2.66 27.71
C SER B 169 -22.12 2.42 26.21
N GLY B 170 -23.22 1.92 25.66
CA GLY B 170 -23.25 1.66 24.23
C GLY B 170 -24.63 1.52 23.66
N ASP B 171 -24.69 1.12 22.39
CA ASP B 171 -25.94 0.94 21.68
C ASP B 171 -25.86 -0.43 21.01
N VAL B 172 -26.71 -1.36 21.44
CA VAL B 172 -26.71 -2.71 20.90
C VAL B 172 -26.95 -2.74 19.40
N LYS B 173 -27.55 -1.67 18.87
CA LYS B 173 -27.82 -1.61 17.44
C LYS B 173 -26.53 -1.76 16.65
N ASN B 174 -25.43 -1.25 17.19
CA ASN B 174 -24.14 -1.33 16.52
C ASN B 174 -23.72 -2.76 16.24
N PHE B 175 -24.01 -3.67 17.18
CA PHE B 175 -23.64 -5.06 16.99
C PHE B 175 -24.50 -5.71 15.92
N PHE B 176 -25.78 -5.36 15.89
CA PHE B 176 -26.67 -5.92 14.87
C PHE B 176 -26.23 -5.38 13.51
N ASN B 177 -25.81 -4.13 13.47
CA ASN B 177 -25.36 -3.52 12.23
C ASN B 177 -24.11 -4.25 11.73
N TYR B 178 -23.16 -4.49 12.64
CA TYR B 178 -21.95 -5.20 12.25
C TYR B 178 -22.33 -6.50 11.57
N LEU B 179 -23.20 -7.28 12.23
CA LEU B 179 -23.65 -8.56 11.68
C LEU B 179 -24.32 -8.36 10.33
N ARG B 180 -25.19 -7.36 10.25
CA ARG B 180 -25.89 -7.08 8.99
C ARG B 180 -24.89 -6.79 7.88
N ASP B 181 -23.97 -5.88 8.16
CA ASP B 181 -22.96 -5.47 7.18
C ASP B 181 -21.90 -6.52 6.88
N ASN B 182 -21.50 -7.30 7.88
CA ASN B 182 -20.46 -8.30 7.71
C ASN B 182 -20.86 -9.77 7.71
N LYS B 183 -21.99 -10.11 8.33
CA LYS B 183 -22.41 -11.51 8.39
C LYS B 183 -23.71 -11.83 7.69
N GLY B 184 -24.21 -10.91 6.87
CA GLY B 184 -25.44 -11.14 6.15
C GLY B 184 -26.67 -11.28 7.01
N TYR B 185 -26.60 -10.78 8.25
CA TYR B 185 -27.72 -10.84 9.16
C TYR B 185 -28.90 -10.08 8.56
N ASN B 186 -30.05 -10.74 8.44
CA ASN B 186 -31.24 -10.11 7.87
C ASN B 186 -31.95 -9.23 8.90
N ALA B 187 -31.44 -8.01 9.06
CA ALA B 187 -31.98 -7.05 10.00
C ALA B 187 -33.41 -6.61 9.69
N ALA B 188 -33.83 -6.80 8.43
CA ALA B 188 -35.16 -6.40 8.02
C ALA B 188 -36.24 -7.40 8.47
N GLY B 189 -35.87 -8.67 8.57
CA GLY B 189 -36.84 -9.69 8.96
C GLY B 189 -36.69 -10.33 10.33
N GLN B 190 -35.78 -9.83 11.16
CA GLN B 190 -35.58 -10.38 12.49
C GLN B 190 -36.16 -9.45 13.56
N TYR B 191 -36.91 -10.02 14.50
CA TYR B 191 -37.51 -9.25 15.58
C TYR B 191 -36.77 -9.50 16.88
N VAL B 192 -36.55 -8.44 17.65
CA VAL B 192 -35.86 -8.54 18.94
C VAL B 192 -36.82 -9.11 19.98
N LEU B 193 -36.56 -10.34 20.41
CA LEU B 193 -37.42 -11.01 21.38
C LEU B 193 -37.10 -10.66 22.83
N SER B 194 -35.83 -10.44 23.14
CA SER B 194 -35.43 -10.11 24.50
C SER B 194 -34.19 -9.22 24.54
N TYR B 195 -34.06 -8.48 25.63
CA TYR B 195 -32.94 -7.57 25.85
C TYR B 195 -32.57 -7.80 27.32
N GLN B 196 -31.59 -8.66 27.54
CA GLN B 196 -31.17 -9.05 28.88
C GLN B 196 -29.72 -8.77 29.25
N PHE B 197 -29.43 -8.82 30.55
CA PHE B 197 -28.08 -8.60 31.05
C PHE B 197 -27.89 -9.37 32.35
N GLY B 198 -26.85 -10.19 32.42
CA GLY B 198 -26.63 -10.96 33.63
C GLY B 198 -25.31 -11.71 33.61
N THR B 199 -25.26 -12.80 34.39
CA THR B 199 -24.05 -13.60 34.46
C THR B 199 -24.28 -15.09 34.29
N GLU B 200 -23.39 -15.73 33.54
CA GLU B 200 -23.45 -17.17 33.31
C GLU B 200 -22.32 -17.80 34.11
N PRO B 201 -22.65 -18.39 35.28
CA PRO B 201 -21.62 -19.01 36.11
C PRO B 201 -21.41 -20.49 35.83
N PHE B 202 -20.17 -20.94 35.97
CA PHE B 202 -19.81 -22.34 35.78
C PHE B 202 -19.49 -22.94 37.14
N THR B 203 -18.38 -22.50 37.74
CA THR B 203 -17.98 -22.99 39.05
C THR B 203 -17.40 -21.88 39.95
N GLY B 204 -17.28 -22.18 41.24
CA GLY B 204 -16.74 -21.23 42.19
C GLY B 204 -17.82 -20.59 43.05
N SER B 205 -17.50 -19.44 43.64
CA SER B 205 -18.47 -18.70 44.45
C SER B 205 -18.33 -17.24 44.02
N GLY B 206 -19.45 -16.57 43.79
CA GLY B 206 -19.36 -15.20 43.37
C GLY B 206 -20.56 -14.32 43.61
N THR B 207 -20.35 -13.02 43.47
CA THR B 207 -21.41 -12.06 43.64
C THR B 207 -21.29 -11.01 42.55
N LEU B 208 -22.29 -10.95 41.68
CA LEU B 208 -22.32 -9.97 40.62
C LEU B 208 -23.18 -8.82 41.13
N ASN B 209 -22.55 -7.69 41.42
CA ASN B 209 -23.30 -6.55 41.88
C ASN B 209 -23.58 -5.63 40.71
N VAL B 210 -24.84 -5.48 40.35
CA VAL B 210 -25.22 -4.60 39.25
C VAL B 210 -25.69 -3.27 39.83
N ALA B 211 -24.74 -2.37 40.06
CA ALA B 211 -25.05 -1.06 40.62
C ALA B 211 -26.16 -0.40 39.81
N SER B 212 -26.06 -0.48 38.48
CA SER B 212 -27.06 0.12 37.62
C SER B 212 -27.07 -0.47 36.21
N TRP B 213 -28.27 -0.71 35.70
CA TRP B 213 -28.42 -1.24 34.36
C TRP B 213 -29.62 -0.60 33.68
N THR B 214 -29.40 -0.01 32.52
CA THR B 214 -30.49 0.61 31.78
C THR B 214 -30.44 0.14 30.34
N ALA B 215 -31.60 0.07 29.71
CA ALA B 215 -31.70 -0.37 28.33
C ALA B 215 -33.04 0.05 27.78
N SER B 216 -33.10 0.33 26.49
CA SER B 216 -34.34 0.73 25.85
C SER B 216 -34.25 0.49 24.35
N ILE B 217 -35.40 0.35 23.72
CA ILE B 217 -35.47 0.11 22.29
C ILE B 217 -36.26 1.25 21.65
N ASN B 218 -35.58 2.04 20.83
CA ASN B 218 -36.20 3.18 20.17
C ASN B 218 -36.43 2.94 18.69
N PCA C 1 35.89 -13.68 21.69
CA PCA C 1 35.65 -15.00 22.27
CB PCA C 1 35.57 -14.83 23.79
CG PCA C 1 36.15 -13.43 24.02
CD PCA C 1 36.16 -12.78 22.63
OE PCA C 1 36.40 -11.57 22.41
C PCA C 1 34.33 -15.60 21.79
O PCA C 1 33.53 -14.91 21.15
N THR C 2 34.02 -16.80 22.28
CA THR C 2 32.79 -17.50 21.92
C THR C 2 32.02 -18.01 23.13
N SER C 3 30.69 -17.94 23.05
CA SER C 3 29.83 -18.41 24.13
C SER C 3 28.42 -18.61 23.63
N CYS C 4 27.74 -19.61 24.19
CA CYS C 4 26.38 -19.91 23.81
C CYS C 4 25.44 -19.62 24.97
N ASP C 5 25.97 -19.01 26.03
CA ASP C 5 25.14 -18.67 27.19
C ASP C 5 24.08 -17.67 26.74
N GLN C 6 22.88 -17.83 27.28
CA GLN C 6 21.76 -16.99 26.94
C GLN C 6 22.02 -15.48 26.96
N TRP C 7 22.77 -15.01 27.96
CA TRP C 7 23.05 -13.58 28.06
C TRP C 7 24.52 -13.22 27.89
N ALA C 8 25.27 -14.06 27.19
CA ALA C 8 26.68 -13.79 26.97
C ALA C 8 26.93 -12.46 26.24
N THR C 9 27.95 -11.73 26.67
CA THR C 9 28.30 -10.47 26.02
C THR C 9 29.81 -10.27 26.08
N PHE C 10 30.33 -9.60 25.05
CA PHE C 10 31.74 -9.29 24.95
C PHE C 10 31.82 -7.82 24.54
N THR C 11 32.64 -7.04 25.23
CA THR C 11 32.75 -5.63 24.91
C THR C 11 34.20 -5.23 24.70
N GLY C 12 34.38 -4.16 23.92
CA GLY C 12 35.72 -3.69 23.64
C GLY C 12 35.69 -2.54 22.66
N ASN C 13 36.52 -1.54 22.93
CA ASN C 13 36.64 -0.37 22.08
C ASN C 13 35.30 0.26 21.67
N GLY C 14 34.38 0.34 22.62
CA GLY C 14 33.09 0.95 22.34
C GLY C 14 32.02 0.06 21.73
N TYR C 15 32.40 -1.15 21.31
CA TYR C 15 31.45 -2.09 20.73
C TYR C 15 31.16 -3.23 21.68
N THR C 16 29.93 -3.74 21.62
CA THR C 16 29.53 -4.86 22.46
C THR C 16 28.77 -5.87 21.61
N VAL C 17 29.15 -7.13 21.75
CA VAL C 17 28.51 -8.23 21.02
C VAL C 17 27.73 -9.03 22.07
N SER C 18 26.43 -9.23 21.83
CA SER C 18 25.57 -9.95 22.76
C SER C 18 24.84 -11.13 22.11
N ASN C 19 24.72 -12.23 22.86
CA ASN C 19 24.01 -13.42 22.37
C ASN C 19 22.51 -13.08 22.44
N ASN C 20 22.09 -12.47 23.54
CA ASN C 20 20.71 -12.02 23.70
C ASN C 20 19.64 -13.02 23.23
N LEU C 21 19.67 -14.24 23.77
CA LEU C 21 18.69 -15.26 23.42
C LEU C 21 17.40 -15.07 24.22
N TRP C 22 16.84 -13.86 24.18
CA TRP C 22 15.63 -13.53 24.93
C TRP C 22 14.39 -14.39 24.68
N GLY C 23 14.18 -14.83 23.45
CA GLY C 23 13.01 -15.63 23.16
C GLY C 23 13.24 -17.14 23.02
N ALA C 24 14.34 -17.62 23.60
CA ALA C 24 14.69 -19.04 23.53
C ALA C 24 13.55 -19.96 23.99
N SER C 25 12.74 -19.47 24.94
CA SER C 25 11.63 -20.25 25.47
C SER C 25 10.56 -20.56 24.42
N ALA C 26 10.51 -19.75 23.36
CA ALA C 26 9.52 -19.93 22.30
C ALA C 26 9.67 -21.23 21.53
N GLY C 27 10.78 -21.93 21.75
CA GLY C 27 11.00 -23.19 21.05
C GLY C 27 12.13 -23.99 21.64
N SER C 28 12.87 -24.67 20.76
CA SER C 28 13.99 -25.50 21.15
C SER C 28 15.17 -25.23 20.23
N GLY C 29 16.38 -25.26 20.78
CA GLY C 29 17.54 -25.00 19.95
C GLY C 29 18.67 -24.36 20.72
N PHE C 30 19.48 -23.56 20.01
CA PHE C 30 20.61 -22.91 20.65
C PHE C 30 21.05 -21.69 19.86
N GLY C 31 21.93 -20.92 20.47
CA GLY C 31 22.46 -19.73 19.84
C GLY C 31 23.81 -19.44 20.45
N CYS C 32 24.81 -19.20 19.61
CA CYS C 32 26.15 -18.88 20.07
C CYS C 32 26.63 -17.64 19.33
N VAL C 33 27.47 -16.86 19.97
CA VAL C 33 27.98 -15.67 19.34
C VAL C 33 29.49 -15.67 19.49
N THR C 34 30.18 -15.16 18.48
CA THR C 34 31.63 -15.11 18.52
C THR C 34 32.13 -13.73 18.13
N ALA C 35 32.91 -13.12 19.01
CA ALA C 35 33.48 -11.82 18.71
C ALA C 35 34.86 -12.12 18.16
N VAL C 36 35.07 -11.84 16.88
CA VAL C 36 36.36 -12.08 16.24
C VAL C 36 37.30 -10.92 16.56
N SER C 37 36.84 -9.70 16.33
CA SER C 37 37.65 -8.52 16.61
C SER C 37 36.77 -7.29 16.85
N LEU C 38 37.21 -6.45 17.77
CA LEU C 38 36.48 -5.23 18.12
C LEU C 38 37.39 -4.03 17.94
N SER C 39 38.37 -4.16 17.06
CA SER C 39 39.31 -3.08 16.77
C SER C 39 38.95 -2.36 15.48
N GLY C 40 38.47 -1.13 15.61
CA GLY C 40 38.10 -0.37 14.44
C GLY C 40 36.85 -0.94 13.80
N GLY C 41 35.88 -1.28 14.65
CA GLY C 41 34.63 -1.84 14.17
C GLY C 41 34.41 -3.21 14.78
N ALA C 42 33.17 -3.68 14.74
CA ALA C 42 32.85 -4.99 15.29
C ALA C 42 32.83 -6.05 14.20
N SER C 43 33.63 -7.09 14.41
CA SER C 43 33.73 -8.23 13.50
C SER C 43 33.27 -9.43 14.32
N TRP C 44 32.17 -10.06 13.91
CA TRP C 44 31.64 -11.19 14.69
C TRP C 44 30.70 -12.09 13.89
N HIS C 45 30.27 -13.18 14.51
CA HIS C 45 29.32 -14.07 13.84
C HIS C 45 28.37 -14.74 14.82
N ALA C 46 27.14 -14.94 14.35
CA ALA C 46 26.09 -15.56 15.13
C ALA C 46 25.76 -16.91 14.53
N ASP C 47 25.61 -17.92 15.38
CA ASP C 47 25.29 -19.27 14.93
C ASP C 47 24.07 -19.74 15.71
N TRP C 48 23.19 -20.47 15.05
CA TRP C 48 21.98 -20.93 15.70
C TRP C 48 21.20 -22.02 14.99
N GLN C 49 20.25 -22.59 15.72
CA GLN C 49 19.35 -23.61 15.22
C GLN C 49 18.13 -23.52 16.13
N TRP C 50 16.97 -23.29 15.55
CA TRP C 50 15.75 -23.16 16.33
C TRP C 50 14.59 -23.93 15.70
N SER C 51 13.80 -24.59 16.56
CA SER C 51 12.64 -25.35 16.12
C SER C 51 11.45 -24.94 16.97
N GLY C 52 10.26 -24.87 16.36
CA GLY C 52 9.07 -24.49 17.10
C GLY C 52 8.83 -22.99 17.09
N GLY C 53 7.64 -22.58 17.51
CA GLY C 53 7.30 -21.16 17.52
C GLY C 53 7.55 -20.58 16.15
N GLN C 54 6.86 -21.15 15.17
CA GLN C 54 6.98 -20.75 13.76
C GLN C 54 7.13 -19.25 13.52
N ASN C 55 6.29 -18.45 14.17
CA ASN C 55 6.35 -17.01 13.96
C ASN C 55 6.77 -16.17 15.18
N ASN C 56 7.58 -16.75 16.06
CA ASN C 56 8.09 -16.03 17.23
C ASN C 56 9.60 -15.96 17.11
N VAL C 57 10.19 -14.77 17.21
CA VAL C 57 11.64 -14.69 17.11
C VAL C 57 12.19 -15.27 18.40
N LYS C 58 13.32 -15.96 18.31
CA LYS C 58 13.92 -16.60 19.47
C LYS C 58 15.02 -15.78 20.13
N SER C 59 15.55 -14.81 19.38
CA SER C 59 16.64 -14.01 19.89
C SER C 59 16.99 -12.84 19.00
N TYR C 60 18.01 -12.11 19.43
CA TYR C 60 18.53 -10.98 18.67
C TYR C 60 20.01 -10.84 19.00
N GLN C 61 20.81 -11.77 18.48
CA GLN C 61 22.24 -11.73 18.67
C GLN C 61 22.63 -10.47 17.92
N ASN C 62 23.35 -9.58 18.57
CA ASN C 62 23.69 -8.32 17.93
C ASN C 62 24.98 -7.68 18.41
N SER C 63 25.38 -6.66 17.65
CA SER C 63 26.54 -5.85 17.99
C SER C 63 25.92 -4.46 18.15
N GLN C 64 26.37 -3.70 19.15
CA GLN C 64 25.84 -2.38 19.38
C GLN C 64 26.91 -1.45 19.91
N ILE C 65 26.57 -0.17 20.01
CA ILE C 65 27.49 0.84 20.55
C ILE C 65 26.87 1.46 21.79
N ALA C 66 27.69 2.08 22.61
CA ALA C 66 27.21 2.72 23.83
C ALA C 66 26.62 4.08 23.51
N ILE C 67 25.68 4.52 24.34
CA ILE C 67 25.05 5.82 24.18
C ILE C 67 25.02 6.47 25.57
N PRO C 68 26.18 7.00 26.00
CA PRO C 68 26.38 7.67 27.30
C PRO C 68 25.28 8.67 27.66
N GLN C 69 25.05 9.64 26.77
CA GLN C 69 24.02 10.64 27.00
C GLN C 69 22.98 10.56 25.90
N LYS C 70 21.72 10.38 26.30
CA LYS C 70 20.62 10.30 25.35
C LYS C 70 20.33 11.68 24.79
N ARG C 71 20.19 11.74 23.47
CA ARG C 71 19.91 12.99 22.80
C ARG C 71 18.64 12.85 21.97
N THR C 72 17.99 13.97 21.67
CA THR C 72 16.77 13.92 20.87
C THR C 72 17.15 13.62 19.44
N VAL C 73 16.19 13.13 18.66
CA VAL C 73 16.44 12.81 17.26
C VAL C 73 16.87 14.05 16.48
N ASN C 74 16.13 15.14 16.64
CA ASN C 74 16.47 16.37 15.93
C ASN C 74 17.84 16.95 16.29
N SER C 75 18.31 16.73 17.50
CA SER C 75 19.62 17.26 17.91
C SER C 75 20.76 16.51 17.25
N ILE C 76 20.58 15.20 17.05
CA ILE C 76 21.60 14.38 16.42
C ILE C 76 21.92 14.91 15.02
N SER C 77 23.20 15.02 14.70
CA SER C 77 23.62 15.51 13.39
C SER C 77 23.63 14.39 12.37
N SER C 78 24.21 13.26 12.76
CA SER C 78 24.28 12.10 11.88
C SER C 78 24.44 10.81 12.69
N MET C 79 24.11 9.69 12.06
CA MET C 79 24.22 8.38 12.68
C MET C 79 24.76 7.43 11.62
N PRO C 80 25.99 7.67 11.15
CA PRO C 80 26.65 6.85 10.14
C PRO C 80 26.89 5.41 10.57
N THR C 81 26.80 4.49 9.61
CA THR C 81 27.00 3.07 9.87
C THR C 81 27.30 2.34 8.57
N THR C 82 28.03 1.24 8.68
CA THR C 82 28.35 0.41 7.54
C THR C 82 28.17 -1.02 8.03
N ALA C 83 27.75 -1.91 7.14
CA ALA C 83 27.53 -3.30 7.49
C ALA C 83 27.91 -4.20 6.34
N SER C 84 28.77 -5.16 6.62
CA SER C 84 29.23 -6.13 5.64
C SER C 84 28.96 -7.51 6.23
N TRP C 85 27.97 -8.21 5.66
CA TRP C 85 27.59 -9.52 6.18
C TRP C 85 27.21 -10.53 5.11
N SER C 86 27.01 -11.77 5.56
CA SER C 86 26.60 -12.87 4.68
C SER C 86 25.91 -13.92 5.56
N TYR C 87 24.97 -14.65 4.99
CA TYR C 87 24.25 -15.68 5.73
C TYR C 87 24.41 -17.05 5.08
N SER C 88 24.63 -18.06 5.93
CA SER C 88 24.76 -19.44 5.49
C SER C 88 23.84 -20.28 6.37
N GLY C 89 23.53 -21.49 5.95
CA GLY C 89 22.66 -22.33 6.76
C GLY C 89 21.65 -23.10 5.93
N SER C 90 20.60 -23.58 6.58
CA SER C 90 19.56 -24.33 5.89
C SER C 90 18.18 -23.94 6.39
N ASN C 91 17.25 -23.78 5.45
CA ASN C 91 15.89 -23.40 5.80
C ASN C 91 15.92 -22.20 6.74
N ILE C 92 16.63 -21.16 6.32
CA ILE C 92 16.75 -19.97 7.13
C ILE C 92 15.51 -19.09 7.12
N ARG C 93 14.90 -18.93 8.30
CA ARG C 93 13.74 -18.06 8.45
C ARG C 93 14.21 -17.06 9.50
N ALA C 94 14.72 -15.93 9.02
CA ALA C 94 15.25 -14.90 9.89
C ALA C 94 15.57 -13.65 9.10
N ASN C 95 15.84 -12.57 9.82
CA ASN C 95 16.18 -11.31 9.19
C ASN C 95 17.58 -10.87 9.60
N VAL C 96 17.99 -9.72 9.08
CA VAL C 96 19.26 -9.09 9.40
C VAL C 96 18.82 -7.65 9.51
N ALA C 97 18.91 -7.07 10.70
CA ALA C 97 18.43 -5.71 10.84
C ALA C 97 18.97 -4.89 11.98
N TYR C 98 18.81 -3.58 11.81
CA TYR C 98 19.20 -2.60 12.79
C TYR C 98 17.98 -2.43 13.68
N ASP C 99 18.21 -2.17 14.95
CA ASP C 99 17.10 -1.95 15.87
C ASP C 99 17.47 -0.75 16.74
N LEU C 100 16.54 0.21 16.82
CA LEU C 100 16.72 1.43 17.60
C LEU C 100 15.42 1.75 18.34
N PHE C 101 15.52 2.20 19.59
CA PHE C 101 14.34 2.60 20.34
C PHE C 101 14.45 4.08 20.68
N THR C 102 13.31 4.76 20.73
CA THR C 102 13.29 6.17 21.10
C THR C 102 12.13 6.37 22.06
N ALA C 103 12.24 7.39 22.91
CA ALA C 103 11.21 7.69 23.88
C ALA C 103 11.33 9.15 24.31
N ALA C 104 10.21 9.75 24.69
CA ALA C 104 10.21 11.14 25.12
C ALA C 104 11.05 11.27 26.39
N ASN C 105 11.06 10.23 27.22
CA ASN C 105 11.81 10.22 28.47
C ASN C 105 13.28 9.81 28.28
N PRO C 106 14.21 10.74 28.51
CA PRO C 106 15.64 10.48 28.36
C PRO C 106 16.11 9.31 29.23
N ASN C 107 15.41 9.11 30.34
CA ASN C 107 15.74 8.05 31.29
C ASN C 107 14.92 6.78 31.08
N HIS C 108 14.27 6.68 29.93
CA HIS C 108 13.44 5.53 29.62
C HIS C 108 14.27 4.26 29.52
N VAL C 109 13.71 3.13 29.95
CA VAL C 109 14.44 1.86 29.88
C VAL C 109 14.85 1.67 28.41
N THR C 110 15.99 1.05 28.18
CA THR C 110 16.51 0.88 26.83
C THR C 110 16.06 -0.32 25.99
N TYR C 111 15.19 -1.16 26.54
CA TYR C 111 14.70 -2.33 25.82
C TYR C 111 13.34 -2.05 25.18
N SER C 112 12.87 -0.82 25.32
CA SER C 112 11.57 -0.43 24.77
C SER C 112 11.54 1.09 24.59
N GLY C 113 10.38 1.61 24.21
CA GLY C 113 10.24 3.05 24.03
C GLY C 113 8.90 3.40 23.42
N ASP C 114 8.74 4.67 23.03
CA ASP C 114 7.50 5.12 22.41
C ASP C 114 7.49 4.62 20.98
N TYR C 115 8.69 4.52 20.41
CA TYR C 115 8.85 4.05 19.04
C TYR C 115 10.03 3.08 18.91
N GLU C 116 9.95 2.22 17.90
CA GLU C 116 11.00 1.27 17.61
C GLU C 116 11.26 1.38 16.11
N LEU C 117 12.51 1.60 15.74
CA LEU C 117 12.89 1.70 14.33
C LEU C 117 13.72 0.49 13.96
N MET C 118 13.37 -0.13 12.84
CA MET C 118 14.11 -1.29 12.36
C MET C 118 14.44 -1.08 10.89
N ILE C 119 15.66 -1.46 10.52
CA ILE C 119 16.12 -1.38 9.14
C ILE C 119 16.54 -2.80 8.81
N TRP C 120 15.73 -3.49 8.02
CA TRP C 120 16.02 -4.87 7.64
C TRP C 120 16.85 -4.95 6.37
N LEU C 121 18.14 -5.24 6.51
CA LEU C 121 19.01 -5.35 5.34
C LEU C 121 18.81 -6.71 4.68
N GLY C 122 18.26 -7.66 5.44
CA GLY C 122 18.03 -8.99 4.89
C GLY C 122 16.73 -9.60 5.39
N LYS C 123 16.14 -10.46 4.56
CA LYS C 123 14.91 -11.13 4.96
C LYS C 123 14.89 -12.51 4.32
N TYR C 124 14.99 -13.53 5.16
CA TYR C 124 14.99 -14.91 4.69
C TYR C 124 13.72 -15.63 5.08
N GLY C 125 13.17 -16.38 4.14
CA GLY C 125 11.94 -17.12 4.40
C GLY C 125 10.69 -16.27 4.33
N ASP C 126 9.58 -16.83 4.78
CA ASP C 126 8.30 -16.13 4.74
C ASP C 126 7.97 -15.36 6.01
N ILE C 127 9.01 -14.89 6.72
CA ILE C 127 8.80 -14.14 7.95
C ILE C 127 8.26 -12.75 7.67
N GLY C 128 7.58 -12.17 8.65
CA GLY C 128 7.02 -10.85 8.45
C GLY C 128 7.32 -9.83 9.52
N PRO C 129 7.53 -8.57 9.13
CA PRO C 129 7.83 -7.50 10.08
C PRO C 129 6.55 -7.21 10.88
N ILE C 130 6.67 -6.37 11.90
CA ILE C 130 5.51 -6.03 12.71
C ILE C 130 4.60 -5.09 11.92
N GLY C 131 3.30 -5.25 12.11
CA GLY C 131 2.35 -4.40 11.42
C GLY C 131 2.09 -4.82 9.99
N SER C 132 1.69 -3.86 9.15
CA SER C 132 1.40 -4.14 7.75
C SER C 132 2.13 -3.17 6.82
N SER C 133 2.29 -3.57 5.56
CA SER C 133 3.00 -2.78 4.56
C SER C 133 2.42 -1.39 4.34
N GLN C 134 3.30 -0.40 4.25
CA GLN C 134 2.94 0.99 4.04
C GLN C 134 3.34 1.41 2.63
N GLY C 135 3.84 0.46 1.86
CA GLY C 135 4.26 0.76 0.50
C GLY C 135 5.76 1.00 0.41
N THR C 136 6.23 1.33 -0.79
CA THR C 136 7.64 1.60 -1.02
C THR C 136 8.00 3.03 -0.67
N VAL C 137 9.20 3.21 -0.13
CA VAL C 137 9.68 4.53 0.26
C VAL C 137 11.18 4.63 -0.03
N ASN C 138 11.64 5.82 -0.36
CA ASN C 138 13.06 6.03 -0.67
C ASN C 138 13.76 6.71 0.50
N VAL C 139 14.87 6.12 0.93
CA VAL C 139 15.66 6.67 2.02
C VAL C 139 17.14 6.39 1.78
N GLY C 140 17.94 7.45 1.73
CA GLY C 140 19.37 7.28 1.51
C GLY C 140 19.79 6.73 0.16
N GLY C 141 18.92 6.87 -0.84
CA GLY C 141 19.25 6.38 -2.16
C GLY C 141 18.88 4.93 -2.40
N GLN C 142 18.17 4.35 -1.45
CA GLN C 142 17.73 2.96 -1.56
C GLN C 142 16.23 2.88 -1.31
N SER C 143 15.57 1.92 -1.95
CA SER C 143 14.13 1.75 -1.79
C SER C 143 13.85 0.72 -0.71
N TRP C 144 12.79 0.97 0.08
CA TRP C 144 12.41 0.07 1.15
C TRP C 144 10.91 -0.08 1.21
N THR C 145 10.46 -1.23 1.71
CA THR C 145 9.04 -1.48 1.91
C THR C 145 8.87 -1.15 3.39
N LEU C 146 8.11 -0.10 3.68
CA LEU C 146 7.92 0.35 5.05
C LEU C 146 6.72 -0.26 5.75
N TYR C 147 6.97 -0.96 6.85
CA TYR C 147 5.89 -1.57 7.62
C TYR C 147 5.65 -0.74 8.86
N TYR C 148 4.40 -0.70 9.32
CA TYR C 148 4.03 0.05 10.51
C TYR C 148 2.99 -0.71 11.30
N GLY C 149 3.12 -0.67 12.62
CA GLY C 149 2.16 -1.36 13.47
C GLY C 149 2.43 -1.14 14.94
N TYR C 150 1.48 -1.57 15.77
CA TYR C 150 1.63 -1.42 17.20
C TYR C 150 2.12 -2.68 17.86
N ASN C 151 2.79 -2.50 18.99
CA ASN C 151 3.32 -3.59 19.80
C ASN C 151 2.94 -3.06 21.17
N GLY C 152 1.66 -3.20 21.50
CA GLY C 152 1.19 -2.64 22.75
C GLY C 152 1.06 -1.16 22.43
N ALA C 153 1.44 -0.29 23.35
CA ALA C 153 1.35 1.14 23.08
C ALA C 153 2.47 1.63 22.17
N MET C 154 3.49 0.79 21.99
CA MET C 154 4.64 1.16 21.17
C MET C 154 4.39 1.02 19.67
N GLN C 155 4.82 2.03 18.92
CA GLN C 155 4.66 2.06 17.47
C GLN C 155 5.97 1.64 16.81
N VAL C 156 5.89 0.64 15.95
CA VAL C 156 7.08 0.11 15.28
C VAL C 156 7.12 0.33 13.77
N TYR C 157 8.20 0.92 13.30
CA TYR C 157 8.40 1.17 11.87
C TYR C 157 9.57 0.34 11.36
N SER C 158 9.32 -0.52 10.38
CA SER C 158 10.38 -1.35 9.82
C SER C 158 10.62 -1.08 8.34
N PHE C 159 11.83 -0.62 8.01
CA PHE C 159 12.19 -0.36 6.61
C PHE C 159 12.85 -1.65 6.13
N VAL C 160 12.16 -2.37 5.25
CA VAL C 160 12.65 -3.63 4.73
C VAL C 160 13.28 -3.50 3.35
N ALA C 161 14.55 -3.87 3.23
CA ALA C 161 15.25 -3.80 1.95
C ALA C 161 14.53 -4.72 0.95
N GLN C 162 14.48 -4.31 -0.30
CA GLN C 162 13.80 -5.09 -1.33
C GLN C 162 14.71 -6.10 -2.00
N THR C 163 15.96 -6.12 -1.55
CA THR C 163 16.99 -7.04 -2.02
C THR C 163 17.96 -7.17 -0.85
N ASN C 164 18.43 -8.38 -0.56
CA ASN C 164 19.38 -8.54 0.54
C ASN C 164 20.56 -7.63 0.30
N THR C 165 20.78 -6.69 1.21
CA THR C 165 21.87 -5.73 1.10
C THR C 165 23.00 -6.13 2.04
N THR C 166 23.92 -6.91 1.49
CA THR C 166 25.07 -7.47 2.21
C THR C 166 26.25 -6.53 2.41
N ASN C 167 26.26 -5.41 1.70
CA ASN C 167 27.33 -4.42 1.82
C ASN C 167 26.65 -3.08 1.91
N TYR C 168 26.32 -2.67 3.12
CA TYR C 168 25.60 -1.43 3.33
C TYR C 168 26.41 -0.29 3.95
N SER C 169 26.02 0.92 3.59
CA SER C 169 26.64 2.15 4.07
C SER C 169 25.54 3.20 4.09
N GLY C 170 25.18 3.66 5.28
CA GLY C 170 24.12 4.66 5.37
C GLY C 170 24.15 5.53 6.62
N ASP C 171 23.05 6.24 6.85
CA ASP C 171 22.92 7.13 7.99
C ASP C 171 21.51 6.96 8.56
N VAL C 172 21.43 6.37 9.75
CA VAL C 172 20.13 6.14 10.37
C VAL C 172 19.30 7.41 10.49
N LYS C 173 19.95 8.56 10.60
CA LYS C 173 19.23 9.82 10.71
C LYS C 173 18.26 10.02 9.54
N ASN C 174 18.65 9.54 8.36
CA ASN C 174 17.80 9.67 7.19
C ASN C 174 16.46 8.98 7.37
N PHE C 175 16.44 7.89 8.13
CA PHE C 175 15.19 7.18 8.35
C PHE C 175 14.28 7.93 9.32
N PHE C 176 14.87 8.51 10.36
CA PHE C 176 14.07 9.27 11.33
C PHE C 176 13.43 10.47 10.63
N ASN C 177 14.20 11.13 9.79
CA ASN C 177 13.70 12.29 9.04
C ASN C 177 12.46 11.94 8.22
N TYR C 178 12.47 10.76 7.61
CA TYR C 178 11.33 10.32 6.80
C TYR C 178 10.07 10.20 7.63
N LEU C 179 10.20 9.68 8.84
CA LEU C 179 9.04 9.50 9.72
C LEU C 179 8.58 10.87 10.22
N ARG C 180 9.55 11.75 10.44
CA ARG C 180 9.28 13.10 10.91
C ARG C 180 8.48 13.89 9.87
N ASP C 181 8.84 13.69 8.60
CA ASP C 181 8.21 14.41 7.49
C ASP C 181 7.03 13.73 6.81
N ASN C 182 6.79 12.46 7.13
CA ASN C 182 5.69 11.75 6.48
C ASN C 182 4.75 10.98 7.41
N LYS C 183 5.15 10.80 8.65
CA LYS C 183 4.33 10.06 9.60
C LYS C 183 4.06 10.83 10.88
N GLY C 184 4.40 12.12 10.88
CA GLY C 184 4.18 12.95 12.04
C GLY C 184 5.01 12.56 13.25
N TYR C 185 6.16 11.94 13.00
CA TYR C 185 7.05 11.53 14.08
C TYR C 185 7.62 12.78 14.75
N ASN C 186 7.57 12.81 16.08
CA ASN C 186 8.08 13.96 16.82
C ASN C 186 9.56 13.82 17.15
N ALA C 187 10.42 14.06 16.16
CA ALA C 187 11.86 13.95 16.34
C ALA C 187 12.42 14.94 17.34
N ALA C 188 11.73 16.05 17.53
CA ALA C 188 12.18 17.08 18.46
C ALA C 188 12.10 16.62 19.91
N GLY C 189 11.18 15.70 20.21
CA GLY C 189 11.04 15.21 21.58
C GLY C 189 11.30 13.73 21.84
N GLN C 190 11.98 13.07 20.92
CA GLN C 190 12.30 11.65 21.06
C GLN C 190 13.80 11.44 21.20
N TYR C 191 14.22 10.71 22.23
CA TYR C 191 15.63 10.44 22.47
C TYR C 191 16.00 9.05 21.96
N VAL C 192 17.18 8.92 21.37
CA VAL C 192 17.68 7.64 20.87
C VAL C 192 18.21 6.84 22.05
N LEU C 193 17.53 5.74 22.35
CA LEU C 193 17.89 4.90 23.48
C LEU C 193 18.87 3.77 23.16
N SER C 194 18.93 3.35 21.90
CA SER C 194 19.81 2.25 21.50
C SER C 194 20.20 2.31 20.03
N TYR C 195 21.21 1.54 19.66
CA TYR C 195 21.70 1.49 18.27
C TYR C 195 22.34 0.12 18.08
N GLN C 196 21.54 -0.84 17.61
CA GLN C 196 22.00 -2.22 17.44
C GLN C 196 21.91 -2.77 16.02
N PHE C 197 22.63 -3.86 15.78
CA PHE C 197 22.62 -4.54 14.49
C PHE C 197 22.78 -6.04 14.71
N GLY C 198 21.87 -6.83 14.18
CA GLY C 198 21.98 -8.26 14.37
C GLY C 198 20.98 -9.04 13.54
N THR C 199 20.60 -10.21 14.03
CA THR C 199 19.65 -11.07 13.34
C THR C 199 18.59 -11.61 14.27
N GLU C 200 17.34 -11.57 13.82
CA GLU C 200 16.23 -12.11 14.59
C GLU C 200 15.82 -13.41 13.89
N PRO C 201 16.14 -14.56 14.49
CA PRO C 201 15.78 -15.84 13.87
C PRO C 201 14.46 -16.41 14.37
N PHE C 202 13.80 -17.18 13.52
CA PHE C 202 12.53 -17.81 13.86
C PHE C 202 12.74 -19.33 13.89
N THR C 203 13.11 -19.90 12.75
CA THR C 203 13.37 -21.34 12.66
C THR C 203 14.46 -21.65 11.65
N GLY C 204 14.98 -22.88 11.73
CA GLY C 204 16.02 -23.32 10.82
C GLY C 204 17.37 -23.39 11.50
N SER C 205 18.42 -23.27 10.69
CA SER C 205 19.78 -23.29 11.18
C SER C 205 20.53 -22.27 10.34
N GLY C 206 21.27 -21.39 10.99
CA GLY C 206 21.99 -20.40 10.23
C GLY C 206 23.19 -19.82 10.94
N THR C 207 24.04 -19.18 10.15
CA THR C 207 25.24 -18.54 10.65
C THR C 207 25.33 -17.17 9.98
N LEU C 208 25.20 -16.13 10.78
CA LEU C 208 25.33 -14.78 10.26
C LEU C 208 26.77 -14.37 10.46
N ASN C 209 27.48 -14.10 9.38
CA ASN C 209 28.86 -13.66 9.52
C ASN C 209 28.92 -12.17 9.26
N VAL C 210 29.30 -11.41 10.27
CA VAL C 210 29.42 -9.96 10.12
C VAL C 210 30.90 -9.64 9.98
N ALA C 211 31.35 -9.53 8.73
CA ALA C 211 32.73 -9.23 8.44
C ALA C 211 33.13 -7.94 9.12
N SER C 212 32.18 -7.00 9.19
CA SER C 212 32.44 -5.71 9.82
C SER C 212 31.21 -4.84 9.95
N TRP C 213 31.05 -4.23 11.12
CA TRP C 213 29.93 -3.34 11.38
C TRP C 213 30.44 -2.13 12.13
N THR C 214 30.12 -0.94 11.63
CA THR C 214 30.55 0.29 12.28
C THR C 214 29.31 1.15 12.46
N ALA C 215 29.33 2.00 13.48
CA ALA C 215 28.21 2.89 13.76
C ALA C 215 28.64 3.91 14.80
N SER C 216 28.01 5.08 14.75
CA SER C 216 28.32 6.13 15.70
C SER C 216 27.22 7.18 15.68
N ILE C 217 27.22 8.04 16.68
CA ILE C 217 26.22 9.09 16.78
C ILE C 217 26.96 10.41 16.94
N ASN C 218 26.59 11.42 16.16
CA ASN C 218 27.25 12.72 16.23
C ASN C 218 26.26 13.86 16.47
N PCA D 1 23.04 -31.28 -23.47
CA PCA D 1 22.07 -30.61 -24.22
CB PCA D 1 20.90 -31.65 -24.28
CG PCA D 1 21.45 -32.95 -23.60
CD PCA D 1 22.85 -32.45 -23.12
OE PCA D 1 23.74 -33.02 -22.44
C PCA D 1 21.71 -29.33 -23.38
O PCA D 1 20.98 -29.69 -22.47
N THR D 2 21.12 -28.34 -23.93
CA THR D 2 20.95 -27.08 -23.17
C THR D 2 20.41 -26.07 -24.17
N SER D 3 19.49 -25.35 -23.67
CA SER D 3 18.78 -24.35 -24.44
C SER D 3 18.16 -23.31 -23.53
N CYS D 4 18.12 -22.08 -23.99
CA CYS D 4 17.53 -20.99 -23.23
C CYS D 4 16.31 -20.48 -23.98
N ASP D 5 15.94 -21.17 -25.06
CA ASP D 5 14.79 -20.77 -25.86
C ASP D 5 13.52 -20.88 -25.03
N GLN D 6 12.62 -19.93 -25.21
CA GLN D 6 11.37 -19.89 -24.46
C GLN D 6 10.57 -21.19 -24.43
N TRP D 7 10.49 -21.90 -25.56
CA TRP D 7 9.71 -23.14 -25.63
C TRP D 7 10.54 -24.39 -25.91
N ALA D 8 11.83 -24.33 -25.59
CA ALA D 8 12.74 -25.46 -25.81
C ALA D 8 12.35 -26.71 -25.03
N THR D 9 12.59 -27.88 -25.62
CA THR D 9 12.29 -29.13 -24.94
C THR D 9 13.31 -30.19 -25.32
N PHE D 10 13.54 -31.13 -24.41
CA PHE D 10 14.45 -32.26 -24.66
C PHE D 10 13.67 -33.49 -24.25
N THR D 11 13.59 -34.47 -25.13
CA THR D 11 12.83 -35.68 -24.82
C THR D 11 13.65 -36.97 -24.86
N GLY D 12 13.36 -37.86 -23.91
CA GLY D 12 14.06 -39.12 -23.83
C GLY D 12 13.38 -40.16 -22.95
N ASN D 13 13.21 -41.37 -23.48
CA ASN D 13 12.61 -42.50 -22.77
C ASN D 13 11.42 -42.21 -21.85
N GLY D 14 10.40 -41.53 -22.37
CA GLY D 14 9.22 -41.23 -21.56
C GLY D 14 9.31 -40.05 -20.62
N TYR D 15 10.44 -39.36 -20.63
CA TYR D 15 10.65 -38.19 -19.79
C TYR D 15 11.00 -37.01 -20.68
N THR D 16 10.53 -35.82 -20.32
CA THR D 16 10.79 -34.63 -21.10
C THR D 16 11.11 -33.43 -20.22
N VAL D 17 12.15 -32.67 -20.61
CA VAL D 17 12.54 -31.47 -19.88
C VAL D 17 12.14 -30.27 -20.75
N SER D 18 11.36 -29.36 -20.18
CA SER D 18 10.89 -28.17 -20.91
C SER D 18 11.32 -26.86 -20.25
N ASN D 19 11.79 -25.91 -21.05
CA ASN D 19 12.21 -24.62 -20.51
C ASN D 19 10.94 -23.88 -20.10
N ASN D 20 9.91 -23.93 -20.94
CA ASN D 20 8.62 -23.32 -20.60
C ASN D 20 8.69 -21.95 -19.93
N LEU D 21 9.34 -20.98 -20.57
CA LEU D 21 9.47 -19.63 -20.01
C LEU D 21 8.21 -18.82 -20.34
N TRP D 22 7.06 -19.32 -19.91
CA TRP D 22 5.78 -18.68 -20.19
C TRP D 22 5.55 -17.28 -19.64
N GLY D 23 6.32 -16.89 -18.62
CA GLY D 23 6.14 -15.56 -18.05
C GLY D 23 7.27 -14.60 -18.34
N ALA D 24 8.11 -14.94 -19.31
CA ALA D 24 9.26 -14.11 -19.67
C ALA D 24 8.92 -12.64 -19.91
N SER D 25 7.75 -12.38 -20.49
CA SER D 25 7.34 -11.00 -20.77
C SER D 25 7.15 -10.15 -19.52
N ALA D 26 7.12 -10.78 -18.35
CA ALA D 26 6.91 -10.06 -17.10
C ALA D 26 8.14 -9.31 -16.61
N GLY D 27 9.31 -9.60 -17.17
CA GLY D 27 10.51 -8.90 -16.73
C GLY D 27 11.70 -9.10 -17.63
N SER D 28 12.90 -8.87 -17.07
CA SER D 28 14.13 -9.02 -17.81
C SER D 28 14.94 -10.16 -17.22
N GLY D 29 15.74 -10.80 -18.04
CA GLY D 29 16.55 -11.91 -17.56
C GLY D 29 16.58 -13.03 -18.57
N PHE D 30 16.73 -14.26 -18.08
CA PHE D 30 16.80 -15.42 -18.95
C PHE D 30 16.52 -16.68 -18.17
N GLY D 31 16.30 -17.76 -18.91
CA GLY D 31 16.06 -19.05 -18.30
C GLY D 31 16.59 -20.11 -19.23
N CYS D 32 17.43 -21.01 -18.71
CA CYS D 32 18.00 -22.08 -19.51
C CYS D 32 17.87 -23.41 -18.79
N VAL D 33 17.71 -24.48 -19.57
CA VAL D 33 17.63 -25.82 -19.00
C VAL D 33 18.66 -26.71 -19.68
N THR D 34 19.22 -27.63 -18.90
CA THR D 34 20.20 -28.56 -19.42
C THR D 34 19.73 -29.95 -19.03
N ALA D 35 19.47 -30.79 -20.03
CA ALA D 35 19.02 -32.16 -19.77
C ALA D 35 20.24 -33.05 -19.71
N VAL D 36 20.72 -33.29 -18.49
CA VAL D 36 21.90 -34.14 -18.29
C VAL D 36 21.64 -35.57 -18.72
N SER D 37 20.48 -36.10 -18.34
CA SER D 37 20.12 -37.47 -18.70
C SER D 37 18.61 -37.66 -18.65
N LEU D 38 18.06 -38.33 -19.66
CA LEU D 38 16.63 -38.57 -19.71
C LEU D 38 16.30 -40.06 -19.86
N SER D 39 17.21 -40.89 -19.35
CA SER D 39 17.05 -42.33 -19.39
C SER D 39 16.97 -42.84 -17.96
N GLY D 40 15.89 -43.54 -17.63
CA GLY D 40 15.71 -44.07 -16.30
C GLY D 40 15.32 -42.99 -15.30
N GLY D 41 14.75 -41.91 -15.82
CA GLY D 41 14.34 -40.80 -14.97
C GLY D 41 14.89 -39.53 -15.57
N ALA D 42 14.74 -38.41 -14.86
CA ALA D 42 15.23 -37.14 -15.36
C ALA D 42 16.27 -36.47 -14.46
N SER D 43 17.43 -36.20 -15.03
CA SER D 43 18.50 -35.52 -14.32
C SER D 43 18.73 -34.27 -15.14
N TRP D 44 18.51 -33.11 -14.53
CA TRP D 44 18.66 -31.85 -15.26
C TRP D 44 18.84 -30.69 -14.31
N HIS D 45 19.07 -29.51 -14.88
CA HIS D 45 19.18 -28.32 -14.07
C HIS D 45 18.68 -27.10 -14.81
N ALA D 46 18.08 -26.19 -14.04
CA ALA D 46 17.53 -24.95 -14.58
C ALA D 46 18.39 -23.82 -14.06
N ASP D 47 18.76 -22.91 -14.96
CA ASP D 47 19.59 -21.77 -14.61
C ASP D 47 18.89 -20.51 -15.06
N TRP D 48 18.72 -19.57 -14.14
CA TRP D 48 18.01 -18.36 -14.47
C TRP D 48 18.41 -17.13 -13.65
N GLN D 49 17.90 -15.99 -14.10
CA GLN D 49 18.09 -14.70 -13.46
C GLN D 49 16.91 -13.89 -13.94
N TRP D 50 16.15 -13.31 -13.02
CA TRP D 50 15.00 -12.52 -13.41
C TRP D 50 14.86 -11.28 -12.52
N SER D 51 14.55 -10.15 -13.16
CA SER D 51 14.34 -8.90 -12.45
C SER D 51 13.02 -8.32 -12.97
N GLY D 52 12.31 -7.58 -12.12
CA GLY D 52 11.05 -7.01 -12.54
C GLY D 52 9.91 -7.98 -12.35
N GLY D 53 8.67 -7.47 -12.34
CA GLY D 53 7.50 -8.32 -12.17
C GLY D 53 7.60 -9.06 -10.85
N GLN D 54 7.73 -8.30 -9.78
CA GLN D 54 7.88 -8.85 -8.42
C GLN D 54 6.99 -10.05 -8.09
N ASN D 55 5.72 -10.00 -8.47
CA ASN D 55 4.82 -11.10 -8.14
C ASN D 55 4.44 -11.95 -9.35
N ASN D 56 5.26 -11.88 -10.40
CA ASN D 56 5.02 -12.66 -11.61
C ASN D 56 5.94 -13.85 -11.78
N VAL D 57 5.36 -15.03 -11.89
CA VAL D 57 6.11 -16.24 -12.14
C VAL D 57 6.62 -16.01 -13.56
N LYS D 58 7.90 -16.24 -13.79
CA LYS D 58 8.49 -16.01 -15.11
C LYS D 58 8.53 -17.26 -15.98
N SER D 59 8.38 -18.42 -15.35
CA SER D 59 8.45 -19.69 -16.09
C SER D 59 8.17 -20.87 -15.18
N TYR D 60 8.16 -22.06 -15.77
CA TYR D 60 8.01 -23.31 -15.04
C TYR D 60 8.84 -24.37 -15.75
N GLN D 61 10.16 -24.18 -15.71
CA GLN D 61 11.09 -25.12 -16.30
C GLN D 61 10.79 -26.40 -15.54
N ASN D 62 10.64 -27.51 -16.24
CA ASN D 62 10.26 -28.74 -15.55
C ASN D 62 10.59 -30.00 -16.33
N SER D 63 10.52 -31.12 -15.63
CA SER D 63 10.70 -32.45 -16.21
C SER D 63 9.34 -33.10 -16.00
N GLN D 64 8.91 -33.92 -16.95
CA GLN D 64 7.62 -34.59 -16.80
C GLN D 64 7.65 -35.92 -17.52
N ILE D 65 6.63 -36.73 -17.28
CA ILE D 65 6.54 -38.04 -17.92
C ILE D 65 5.41 -38.03 -18.94
N ALA D 66 5.55 -38.86 -19.96
CA ALA D 66 4.53 -38.97 -20.97
C ALA D 66 3.36 -39.70 -20.34
N ILE D 67 2.15 -39.32 -20.72
CA ILE D 67 0.96 -39.98 -20.21
C ILE D 67 0.14 -40.44 -21.41
N PRO D 68 0.56 -41.55 -22.04
CA PRO D 68 -0.12 -42.12 -23.20
C PRO D 68 -1.54 -42.56 -22.87
N GLN D 69 -1.71 -43.05 -21.64
CA GLN D 69 -2.99 -43.55 -21.17
C GLN D 69 -3.67 -42.57 -20.21
N LYS D 70 -4.83 -42.05 -20.60
CA LYS D 70 -5.55 -41.14 -19.73
C LYS D 70 -6.48 -41.98 -18.85
N ARG D 71 -6.28 -41.90 -17.54
CA ARG D 71 -7.06 -42.69 -16.60
C ARG D 71 -7.58 -41.84 -15.43
N THR D 72 -8.71 -42.26 -14.87
CA THR D 72 -9.29 -41.56 -13.74
C THR D 72 -8.38 -41.74 -12.53
N VAL D 73 -8.41 -40.78 -11.62
CA VAL D 73 -7.59 -40.83 -10.43
C VAL D 73 -7.91 -42.10 -9.62
N ASN D 74 -9.19 -42.41 -9.50
CA ASN D 74 -9.61 -43.60 -8.76
C ASN D 74 -9.16 -44.91 -9.36
N SER D 75 -9.11 -44.99 -10.70
CA SER D 75 -8.69 -46.22 -11.35
C SER D 75 -7.19 -46.43 -11.20
N ILE D 76 -6.46 -45.32 -11.05
CA ILE D 76 -5.01 -45.37 -10.88
C ILE D 76 -4.65 -45.99 -9.53
N SER D 77 -3.80 -47.00 -9.54
CA SER D 77 -3.42 -47.65 -8.29
C SER D 77 -2.32 -46.90 -7.54
N SER D 78 -1.39 -46.29 -8.27
CA SER D 78 -0.32 -45.54 -7.62
C SER D 78 0.35 -44.54 -8.54
N MET D 79 0.94 -43.51 -7.96
CA MET D 79 1.62 -42.46 -8.71
C MET D 79 2.89 -42.10 -7.95
N PRO D 80 3.76 -43.10 -7.73
CA PRO D 80 5.01 -42.92 -7.02
C PRO D 80 5.95 -41.94 -7.71
N THR D 81 6.79 -41.29 -6.92
CA THR D 81 7.74 -40.32 -7.45
C THR D 81 8.87 -40.09 -6.45
N THR D 82 10.07 -39.82 -6.96
CA THR D 82 11.21 -39.52 -6.10
C THR D 82 11.81 -38.25 -6.68
N ALA D 83 12.35 -37.41 -5.82
CA ALA D 83 12.96 -36.16 -6.26
C ALA D 83 14.13 -35.79 -5.38
N SER D 84 15.28 -35.59 -6.02
CA SER D 84 16.50 -35.20 -5.32
C SER D 84 16.98 -33.91 -5.98
N TRP D 85 16.92 -32.81 -5.24
CA TRP D 85 17.32 -31.53 -5.80
C TRP D 85 18.04 -30.61 -4.82
N SER D 86 18.51 -29.49 -5.35
CA SER D 86 19.20 -28.50 -4.55
C SER D 86 19.10 -27.17 -5.28
N TYR D 87 19.04 -26.09 -4.50
CA TYR D 87 18.95 -24.76 -5.09
C TYR D 87 20.15 -23.92 -4.66
N SER D 88 20.76 -23.25 -5.63
CA SER D 88 21.89 -22.38 -5.36
C SER D 88 21.56 -21.05 -6.03
N GLY D 89 22.23 -19.99 -5.62
CA GLY D 89 21.98 -18.69 -6.21
C GLY D 89 21.95 -17.58 -5.19
N SER D 90 21.35 -16.45 -5.54
CA SER D 90 21.25 -15.33 -4.62
C SER D 90 19.90 -14.63 -4.74
N ASN D 91 19.37 -14.19 -3.61
CA ASN D 91 18.08 -13.51 -3.57
C ASN D 91 17.05 -14.35 -4.32
N ILE D 92 17.00 -15.63 -3.96
CA ILE D 92 16.09 -16.56 -4.59
C ILE D 92 14.64 -16.44 -4.14
N ARG D 93 13.78 -16.00 -5.06
CA ARG D 93 12.36 -15.91 -4.78
C ARG D 93 11.74 -16.86 -5.79
N ALA D 94 11.53 -18.11 -5.35
CA ALA D 94 10.98 -19.13 -6.23
C ALA D 94 10.62 -20.39 -5.44
N ASN D 95 9.94 -21.32 -6.11
CA ASN D 95 9.56 -22.57 -5.48
C ASN D 95 10.12 -23.78 -6.24
N VAL D 96 9.79 -24.96 -5.74
CA VAL D 96 10.17 -26.22 -6.37
C VAL D 96 8.88 -27.00 -6.18
N ALA D 97 8.25 -27.42 -7.26
CA ALA D 97 6.97 -28.10 -7.09
C ALA D 97 6.49 -28.98 -8.22
N TYR D 98 5.67 -29.96 -7.84
CA TYR D 98 5.04 -30.85 -8.79
C TYR D 98 3.85 -30.05 -9.29
N ASP D 99 3.35 -30.41 -10.48
CA ASP D 99 2.21 -29.73 -11.05
C ASP D 99 1.49 -30.77 -11.90
N LEU D 100 0.19 -30.93 -11.67
CA LEU D 100 -0.60 -31.89 -12.42
C LEU D 100 -1.97 -31.29 -12.66
N PHE D 101 -2.54 -31.56 -13.83
CA PHE D 101 -3.89 -31.09 -14.16
C PHE D 101 -4.79 -32.31 -14.33
N THR D 102 -6.06 -32.16 -13.97
CA THR D 102 -7.03 -33.24 -14.13
C THR D 102 -8.27 -32.60 -14.72
N ALA D 103 -9.12 -33.42 -15.35
CA ALA D 103 -10.35 -32.92 -15.97
C ALA D 103 -11.29 -34.09 -16.26
N ALA D 104 -12.58 -33.79 -16.34
CA ALA D 104 -13.59 -34.81 -16.60
C ALA D 104 -13.48 -35.36 -18.01
N ASN D 105 -12.97 -34.54 -18.93
CA ASN D 105 -12.79 -34.94 -20.32
C ASN D 105 -11.41 -35.56 -20.47
N PRO D 106 -11.35 -36.88 -20.70
CA PRO D 106 -10.05 -37.54 -20.87
C PRO D 106 -9.23 -37.00 -22.03
N ASN D 107 -9.88 -36.33 -22.96
CA ASN D 107 -9.21 -35.74 -24.12
C ASN D 107 -8.96 -34.25 -23.95
N HIS D 108 -9.08 -33.76 -22.72
CA HIS D 108 -8.87 -32.35 -22.41
C HIS D 108 -7.43 -31.98 -22.73
N VAL D 109 -7.18 -30.73 -23.11
CA VAL D 109 -5.80 -30.32 -23.39
C VAL D 109 -5.00 -30.57 -22.12
N THR D 110 -3.75 -30.98 -22.28
CA THR D 110 -2.93 -31.32 -21.12
C THR D 110 -2.23 -30.17 -20.39
N TYR D 111 -2.40 -28.94 -20.86
CA TYR D 111 -1.77 -27.79 -20.19
C TYR D 111 -2.73 -26.97 -19.35
N SER D 112 -3.88 -27.56 -19.02
CA SER D 112 -4.88 -26.91 -18.18
C SER D 112 -5.90 -27.98 -17.81
N GLY D 113 -6.89 -27.62 -16.99
CA GLY D 113 -7.88 -28.60 -16.61
C GLY D 113 -8.94 -28.06 -15.69
N ASP D 114 -9.77 -28.95 -15.14
CA ASP D 114 -10.81 -28.55 -14.20
C ASP D 114 -10.10 -28.26 -12.86
N TYR D 115 -9.05 -29.01 -12.59
CA TYR D 115 -8.28 -28.83 -11.36
C TYR D 115 -6.79 -28.84 -11.63
N GLU D 116 -6.05 -28.21 -10.73
CA GLU D 116 -4.60 -28.16 -10.80
C GLU D 116 -4.09 -28.50 -9.41
N LEU D 117 -3.26 -29.52 -9.32
CA LEU D 117 -2.67 -29.90 -8.03
C LEU D 117 -1.20 -29.58 -8.05
N MET D 118 -0.74 -28.84 -7.05
CA MET D 118 0.66 -28.50 -6.92
C MET D 118 1.15 -29.03 -5.58
N ILE D 119 2.39 -29.47 -5.55
CA ILE D 119 2.99 -29.96 -4.32
C ILE D 119 4.35 -29.27 -4.29
N TRP D 120 4.45 -28.23 -3.46
CA TRP D 120 5.67 -27.44 -3.33
C TRP D 120 6.68 -28.06 -2.37
N LEU D 121 7.71 -28.69 -2.92
CA LEU D 121 8.74 -29.28 -2.05
C LEU D 121 9.64 -28.19 -1.48
N GLY D 122 9.68 -27.04 -2.17
CA GLY D 122 10.50 -25.93 -1.73
C GLY D 122 9.82 -24.59 -1.89
N LYS D 123 10.21 -23.62 -1.05
CA LYS D 123 9.65 -22.28 -1.12
C LYS D 123 10.70 -21.29 -0.64
N TYR D 124 11.20 -20.48 -1.57
CA TYR D 124 12.23 -19.49 -1.28
C TYR D 124 11.69 -18.08 -1.38
N GLY D 125 12.00 -17.25 -0.38
CA GLY D 125 11.56 -15.87 -0.40
C GLY D 125 10.14 -15.70 0.11
N ASP D 126 9.57 -14.53 -0.13
CA ASP D 126 8.22 -14.22 0.33
C ASP D 126 7.14 -14.46 -0.71
N ILE D 127 7.42 -15.32 -1.68
CA ILE D 127 6.46 -15.63 -2.73
C ILE D 127 5.23 -16.32 -2.17
N GLY D 128 4.09 -16.10 -2.83
CA GLY D 128 2.85 -16.70 -2.36
C GLY D 128 2.17 -17.68 -3.30
N PRO D 129 1.62 -18.77 -2.76
CA PRO D 129 0.92 -19.77 -3.55
C PRO D 129 -0.40 -19.17 -4.05
N ILE D 130 -1.06 -19.86 -4.98
CA ILE D 130 -2.33 -19.41 -5.52
C ILE D 130 -3.43 -19.63 -4.47
N GLY D 131 -4.34 -18.67 -4.36
CA GLY D 131 -5.43 -18.78 -3.41
C GLY D 131 -5.07 -18.43 -1.97
N SER D 132 -5.79 -19.01 -1.03
CA SER D 132 -5.55 -18.74 0.39
C SER D 132 -5.39 -20.01 1.22
N SER D 133 -4.62 -19.91 2.31
CA SER D 133 -4.37 -21.04 3.19
C SER D 133 -5.61 -21.69 3.76
N GLN D 134 -5.62 -23.02 3.76
CA GLN D 134 -6.73 -23.81 4.28
C GLN D 134 -6.26 -24.51 5.56
N GLY D 135 -5.06 -24.16 6.00
CA GLY D 135 -4.51 -24.76 7.21
C GLY D 135 -3.50 -25.86 6.93
N THR D 136 -3.05 -26.51 7.99
CA THR D 136 -2.08 -27.60 7.87
C THR D 136 -2.76 -28.94 7.64
N VAL D 137 -2.12 -29.79 6.83
CA VAL D 137 -2.63 -31.11 6.53
C VAL D 137 -1.45 -32.06 6.48
N ASN D 138 -1.67 -33.29 6.94
CA ASN D 138 -0.60 -34.29 6.94
C ASN D 138 -0.83 -35.30 5.83
N VAL D 139 0.17 -35.47 4.98
CA VAL D 139 0.07 -36.40 3.86
C VAL D 139 1.39 -37.14 3.65
N GLY D 140 1.32 -38.46 3.62
CA GLY D 140 2.51 -39.27 3.39
C GLY D 140 3.62 -39.14 4.42
N GLY D 141 3.26 -38.77 5.65
CA GLY D 141 4.24 -38.63 6.72
C GLY D 141 4.91 -37.28 6.83
N GLN D 142 4.34 -36.29 6.16
CA GLN D 142 4.90 -34.94 6.15
C GLN D 142 3.77 -33.92 6.32
N SER D 143 4.07 -32.80 6.96
CA SER D 143 3.07 -31.75 7.18
C SER D 143 3.11 -30.73 6.06
N TRP D 144 1.92 -30.34 5.58
CA TRP D 144 1.81 -29.37 4.50
C TRP D 144 0.79 -28.29 4.80
N THR D 145 0.99 -27.11 4.23
CA THR D 145 0.05 -26.00 4.38
C THR D 145 -0.72 -26.03 3.05
N LEU D 146 -2.01 -26.36 3.11
CA LEU D 146 -2.83 -26.45 1.91
C LEU D 146 -3.46 -25.13 1.51
N TYR D 147 -3.26 -24.75 0.25
CA TYR D 147 -3.83 -23.52 -0.28
C TYR D 147 -4.89 -23.87 -1.31
N TYR D 148 -5.94 -23.06 -1.37
CA TYR D 148 -7.02 -23.29 -2.32
C TYR D 148 -7.47 -21.99 -2.95
N GLY D 149 -7.70 -22.01 -4.26
CA GLY D 149 -8.14 -20.82 -4.93
C GLY D 149 -8.43 -21.08 -6.39
N TYR D 150 -8.99 -20.08 -7.06
CA TYR D 150 -9.31 -20.18 -8.47
C TYR D 150 -8.33 -19.44 -9.36
N ASN D 151 -8.25 -19.91 -10.59
CA ASN D 151 -7.41 -19.34 -11.64
C ASN D 151 -8.36 -19.46 -12.81
N GLY D 152 -9.29 -18.52 -12.91
CA GLY D 152 -10.28 -18.59 -13.96
C GLY D 152 -11.30 -19.60 -13.46
N ALA D 153 -11.74 -20.50 -14.32
CA ALA D 153 -12.72 -21.51 -13.92
C ALA D 153 -12.02 -22.72 -13.30
N MET D 154 -10.69 -22.70 -13.31
CA MET D 154 -9.91 -23.81 -12.78
C MET D 154 -9.65 -23.73 -11.28
N GLN D 155 -9.80 -24.85 -10.59
CA GLN D 155 -9.56 -24.90 -9.16
C GLN D 155 -8.14 -25.36 -8.89
N VAL D 156 -7.43 -24.63 -8.04
CA VAL D 156 -6.04 -24.96 -7.73
C VAL D 156 -5.77 -25.25 -6.27
N TYR D 157 -5.30 -26.47 -6.00
CA TYR D 157 -4.95 -26.91 -4.65
C TYR D 157 -3.43 -27.02 -4.59
N SER D 158 -2.81 -26.30 -3.67
CA SER D 158 -1.36 -26.35 -3.54
C SER D 158 -0.91 -26.78 -2.15
N PHE D 159 -0.25 -27.94 -2.07
CA PHE D 159 0.26 -28.43 -0.79
C PHE D 159 1.70 -27.93 -0.67
N VAL D 160 1.93 -27.01 0.27
CA VAL D 160 3.26 -26.44 0.45
C VAL D 160 4.01 -27.03 1.64
N ALA D 161 5.16 -27.66 1.38
CA ALA D 161 5.95 -28.24 2.46
C ALA D 161 6.31 -27.14 3.45
N GLN D 162 6.34 -27.48 4.74
CA GLN D 162 6.64 -26.49 5.76
C GLN D 162 8.14 -26.44 6.04
N THR D 163 8.88 -27.32 5.37
CA THR D 163 10.33 -27.40 5.45
C THR D 163 10.77 -27.83 4.05
N ASN D 164 11.82 -27.20 3.51
CA ASN D 164 12.28 -27.58 2.17
C ASN D 164 12.62 -29.07 2.18
N THR D 165 12.05 -29.80 1.25
CA THR D 165 12.27 -31.23 1.17
C THR D 165 13.04 -31.51 -0.11
N THR D 166 14.36 -31.57 0.02
CA THR D 166 15.27 -31.77 -1.10
C THR D 166 15.50 -33.22 -1.52
N ASN D 167 15.03 -34.15 -0.70
CA ASN D 167 15.16 -35.57 -1.03
C ASN D 167 13.79 -36.15 -0.71
N TYR D 168 12.94 -36.18 -1.72
CA TYR D 168 11.57 -36.64 -1.56
C TYR D 168 11.25 -37.98 -2.18
N SER D 169 10.28 -38.64 -1.57
CA SER D 169 9.79 -39.93 -2.04
C SER D 169 8.36 -40.00 -1.53
N GLY D 170 7.40 -40.04 -2.45
CA GLY D 170 6.02 -40.09 -2.05
C GLY D 170 5.12 -40.63 -3.14
N ASP D 171 3.81 -40.52 -2.91
CA ASP D 171 2.83 -40.99 -3.88
C ASP D 171 1.76 -39.93 -4.05
N VAL D 172 1.70 -39.32 -5.24
CA VAL D 172 0.73 -38.26 -5.52
C VAL D 172 -0.70 -38.72 -5.25
N LYS D 173 -0.93 -40.02 -5.28
CA LYS D 173 -2.25 -40.56 -5.03
C LYS D 173 -2.72 -40.18 -3.62
N ASN D 174 -1.78 -40.14 -2.67
CA ASN D 174 -2.12 -39.79 -1.30
C ASN D 174 -2.76 -38.41 -1.23
N PHE D 175 -2.26 -37.48 -2.05
CA PHE D 175 -2.83 -36.13 -2.07
C PHE D 175 -4.21 -36.11 -2.69
N PHE D 176 -4.38 -36.81 -3.81
CA PHE D 176 -5.68 -36.85 -4.46
C PHE D 176 -6.70 -37.49 -3.50
N ASN D 177 -6.30 -38.57 -2.83
CA ASN D 177 -7.20 -39.23 -1.89
C ASN D 177 -7.61 -38.27 -0.76
N TYR D 178 -6.68 -37.42 -0.34
CA TYR D 178 -7.00 -36.46 0.71
C TYR D 178 -8.13 -35.55 0.22
N LEU D 179 -7.94 -34.99 -0.97
CA LEU D 179 -8.94 -34.10 -1.56
C LEU D 179 -10.27 -34.82 -1.77
N ARG D 180 -10.22 -36.05 -2.25
CA ARG D 180 -11.44 -36.82 -2.49
C ARG D 180 -12.19 -37.11 -1.19
N ASP D 181 -11.45 -37.43 -0.13
CA ASP D 181 -12.05 -37.76 1.15
C ASP D 181 -12.38 -36.58 2.05
N ASN D 182 -11.78 -35.42 1.79
CA ASN D 182 -12.01 -34.26 2.64
C ASN D 182 -12.42 -32.95 1.95
N LYS D 183 -12.33 -32.91 0.61
CA LYS D 183 -12.67 -31.69 -0.10
C LYS D 183 -13.69 -31.93 -1.22
N GLY D 184 -14.30 -33.10 -1.23
CA GLY D 184 -15.30 -33.41 -2.24
C GLY D 184 -14.76 -33.53 -3.65
N TYR D 185 -13.46 -33.74 -3.79
CA TYR D 185 -12.85 -33.89 -5.10
C TYR D 185 -13.33 -35.18 -5.75
N ASN D 186 -13.85 -35.07 -6.96
CA ASN D 186 -14.38 -36.21 -7.71
C ASN D 186 -13.33 -37.07 -8.41
N ALA D 187 -12.57 -37.83 -7.62
CA ALA D 187 -11.52 -38.70 -8.15
C ALA D 187 -12.06 -39.75 -9.11
N ALA D 188 -13.34 -40.09 -8.96
CA ALA D 188 -13.96 -41.11 -9.80
C ALA D 188 -14.18 -40.63 -11.24
N GLY D 189 -14.21 -39.32 -11.43
CA GLY D 189 -14.44 -38.78 -12.76
C GLY D 189 -13.37 -37.86 -13.31
N GLN D 190 -12.30 -37.65 -12.56
CA GLN D 190 -11.23 -36.78 -13.02
C GLN D 190 -10.05 -37.58 -13.59
N TYR D 191 -9.65 -37.25 -14.81
CA TYR D 191 -8.55 -37.93 -15.47
C TYR D 191 -7.24 -37.17 -15.30
N VAL D 192 -6.16 -37.89 -15.00
CA VAL D 192 -4.87 -37.23 -14.83
C VAL D 192 -4.34 -36.85 -16.22
N LEU D 193 -4.07 -35.55 -16.39
CA LEU D 193 -3.61 -35.03 -17.68
C LEU D 193 -2.10 -34.80 -17.78
N SER D 194 -1.48 -34.44 -16.67
CA SER D 194 -0.05 -34.17 -16.66
C SER D 194 0.59 -34.55 -15.32
N TYR D 195 1.89 -34.79 -15.35
CA TYR D 195 2.63 -35.13 -14.14
C TYR D 195 3.99 -34.47 -14.31
N GLN D 196 4.14 -33.27 -13.74
CA GLN D 196 5.37 -32.51 -13.87
C GLN D 196 6.05 -32.13 -12.56
N PHE D 197 7.30 -31.71 -12.66
CA PHE D 197 8.09 -31.29 -11.51
C PHE D 197 9.09 -30.24 -11.96
N GLY D 198 9.06 -29.06 -11.35
CA GLY D 198 9.99 -28.02 -11.74
C GLY D 198 10.08 -26.90 -10.73
N THR D 199 10.33 -25.70 -11.23
CA THR D 199 10.44 -24.53 -10.38
C THR D 199 9.81 -23.30 -11.02
N GLU D 200 9.05 -22.56 -10.22
CA GLU D 200 8.42 -21.32 -10.67
C GLU D 200 9.24 -20.20 -10.06
N PRO D 201 10.06 -19.50 -10.86
CA PRO D 201 10.87 -18.41 -10.29
C PRO D 201 10.20 -17.05 -10.48
N PHE D 202 10.47 -16.13 -9.56
CA PHE D 202 9.91 -14.79 -9.64
C PHE D 202 11.04 -13.79 -9.93
N THR D 203 11.98 -13.67 -8.99
CA THR D 203 13.13 -12.78 -9.16
C THR D 203 14.38 -13.35 -8.50
N GLY D 204 15.54 -12.80 -8.86
CA GLY D 204 16.80 -13.26 -8.31
C GLY D 204 17.64 -14.03 -9.31
N SER D 205 18.63 -14.75 -8.80
CA SER D 205 19.51 -15.58 -9.63
C SER D 205 19.49 -16.97 -9.01
N GLY D 206 19.28 -18.00 -9.82
CA GLY D 206 19.24 -19.32 -9.23
C GLY D 206 19.54 -20.47 -10.16
N THR D 207 19.95 -21.58 -9.58
CA THR D 207 20.24 -22.79 -10.31
C THR D 207 19.59 -23.93 -9.54
N LEU D 208 18.61 -24.58 -10.16
CA LEU D 208 17.96 -25.71 -9.52
C LEU D 208 18.61 -26.93 -10.15
N ASN D 209 19.29 -27.72 -9.33
CA ASN D 209 19.93 -28.90 -9.84
C ASN D 209 19.09 -30.09 -9.42
N VAL D 210 18.40 -30.69 -10.37
CA VAL D 210 17.58 -31.85 -10.07
C VAL D 210 18.48 -33.04 -10.39
N ALA D 211 19.11 -33.56 -9.34
CA ALA D 211 20.02 -34.69 -9.48
C ALA D 211 19.28 -35.90 -10.03
N SER D 212 18.05 -36.07 -9.59
CA SER D 212 17.26 -37.21 -10.04
C SER D 212 15.78 -37.02 -9.74
N TRP D 213 14.94 -37.33 -10.73
CA TRP D 213 13.51 -37.23 -10.57
C TRP D 213 12.86 -38.40 -11.29
N THR D 214 11.98 -39.10 -10.60
CA THR D 214 11.28 -40.23 -11.21
C THR D 214 9.80 -40.11 -10.86
N ALA D 215 8.96 -40.66 -11.72
CA ALA D 215 7.53 -40.65 -11.53
C ALA D 215 6.91 -41.65 -12.48
N SER D 216 5.74 -42.16 -12.10
CA SER D 216 5.04 -43.12 -12.94
C SER D 216 3.58 -43.17 -12.52
N ILE D 217 2.73 -43.61 -13.43
CA ILE D 217 1.30 -43.75 -13.13
C ILE D 217 1.02 -45.22 -13.38
N ASN D 218 0.67 -45.93 -12.32
CA ASN D 218 0.40 -47.36 -12.42
C ASN D 218 -1.05 -47.73 -12.15
N PCA E 1 -10.33 -17.08 -36.37
CA PCA E 1 -11.04 -17.98 -35.47
CB PCA E 1 -10.40 -19.36 -35.59
CG PCA E 1 -9.72 -19.27 -36.97
CD PCA E 1 -9.57 -17.77 -37.23
OE PCA E 1 -8.86 -17.26 -38.11
C PCA E 1 -10.92 -17.53 -34.01
O PCA E 1 -10.25 -16.54 -33.73
N THR E 2 -11.52 -18.28 -33.08
CA THR E 2 -11.49 -17.95 -31.65
C THR E 2 -10.81 -19.02 -30.81
N SER E 3 -10.23 -18.60 -29.70
CA SER E 3 -9.56 -19.50 -28.76
C SER E 3 -9.19 -18.76 -27.51
N CYS E 4 -9.32 -19.44 -26.37
CA CYS E 4 -9.00 -18.82 -25.10
C CYS E 4 -7.75 -19.45 -24.49
N ASP E 5 -7.10 -20.35 -25.23
CA ASP E 5 -5.88 -20.98 -24.73
C ASP E 5 -4.80 -19.92 -24.54
N GLN E 6 -4.04 -20.09 -23.47
CA GLN E 6 -2.99 -19.15 -23.10
C GLN E 6 -2.05 -18.71 -24.22
N TRP E 7 -1.65 -19.64 -25.08
CA TRP E 7 -0.73 -19.30 -26.16
C TRP E 7 -1.32 -19.50 -27.55
N ALA E 8 -2.63 -19.32 -27.66
CA ALA E 8 -3.31 -19.45 -28.93
C ALA E 8 -2.81 -18.36 -29.88
N THR E 9 -2.71 -18.69 -31.15
CA THR E 9 -2.29 -17.71 -32.15
C THR E 9 -2.97 -18.02 -33.48
N PHE E 10 -3.15 -17.00 -34.29
CA PHE E 10 -3.74 -17.12 -35.61
C PHE E 10 -2.86 -16.28 -36.49
N THR E 11 -2.46 -16.80 -37.64
CA THR E 11 -1.56 -16.08 -38.53
C THR E 11 -2.01 -16.10 -39.99
N GLY E 12 -1.58 -15.11 -40.75
CA GLY E 12 -1.93 -15.03 -42.15
C GLY E 12 -1.49 -13.72 -42.79
N ASN E 13 -0.87 -13.83 -43.96
CA ASN E 13 -0.42 -12.66 -44.71
C ASN E 13 0.50 -11.72 -43.92
N GLY E 14 1.41 -12.28 -43.14
CA GLY E 14 2.35 -11.47 -42.38
C GLY E 14 1.82 -10.90 -41.07
N TYR E 15 0.58 -11.22 -40.73
CA TYR E 15 -0.01 -10.73 -39.48
C TYR E 15 -0.33 -11.89 -38.54
N THR E 16 -0.08 -11.69 -37.26
CA THR E 16 -0.38 -12.72 -36.27
C THR E 16 -1.11 -12.18 -35.05
N VAL E 17 -2.21 -12.84 -34.70
CA VAL E 17 -2.98 -12.45 -33.52
C VAL E 17 -2.63 -13.48 -32.45
N SER E 18 -2.26 -13.00 -31.25
CA SER E 18 -1.86 -13.87 -30.15
C SER E 18 -2.62 -13.59 -28.86
N ASN E 19 -2.92 -14.63 -28.09
CA ASN E 19 -3.63 -14.44 -26.82
C ASN E 19 -2.60 -13.89 -25.83
N ASN E 20 -1.41 -14.50 -25.83
CA ASN E 20 -0.30 -14.04 -25.00
C ASN E 20 -0.65 -13.69 -23.54
N LEU E 21 -1.23 -14.64 -22.82
CA LEU E 21 -1.61 -14.42 -21.42
C LEU E 21 -0.40 -14.64 -20.49
N TRP E 22 0.62 -13.81 -20.65
CA TRP E 22 1.83 -13.98 -19.86
C TRP E 22 1.77 -13.74 -18.35
N GLY E 23 0.69 -13.11 -17.87
CA GLY E 23 0.61 -12.87 -16.44
C GLY E 23 -0.66 -13.41 -15.79
N ALA E 24 -1.17 -14.51 -16.34
CA ALA E 24 -2.39 -15.12 -15.85
C ALA E 24 -2.38 -15.59 -14.41
N SER E 25 -1.21 -15.87 -13.85
CA SER E 25 -1.16 -16.33 -12.47
C SER E 25 -1.03 -15.21 -11.43
N ALA E 26 -0.97 -13.97 -11.91
CA ALA E 26 -0.88 -12.82 -11.03
C ALA E 26 -2.28 -12.48 -10.52
N GLY E 27 -3.27 -13.17 -11.07
CA GLY E 27 -4.65 -12.95 -10.66
C GLY E 27 -5.50 -14.15 -11.06
N SER E 28 -6.80 -13.93 -11.21
CA SER E 28 -7.72 -14.98 -11.62
C SER E 28 -8.61 -14.46 -12.73
N GLY E 29 -8.69 -15.21 -13.83
CA GLY E 29 -9.52 -14.77 -14.94
C GLY E 29 -9.23 -15.54 -16.22
N PHE E 30 -9.52 -14.91 -17.35
CA PHE E 30 -9.31 -15.55 -18.63
C PHE E 30 -9.21 -14.52 -19.75
N GLY E 31 -8.71 -14.97 -20.89
CA GLY E 31 -8.58 -14.12 -22.05
C GLY E 31 -8.80 -14.94 -23.30
N CYS E 32 -9.55 -14.40 -24.25
CA CYS E 32 -9.82 -15.06 -25.52
C CYS E 32 -9.57 -14.07 -26.65
N VAL E 33 -9.13 -14.57 -27.79
CA VAL E 33 -8.90 -13.71 -28.94
C VAL E 33 -9.62 -14.28 -30.14
N THR E 34 -10.08 -13.40 -31.02
CA THR E 34 -10.79 -13.80 -32.22
C THR E 34 -10.24 -13.06 -33.42
N ALA E 35 -9.76 -13.80 -34.41
CA ALA E 35 -9.23 -13.16 -35.61
C ALA E 35 -10.40 -13.15 -36.60
N VAL E 36 -10.81 -11.97 -37.04
CA VAL E 36 -11.93 -11.85 -37.98
C VAL E 36 -11.44 -11.85 -39.42
N SER E 37 -10.31 -11.19 -39.66
CA SER E 37 -9.72 -11.13 -40.99
C SER E 37 -8.25 -10.75 -40.88
N LEU E 38 -7.42 -11.39 -41.70
CA LEU E 38 -5.99 -11.14 -41.70
C LEU E 38 -5.53 -10.74 -43.10
N SER E 39 -6.44 -10.16 -43.87
CA SER E 39 -6.13 -9.72 -45.23
C SER E 39 -6.03 -8.21 -45.27
N GLY E 40 -4.85 -7.71 -45.61
CA GLY E 40 -4.65 -6.27 -45.67
C GLY E 40 -4.80 -5.68 -44.27
N GLY E 41 -4.17 -6.32 -43.30
CA GLY E 41 -4.26 -5.85 -41.93
C GLY E 41 -4.97 -6.84 -41.06
N ALA E 42 -5.03 -6.56 -39.76
CA ALA E 42 -5.68 -7.45 -38.82
C ALA E 42 -6.96 -6.85 -38.25
N SER E 43 -8.04 -7.63 -38.36
CA SER E 43 -9.35 -7.25 -37.83
C SER E 43 -9.61 -8.34 -36.79
N TRP E 44 -9.65 -7.96 -35.52
CA TRP E 44 -9.82 -8.93 -34.45
C TRP E 44 -10.34 -8.29 -33.17
N HIS E 45 -10.64 -9.12 -32.18
CA HIS E 45 -11.07 -8.60 -30.88
C HIS E 45 -10.59 -9.49 -29.74
N ALA E 46 -10.32 -8.85 -28.61
CA ALA E 46 -9.87 -9.55 -27.42
C ALA E 46 -10.94 -9.47 -26.35
N ASP E 47 -11.20 -10.58 -25.68
CA ASP E 47 -12.19 -10.63 -24.60
C ASP E 47 -11.51 -11.12 -23.33
N TRP E 48 -11.84 -10.51 -22.20
CA TRP E 48 -11.20 -10.91 -20.97
C TRP E 48 -11.96 -10.51 -19.72
N GLN E 49 -11.51 -11.07 -18.59
CA GLN E 49 -12.07 -10.77 -17.29
C GLN E 49 -10.99 -11.18 -16.30
N TRP E 50 -10.58 -10.24 -15.46
CA TRP E 50 -9.54 -10.50 -14.48
C TRP E 50 -9.82 -9.84 -13.15
N SER E 51 -9.41 -10.50 -12.08
CA SER E 51 -9.56 -9.96 -10.73
C SER E 51 -8.22 -10.26 -10.05
N GLY E 52 -7.90 -9.49 -9.01
CA GLY E 52 -6.64 -9.70 -8.30
C GLY E 52 -5.47 -9.01 -8.98
N GLY E 53 -4.34 -8.93 -8.28
CA GLY E 53 -3.16 -8.30 -8.84
C GLY E 53 -3.48 -6.92 -9.38
N GLN E 54 -4.04 -6.07 -8.52
CA GLN E 54 -4.45 -4.71 -8.87
C GLN E 54 -3.59 -3.98 -9.90
N ASN E 55 -2.28 -3.96 -9.69
CA ASN E 55 -1.40 -3.26 -10.62
C ASN E 55 -0.50 -4.18 -11.44
N ASN E 56 -0.98 -5.38 -11.70
CA ASN E 56 -0.25 -6.37 -12.49
C ASN E 56 -0.95 -6.59 -13.84
N VAL E 57 -0.23 -6.37 -14.94
CA VAL E 57 -0.80 -6.62 -16.26
C VAL E 57 -0.95 -8.13 -16.33
N LYS E 58 -2.12 -8.59 -16.76
CA LYS E 58 -2.38 -10.02 -16.82
C LYS E 58 -1.99 -10.67 -18.15
N SER E 59 -1.92 -9.84 -19.20
CA SER E 59 -1.62 -10.35 -20.53
C SER E 59 -1.43 -9.21 -21.52
N TYR E 60 -1.17 -9.59 -22.77
CA TYR E 60 -1.03 -8.62 -23.84
C TYR E 60 -1.50 -9.28 -25.14
N GLN E 61 -2.82 -9.46 -25.24
CA GLN E 61 -3.42 -10.02 -26.44
C GLN E 61 -3.10 -8.97 -27.48
N ASN E 62 -2.62 -9.39 -28.64
CA ASN E 62 -2.20 -8.41 -29.62
C ASN E 62 -2.10 -8.92 -31.04
N SER E 63 -1.95 -7.98 -31.97
CA SER E 63 -1.75 -8.31 -33.37
C SER E 63 -0.38 -7.72 -33.69
N GLN E 64 0.42 -8.44 -34.46
CA GLN E 64 1.75 -7.95 -34.82
C GLN E 64 2.10 -8.42 -36.22
N ILE E 65 3.14 -7.81 -36.79
CA ILE E 65 3.61 -8.17 -38.12
C ILE E 65 4.90 -8.97 -38.01
N ALA E 66 5.15 -9.81 -39.01
CA ALA E 66 6.37 -10.61 -39.01
C ALA E 66 7.54 -9.69 -39.33
N ILE E 67 8.71 -10.01 -38.78
CA ILE E 67 9.92 -9.24 -39.02
C ILE E 67 11.01 -10.26 -39.31
N PRO E 68 10.99 -10.83 -40.53
CA PRO E 68 11.94 -11.84 -41.01
C PRO E 68 13.41 -11.45 -40.87
N GLN E 69 13.70 -10.18 -41.11
CA GLN E 69 15.06 -9.66 -41.03
C GLN E 69 15.12 -8.44 -40.12
N LYS E 70 15.78 -8.59 -38.98
CA LYS E 70 15.91 -7.48 -38.02
C LYS E 70 16.84 -6.40 -38.54
N ARG E 71 16.43 -5.16 -38.38
CA ARG E 71 17.20 -4.00 -38.85
C ARG E 71 17.32 -2.95 -37.76
N THR E 72 18.38 -2.14 -37.83
CA THR E 72 18.58 -1.08 -36.87
C THR E 72 17.54 -0.01 -37.08
N VAL E 73 17.21 0.70 -36.02
CA VAL E 73 16.21 1.76 -36.07
C VAL E 73 16.56 2.81 -37.12
N ASN E 74 17.82 3.21 -37.18
CA ASN E 74 18.23 4.22 -38.16
C ASN E 74 18.13 3.76 -39.62
N SER E 75 18.40 2.48 -39.87
CA SER E 75 18.33 1.96 -41.23
C SER E 75 16.89 1.94 -41.71
N ILE E 76 15.96 1.86 -40.77
CA ILE E 76 14.54 1.84 -41.09
C ILE E 76 14.10 3.27 -41.41
N SER E 77 13.48 3.46 -42.58
CA SER E 77 13.05 4.79 -42.99
C SER E 77 11.66 5.17 -42.49
N SER E 78 10.75 4.20 -42.40
CA SER E 78 9.40 4.47 -41.93
C SER E 78 8.74 3.23 -41.35
N MET E 79 7.82 3.46 -40.41
CA MET E 79 7.08 2.39 -39.74
C MET E 79 5.62 2.82 -39.64
N PRO E 80 4.99 3.11 -40.78
CA PRO E 80 3.59 3.55 -40.81
C PRO E 80 2.64 2.56 -40.18
N THR E 81 1.55 3.08 -39.62
CA THR E 81 0.54 2.25 -38.99
C THR E 81 -0.76 3.01 -38.83
N THR E 82 -1.87 2.28 -38.83
CA THR E 82 -3.18 2.87 -38.63
C THR E 82 -3.88 1.93 -37.65
N ALA E 83 -4.76 2.47 -36.82
CA ALA E 83 -5.47 1.66 -35.85
C ALA E 83 -6.87 2.20 -35.65
N SER E 84 -7.85 1.32 -35.71
CA SER E 84 -9.25 1.69 -35.51
C SER E 84 -9.79 0.71 -34.47
N TRP E 85 -10.15 1.21 -33.30
CA TRP E 85 -10.63 0.34 -32.24
C TRP E 85 -11.67 1.00 -31.33
N SER E 86 -12.28 0.17 -30.49
CA SER E 86 -13.27 0.63 -29.53
C SER E 86 -13.18 -0.33 -28.36
N TYR E 87 -13.55 0.14 -27.18
CA TYR E 87 -13.53 -0.68 -25.98
C TYR E 87 -14.91 -0.71 -25.34
N SER E 88 -15.30 -1.88 -24.84
CA SER E 88 -16.57 -2.02 -24.15
C SER E 88 -16.28 -2.92 -22.96
N GLY E 89 -17.11 -2.87 -21.93
CA GLY E 89 -16.89 -3.69 -20.76
C GLY E 89 -17.38 -3.03 -19.49
N SER E 90 -16.90 -3.51 -18.35
CA SER E 90 -17.30 -2.94 -17.06
C SER E 90 -16.09 -2.84 -16.13
N ASN E 91 -15.95 -1.69 -15.47
CA ASN E 91 -14.86 -1.44 -14.55
C ASN E 91 -13.55 -1.80 -15.26
N ILE E 92 -13.38 -1.23 -16.45
CA ILE E 92 -12.21 -1.48 -17.26
C ILE E 92 -10.95 -0.78 -16.76
N ARG E 93 -9.97 -1.58 -16.36
CA ARG E 93 -8.69 -1.05 -15.92
C ARG E 93 -7.72 -1.74 -16.88
N ALA E 94 -7.50 -1.08 -18.02
CA ALA E 94 -6.63 -1.61 -19.07
C ALA E 94 -6.24 -0.51 -20.05
N ASN E 95 -5.26 -0.80 -20.90
CA ASN E 95 -4.84 0.17 -21.90
C ASN E 95 -5.00 -0.40 -23.29
N VAL E 96 -4.70 0.41 -24.29
CA VAL E 96 -4.73 0.01 -25.69
C VAL E 96 -3.39 0.58 -26.13
N ALA E 97 -2.45 -0.27 -26.53
CA ALA E 97 -1.15 0.25 -26.89
C ALA E 97 -0.29 -0.57 -27.83
N TYR E 98 0.60 0.15 -28.51
CA TYR E 98 1.57 -0.45 -29.39
C TYR E 98 2.64 -0.91 -28.41
N ASP E 99 3.43 -1.91 -28.82
CA ASP E 99 4.49 -2.42 -27.98
C ASP E 99 5.57 -2.92 -28.90
N LEU E 100 6.79 -2.38 -28.76
CA LEU E 100 7.91 -2.79 -29.59
C LEU E 100 9.15 -2.92 -28.73
N PHE E 101 9.96 -3.94 -29.00
CA PHE E 101 11.19 -4.16 -28.26
C PHE E 101 12.38 -3.95 -29.17
N THR E 102 13.48 -3.44 -28.61
CA THR E 102 14.71 -3.24 -29.39
C THR E 102 15.90 -3.70 -28.54
N ALA E 103 16.96 -4.15 -29.21
CA ALA E 103 18.16 -4.60 -28.52
C ALA E 103 19.34 -4.45 -29.47
N ALA E 104 20.55 -4.35 -28.91
CA ALA E 104 21.75 -4.21 -29.71
C ALA E 104 22.05 -5.53 -30.42
N ASN E 105 21.60 -6.63 -29.82
CA ASN E 105 21.79 -7.95 -30.43
C ASN E 105 20.61 -8.18 -31.36
N PRO E 106 20.87 -8.26 -32.68
CA PRO E 106 19.77 -8.48 -33.62
C PRO E 106 19.03 -9.81 -33.41
N ASN E 107 19.69 -10.77 -32.76
CA ASN E 107 19.07 -12.07 -32.52
C ASN E 107 18.50 -12.20 -31.10
N HIS E 108 18.27 -11.07 -30.45
CA HIS E 108 17.72 -11.03 -29.09
C HIS E 108 16.32 -11.66 -29.09
N VAL E 109 15.89 -12.23 -27.96
CA VAL E 109 14.56 -12.82 -27.92
C VAL E 109 13.62 -11.66 -28.23
N THR E 110 12.55 -11.92 -28.98
CA THR E 110 11.63 -10.86 -29.39
C THR E 110 10.57 -10.38 -28.40
N TYR E 111 10.54 -10.95 -27.20
CA TYR E 111 9.56 -10.54 -26.19
C TYR E 111 10.14 -9.69 -25.07
N SER E 112 11.34 -9.15 -25.32
CA SER E 112 12.01 -8.27 -24.37
C SER E 112 13.17 -7.64 -25.14
N GLY E 113 13.98 -6.83 -24.45
CA GLY E 113 15.10 -6.20 -25.14
C GLY E 113 15.79 -5.19 -24.23
N ASP E 114 16.68 -4.39 -24.80
CA ASP E 114 17.37 -3.37 -24.00
C ASP E 114 16.37 -2.27 -23.71
N TYR E 115 15.45 -2.08 -24.65
CA TYR E 115 14.41 -1.07 -24.53
C TYR E 115 13.06 -1.61 -24.98
N GLU E 116 12.01 -0.95 -24.50
CA GLU E 116 10.65 -1.29 -24.87
C GLU E 116 9.98 0.05 -25.13
N LEU E 117 9.36 0.20 -26.30
CA LEU E 117 8.67 1.42 -26.67
C LEU E 117 7.18 1.11 -26.74
N MET E 118 6.39 1.86 -25.99
CA MET E 118 4.94 1.69 -25.98
C MET E 118 4.27 2.99 -26.39
N ILE E 119 3.13 2.88 -27.04
CA ILE E 119 2.35 4.03 -27.45
C ILE E 119 0.93 3.68 -27.06
N TRP E 120 0.49 4.26 -25.95
CA TRP E 120 -0.84 4.01 -25.40
C TRP E 120 -1.86 4.92 -26.06
N LEU E 121 -2.63 4.36 -26.98
CA LEU E 121 -3.68 5.12 -27.66
C LEU E 121 -4.86 5.26 -26.71
N GLY E 122 -4.98 4.30 -25.81
CA GLY E 122 -6.06 4.33 -24.85
C GLY E 122 -5.61 4.01 -23.43
N LYS E 123 -6.31 4.57 -22.44
CA LYS E 123 -5.99 4.31 -21.05
C LYS E 123 -7.27 4.36 -20.22
N TYR E 124 -7.64 3.21 -19.66
CA TYR E 124 -8.84 3.09 -18.85
C TYR E 124 -8.53 2.81 -17.39
N GLY E 125 -9.19 3.52 -16.49
CA GLY E 125 -8.96 3.30 -15.07
C GLY E 125 -7.77 4.09 -14.55
N ASP E 126 -7.37 3.76 -13.32
CA ASP E 126 -6.24 4.43 -12.70
C ASP E 126 -4.94 3.67 -12.87
N ILE E 127 -4.79 2.97 -13.98
CA ILE E 127 -3.57 2.21 -14.22
C ILE E 127 -2.41 3.14 -14.53
N GLY E 128 -1.19 2.65 -14.28
CA GLY E 128 -0.03 3.48 -14.52
C GLY E 128 1.05 2.83 -15.37
N PRO E 129 1.67 3.59 -16.27
CA PRO E 129 2.72 3.04 -17.12
C PRO E 129 3.94 2.76 -16.25
N ILE E 130 4.97 2.19 -16.85
CA ILE E 130 6.20 1.89 -16.13
C ILE E 130 6.95 3.20 -15.89
N GLY E 131 7.52 3.36 -14.70
CA GLY E 131 8.26 4.57 -14.41
C GLY E 131 7.45 5.80 -14.04
N SER E 132 7.96 6.97 -14.38
CA SER E 132 7.28 8.22 -14.06
C SER E 132 7.22 9.17 -15.24
N SER E 133 6.29 10.12 -15.18
CA SER E 133 6.11 11.09 -16.26
C SER E 133 7.31 11.99 -16.51
N GLN E 134 7.58 12.22 -17.79
CA GLN E 134 8.68 13.06 -18.21
C GLN E 134 8.09 14.32 -18.85
N GLY E 135 6.78 14.48 -18.68
CA GLY E 135 6.10 15.64 -19.25
C GLY E 135 5.51 15.36 -20.62
N THR E 136 4.97 16.41 -21.23
CA THR E 136 4.33 16.31 -22.54
C THR E 136 5.31 16.48 -23.70
N VAL E 137 5.15 15.64 -24.72
CA VAL E 137 5.98 15.69 -25.92
C VAL E 137 5.11 15.61 -27.16
N ASN E 138 5.57 16.21 -28.24
CA ASN E 138 4.82 16.20 -29.50
C ASN E 138 5.46 15.23 -30.47
N VAL E 139 4.66 14.31 -30.99
CA VAL E 139 5.15 13.33 -31.96
C VAL E 139 4.10 13.14 -33.04
N GLY E 140 4.45 13.46 -34.27
CA GLY E 140 3.51 13.31 -35.37
C GLY E 140 2.33 14.27 -35.27
N GLY E 141 2.54 15.41 -34.63
CA GLY E 141 1.48 16.40 -34.50
C GLY E 141 0.50 16.15 -33.37
N GLN E 142 0.75 15.11 -32.57
CA GLN E 142 -0.11 14.78 -31.45
C GLN E 142 0.71 14.89 -30.17
N SER E 143 0.08 15.34 -29.09
CA SER E 143 0.75 15.48 -27.80
C SER E 143 0.63 14.20 -27.00
N TRP E 144 1.72 13.78 -26.38
CA TRP E 144 1.74 12.58 -25.57
C TRP E 144 2.41 12.86 -24.25
N THR E 145 2.00 12.13 -23.21
CA THR E 145 2.64 12.28 -21.91
C THR E 145 3.66 11.14 -21.93
N LEU E 146 4.94 11.49 -21.88
CA LEU E 146 5.99 10.47 -21.93
C LEU E 146 6.47 9.98 -20.57
N TYR E 147 6.39 8.67 -20.39
CA TYR E 147 6.84 8.02 -19.15
C TYR E 147 8.13 7.27 -19.46
N TYR E 148 9.01 7.21 -18.47
CA TYR E 148 10.28 6.51 -18.60
C TYR E 148 10.62 5.82 -17.28
N GLY E 149 11.06 4.58 -17.36
CA GLY E 149 11.42 3.83 -16.17
C GLY E 149 12.01 2.47 -16.53
N TYR E 150 12.31 1.68 -15.52
CA TYR E 150 12.88 0.36 -15.74
C TYR E 150 11.97 -0.79 -15.34
N ASN E 151 12.03 -1.86 -16.12
CA ASN E 151 11.30 -3.08 -15.81
C ASN E 151 12.50 -4.00 -15.75
N GLY E 152 13.02 -4.18 -14.54
CA GLY E 152 14.22 -5.00 -14.41
C GLY E 152 15.34 -4.22 -15.07
N ALA E 153 16.07 -4.87 -15.96
CA ALA E 153 17.18 -4.22 -16.66
C ALA E 153 16.72 -3.47 -17.90
N MET E 154 15.48 -3.69 -18.31
CA MET E 154 14.93 -3.06 -19.51
C MET E 154 14.40 -1.64 -19.30
N GLN E 155 14.76 -0.75 -20.23
CA GLN E 155 14.29 0.64 -20.16
C GLN E 155 13.01 0.75 -20.97
N VAL E 156 11.96 1.25 -20.33
CA VAL E 156 10.66 1.37 -20.97
C VAL E 156 10.21 2.82 -21.17
N TYR E 157 9.97 3.18 -22.42
CA TYR E 157 9.48 4.51 -22.79
C TYR E 157 8.03 4.36 -23.23
N SER E 158 7.10 4.99 -22.51
CA SER E 158 5.69 4.89 -22.84
C SER E 158 5.09 6.24 -23.22
N PHE E 159 4.68 6.40 -24.48
CA PHE E 159 4.05 7.62 -24.96
C PHE E 159 2.56 7.40 -24.75
N VAL E 160 1.99 8.11 -23.79
CA VAL E 160 0.57 7.96 -23.48
C VAL E 160 -0.26 9.08 -24.06
N ALA E 161 -1.26 8.71 -24.87
CA ALA E 161 -2.14 9.69 -25.48
C ALA E 161 -2.89 10.39 -24.37
N GLN E 162 -3.14 11.69 -24.56
CA GLN E 162 -3.82 12.47 -23.55
C GLN E 162 -5.34 12.42 -23.66
N THR E 163 -5.80 11.70 -24.68
CA THR E 163 -7.22 11.47 -24.93
C THR E 163 -7.27 10.15 -25.67
N ASN E 164 -8.22 9.27 -25.34
CA ASN E 164 -8.29 7.99 -26.05
C ASN E 164 -8.36 8.29 -27.53
N THR E 165 -7.46 7.70 -28.29
CA THR E 165 -7.40 7.92 -29.73
C THR E 165 -7.83 6.64 -30.44
N THR E 166 -9.12 6.56 -30.73
CA THR E 166 -9.73 5.39 -31.37
C THR E 166 -9.47 5.26 -32.86
N ASN E 167 -9.10 6.37 -33.50
CA ASN E 167 -8.80 6.36 -34.92
C ASN E 167 -7.43 6.99 -35.04
N TYR E 168 -6.43 6.14 -35.26
CA TYR E 168 -5.06 6.62 -35.32
C TYR E 168 -4.34 6.30 -36.62
N SER E 169 -3.49 7.23 -37.04
CA SER E 169 -2.68 7.07 -38.22
C SER E 169 -1.36 7.74 -37.90
N GLY E 170 -0.29 6.95 -37.85
CA GLY E 170 1.01 7.50 -37.53
C GLY E 170 2.15 6.71 -38.10
N ASP E 171 3.35 7.03 -37.61
CA ASP E 171 4.57 6.38 -38.06
C ASP E 171 5.45 6.23 -36.82
N VAL E 172 5.68 4.99 -36.38
CA VAL E 172 6.50 4.76 -35.19
C VAL E 172 7.91 5.32 -35.32
N LYS E 173 8.37 5.49 -36.56
CA LYS E 173 9.70 6.06 -36.79
C LYS E 173 9.80 7.43 -36.12
N ASN E 174 8.68 8.15 -36.08
CA ASN E 174 8.67 9.47 -35.45
C ASN E 174 8.99 9.38 -33.96
N PHE E 175 8.53 8.32 -33.32
CA PHE E 175 8.80 8.14 -31.89
C PHE E 175 10.24 7.76 -31.64
N PHE E 176 10.79 6.87 -32.47
CA PHE E 176 12.18 6.48 -32.31
C PHE E 176 13.07 7.70 -32.55
N ASN E 177 12.73 8.51 -33.56
CA ASN E 177 13.50 9.72 -33.85
C ASN E 177 13.49 10.64 -32.63
N TYR E 178 12.35 10.74 -31.97
CA TYR E 178 12.24 11.60 -30.79
C TYR E 178 13.20 11.14 -29.71
N LEU E 179 13.23 9.84 -29.45
CA LEU E 179 14.12 9.28 -28.43
C LEU E 179 15.58 9.50 -28.83
N ARG E 180 15.88 9.21 -30.09
CA ARG E 180 17.22 9.36 -30.61
C ARG E 180 17.71 10.80 -30.48
N ASP E 181 16.88 11.74 -30.91
CA ASP E 181 17.20 13.17 -30.90
C ASP E 181 17.00 13.94 -29.60
N ASN E 182 16.34 13.33 -28.62
CA ASN E 182 16.09 14.04 -27.37
C ASN E 182 16.41 13.25 -26.09
N LYS E 183 16.55 11.93 -26.21
CA LYS E 183 16.84 11.10 -25.05
C LYS E 183 18.10 10.25 -25.21
N GLY E 184 18.96 10.61 -26.15
CA GLY E 184 20.19 9.87 -26.35
C GLY E 184 20.02 8.40 -26.71
N TYR E 185 18.85 8.06 -27.25
CA TYR E 185 18.58 6.68 -27.65
C TYR E 185 19.49 6.30 -28.82
N ASN E 186 20.15 5.16 -28.71
CA ASN E 186 21.06 4.71 -29.75
C ASN E 186 20.34 4.01 -30.90
N ALA E 187 19.70 4.79 -31.77
CA ALA E 187 18.98 4.24 -32.91
C ALA E 187 19.94 3.61 -33.90
N ALA E 188 21.19 4.03 -33.86
CA ALA E 188 22.20 3.52 -34.77
C ALA E 188 22.52 2.05 -34.48
N GLY E 189 22.42 1.65 -33.22
CA GLY E 189 22.73 0.28 -32.86
C GLY E 189 21.60 -0.64 -32.44
N GLN E 190 20.43 -0.09 -32.12
CA GLN E 190 19.30 -0.89 -31.68
C GLN E 190 18.51 -1.49 -32.85
N TYR E 191 18.14 -2.77 -32.73
CA TYR E 191 17.36 -3.45 -33.77
C TYR E 191 15.91 -3.54 -33.33
N VAL E 192 14.98 -3.39 -34.27
CA VAL E 192 13.55 -3.48 -33.96
C VAL E 192 13.19 -4.96 -33.96
N LEU E 193 12.84 -5.46 -32.78
CA LEU E 193 12.52 -6.88 -32.59
C LEU E 193 11.05 -7.27 -32.78
N SER E 194 10.15 -6.33 -32.53
CA SER E 194 8.73 -6.61 -32.67
C SER E 194 7.97 -5.32 -32.95
N TYR E 195 6.78 -5.46 -33.53
CA TYR E 195 5.93 -4.31 -33.85
C TYR E 195 4.53 -4.86 -33.56
N GLN E 196 4.03 -4.57 -32.37
CA GLN E 196 2.73 -5.10 -31.95
C GLN E 196 1.72 -4.05 -31.49
N PHE E 197 0.47 -4.48 -31.38
CA PHE E 197 -0.62 -3.61 -30.95
C PHE E 197 -1.68 -4.43 -30.26
N GLY E 198 -2.11 -3.99 -29.09
CA GLY E 198 -3.13 -4.75 -28.37
C GLY E 198 -3.53 -4.05 -27.09
N THR E 199 -3.91 -4.85 -26.10
CA THR E 199 -4.34 -4.33 -24.82
C THR E 199 -3.74 -5.05 -23.64
N GLU E 200 -3.34 -4.27 -22.63
CA GLU E 200 -2.80 -4.81 -21.40
C GLU E 200 -3.88 -4.60 -20.35
N PRO E 201 -4.57 -5.67 -19.95
CA PRO E 201 -5.63 -5.56 -18.94
C PRO E 201 -5.13 -5.85 -17.52
N PHE E 202 -5.68 -5.15 -16.53
CA PHE E 202 -5.29 -5.36 -15.14
C PHE E 202 -6.43 -6.06 -14.41
N THR E 203 -7.59 -5.41 -14.34
CA THR E 203 -8.77 -6.00 -13.70
C THR E 203 -10.05 -5.50 -14.38
N GLY E 204 -11.14 -6.21 -14.12
CA GLY E 204 -12.44 -5.85 -14.69
C GLY E 204 -12.85 -6.86 -15.76
N SER E 205 -13.65 -6.40 -16.71
CA SER E 205 -14.07 -7.25 -17.81
C SER E 205 -14.16 -6.34 -19.01
N GLY E 206 -13.73 -6.82 -20.17
CA GLY E 206 -13.79 -5.98 -21.34
C GLY E 206 -13.56 -6.68 -22.65
N THR E 207 -13.87 -5.97 -23.73
CA THR E 207 -13.68 -6.49 -25.07
C THR E 207 -13.05 -5.38 -25.91
N LEU E 208 -11.85 -5.63 -26.40
CA LEU E 208 -11.17 -4.66 -27.26
C LEU E 208 -11.52 -5.08 -28.68
N ASN E 209 -12.22 -4.23 -29.40
CA ASN E 209 -12.56 -4.54 -30.78
C ASN E 209 -11.62 -3.76 -31.65
N VAL E 210 -10.84 -4.45 -32.47
CA VAL E 210 -9.91 -3.79 -33.38
C VAL E 210 -10.49 -3.97 -34.77
N ALA E 211 -11.26 -2.98 -35.20
CA ALA E 211 -11.88 -3.00 -36.51
C ALA E 211 -10.82 -3.14 -37.59
N SER E 212 -9.68 -2.50 -37.38
CA SER E 212 -8.60 -2.56 -38.35
C SER E 212 -7.26 -2.10 -37.81
N TRP E 213 -6.23 -2.87 -38.13
CA TRP E 213 -4.87 -2.51 -37.71
C TRP E 213 -3.89 -2.85 -38.83
N THR E 214 -3.09 -1.87 -39.24
CA THR E 214 -2.10 -2.09 -40.26
C THR E 214 -0.75 -1.57 -39.79
N ALA E 215 0.33 -2.19 -40.26
CA ALA E 215 1.67 -1.74 -39.88
C ALA E 215 2.66 -2.36 -40.86
N SER E 216 3.78 -1.68 -41.04
CA SER E 216 4.82 -2.18 -41.93
C SER E 216 6.12 -1.48 -41.58
N ILE E 217 7.23 -2.08 -41.99
CA ILE E 217 8.55 -1.49 -41.73
C ILE E 217 9.21 -1.29 -43.08
N ASN E 218 9.62 -0.07 -43.37
CA ASN E 218 10.28 0.25 -44.64
C ASN E 218 11.68 0.79 -44.40
N PCA F 1 29.82 49.72 7.83
CA PCA F 1 29.70 50.98 7.09
CB PCA F 1 31.07 51.31 6.49
CG PCA F 1 31.77 49.94 6.52
CD PCA F 1 30.97 49.12 7.53
OE PCA F 1 31.33 48.02 8.03
C PCA F 1 28.67 50.90 5.95
O PCA F 1 28.19 49.81 5.64
N THR F 2 28.50 52.01 5.22
CA THR F 2 27.55 52.07 4.12
C THR F 2 28.22 52.55 2.84
N SER F 3 27.78 51.99 1.72
CA SER F 3 28.29 52.37 0.41
C SER F 3 27.27 52.00 -0.65
N CYS F 4 27.24 52.79 -1.73
CA CYS F 4 26.34 52.53 -2.85
C CYS F 4 27.16 52.22 -4.10
N ASP F 5 28.48 52.19 -3.94
CA ASP F 5 29.35 51.88 -5.07
C ASP F 5 29.03 50.49 -5.59
N GLN F 6 29.17 50.31 -6.89
CA GLN F 6 28.88 49.05 -7.55
C GLN F 6 29.56 47.81 -6.96
N TRP F 7 30.83 47.93 -6.59
CA TRP F 7 31.56 46.78 -6.04
C TRP F 7 31.98 46.95 -4.59
N ALA F 8 31.21 47.69 -3.81
CA ALA F 8 31.54 47.89 -2.41
C ALA F 8 31.57 46.55 -1.67
N THR F 9 32.55 46.37 -0.79
CA THR F 9 32.65 45.15 -0.01
C THR F 9 33.18 45.47 1.38
N PHE F 10 32.60 44.83 2.39
CA PHE F 10 32.99 45.02 3.78
C PHE F 10 33.27 43.63 4.33
N THR F 11 34.49 43.42 4.81
CA THR F 11 34.90 42.13 5.33
C THR F 11 35.41 42.17 6.75
N GLY F 12 35.12 41.10 7.50
CA GLY F 12 35.55 41.01 8.88
C GLY F 12 35.18 39.68 9.51
N ASN F 13 36.12 39.10 10.26
CA ASN F 13 35.87 37.84 10.94
C ASN F 13 35.39 36.70 10.03
N GLY F 14 35.86 36.70 8.78
CA GLY F 14 35.47 35.63 7.87
C GLY F 14 34.14 35.82 7.15
N TYR F 15 33.53 36.99 7.31
CA TYR F 15 32.28 37.28 6.62
C TYR F 15 32.51 38.50 5.76
N THR F 16 31.80 38.56 4.64
CA THR F 16 31.91 39.70 3.72
C THR F 16 30.52 40.11 3.24
N VAL F 17 30.24 41.41 3.31
CA VAL F 17 28.98 41.96 2.84
C VAL F 17 29.35 42.70 1.56
N SER F 18 28.72 42.32 0.44
CA SER F 18 29.01 42.93 -0.86
C SER F 18 27.79 43.59 -1.49
N ASN F 19 28.01 44.73 -2.16
CA ASN F 19 26.92 45.42 -2.85
C ASN F 19 26.66 44.60 -4.12
N ASN F 20 27.73 44.29 -4.82
CA ASN F 20 27.64 43.44 -6.01
C ASN F 20 26.51 43.81 -6.99
N LEU F 21 26.52 45.04 -7.48
CA LEU F 21 25.50 45.51 -8.42
C LEU F 21 25.93 45.10 -9.83
N TRP F 22 26.13 43.80 -10.04
CA TRP F 22 26.59 43.30 -11.33
C TRP F 22 25.72 43.59 -12.55
N GLY F 23 24.40 43.63 -12.36
CA GLY F 23 23.52 43.88 -13.49
C GLY F 23 22.87 45.24 -13.51
N ALA F 24 23.49 46.22 -12.85
CA ALA F 24 22.94 47.57 -12.80
C ALA F 24 22.73 48.20 -14.18
N SER F 25 23.54 47.80 -15.15
CA SER F 25 23.45 48.36 -16.49
C SER F 25 22.16 48.00 -17.22
N ALA F 26 21.46 46.98 -16.73
CA ALA F 26 20.21 46.54 -17.33
C ALA F 26 19.05 47.51 -17.05
N GLY F 27 19.32 48.52 -16.23
CA GLY F 27 18.29 49.48 -15.90
C GLY F 27 18.88 50.72 -15.26
N SER F 28 18.08 51.39 -14.42
CA SER F 28 18.52 52.60 -13.74
C SER F 28 18.00 52.61 -12.30
N GLY F 29 18.74 53.31 -11.43
CA GLY F 29 18.37 53.40 -10.04
C GLY F 29 19.61 53.38 -9.19
N PHE F 30 19.57 52.62 -8.09
CA PHE F 30 20.73 52.54 -7.23
C PHE F 30 20.62 51.36 -6.29
N GLY F 31 21.75 51.02 -5.68
CA GLY F 31 21.81 49.93 -4.75
C GLY F 31 22.85 50.27 -3.71
N CYS F 32 22.48 50.20 -2.43
CA CYS F 32 23.41 50.51 -1.35
C CYS F 32 23.34 49.40 -0.33
N VAL F 33 24.45 49.15 0.34
CA VAL F 33 24.48 48.12 1.37
C VAL F 33 25.13 48.71 2.62
N THR F 34 24.61 48.31 3.76
CA THR F 34 25.13 48.79 5.03
C THR F 34 25.43 47.59 5.90
N ALA F 35 26.68 47.49 6.34
CA ALA F 35 27.06 46.40 7.22
C ALA F 35 26.89 46.99 8.62
N VAL F 36 26.02 46.38 9.40
CA VAL F 36 25.76 46.84 10.76
C VAL F 36 26.80 46.23 11.70
N SER F 37 27.10 44.95 11.51
CA SER F 37 28.08 44.25 12.32
C SER F 37 28.58 43.00 11.63
N LEU F 38 29.85 42.67 11.85
CA LEU F 38 30.43 41.46 11.27
C LEU F 38 30.91 40.55 12.39
N SER F 39 30.32 40.74 13.58
CA SER F 39 30.67 39.95 14.76
C SER F 39 29.61 38.88 15.00
N GLY F 40 30.04 37.63 15.03
CA GLY F 40 29.10 36.53 15.26
C GLY F 40 28.11 36.42 14.13
N GLY F 41 28.61 36.51 12.90
CA GLY F 41 27.75 36.44 11.73
C GLY F 41 27.73 37.79 11.07
N ALA F 42 26.74 38.03 10.20
CA ALA F 42 26.65 39.30 9.51
C ALA F 42 25.27 39.93 9.64
N SER F 43 25.24 41.13 10.20
CA SER F 43 24.00 41.88 10.37
C SER F 43 24.15 43.02 9.36
N TRP F 44 23.24 43.08 8.40
CA TRP F 44 23.32 44.11 7.37
C TRP F 44 21.96 44.34 6.72
N HIS F 45 21.90 45.34 5.86
CA HIS F 45 20.68 45.63 5.13
C HIS F 45 21.01 46.23 3.76
N ALA F 46 20.20 45.89 2.77
CA ALA F 46 20.37 46.38 1.41
C ALA F 46 19.19 47.27 1.07
N ASP F 47 19.47 48.38 0.38
CA ASP F 47 18.44 49.33 0.00
C ASP F 47 18.59 49.60 -1.48
N TRP F 48 17.50 49.47 -2.22
CA TRP F 48 17.58 49.68 -3.65
C TRP F 48 16.33 50.25 -4.28
N GLN F 49 16.49 50.71 -5.51
CA GLN F 49 15.41 51.26 -6.30
C GLN F 49 15.83 50.98 -7.74
N TRP F 50 15.03 50.20 -8.46
CA TRP F 50 15.36 49.88 -9.83
C TRP F 50 14.19 50.02 -10.80
N SER F 51 14.49 50.47 -12.01
CA SER F 51 13.50 50.65 -13.06
C SER F 51 14.13 50.13 -14.37
N GLY F 52 13.30 49.66 -15.29
CA GLY F 52 13.83 49.16 -16.55
C GLY F 52 14.31 47.72 -16.44
N GLY F 53 14.49 47.06 -17.57
CA GLY F 53 14.94 45.68 -17.57
C GLY F 53 14.04 44.83 -16.69
N GLN F 54 12.74 44.91 -16.99
CA GLN F 54 11.70 44.19 -16.25
C GLN F 54 12.06 42.79 -15.76
N ASN F 55 12.67 41.99 -16.62
CA ASN F 55 13.01 40.63 -16.23
C ASN F 55 14.51 40.39 -16.09
N ASN F 56 15.26 41.44 -15.75
CA ASN F 56 16.69 41.32 -15.59
C ASN F 56 17.14 41.65 -14.17
N VAL F 57 17.81 40.69 -13.53
CA VAL F 57 18.32 40.89 -12.18
C VAL F 57 19.34 42.03 -12.27
N LYS F 58 19.25 42.97 -11.33
CA LYS F 58 20.15 44.12 -11.34
C LYS F 58 21.36 43.93 -10.44
N SER F 59 21.25 43.02 -9.48
CA SER F 59 22.35 42.79 -8.54
C SER F 59 22.09 41.60 -7.61
N TYR F 60 23.06 41.35 -6.74
CA TYR F 60 22.94 40.30 -5.73
C TYR F 60 23.70 40.76 -4.49
N GLN F 61 23.16 41.78 -3.83
CA GLN F 61 23.76 42.29 -2.61
C GLN F 61 23.66 41.11 -1.67
N ASN F 62 24.77 40.76 -1.02
CA ASN F 62 24.76 39.58 -0.16
C ASN F 62 25.84 39.55 0.90
N SER F 63 25.68 38.57 1.80
CA SER F 63 26.65 38.33 2.85
C SER F 63 27.11 36.90 2.57
N GLN F 64 28.41 36.64 2.75
CA GLN F 64 28.95 35.31 2.48
C GLN F 64 30.10 35.04 3.44
N ILE F 65 30.54 33.78 3.50
CA ILE F 65 31.67 33.43 4.35
C ILE F 65 32.83 33.01 3.45
N ALA F 66 34.05 33.23 3.94
CA ALA F 66 35.24 32.86 3.19
C ALA F 66 35.38 31.34 3.19
N ILE F 67 35.88 30.79 2.09
CA ILE F 67 36.10 29.35 1.96
C ILE F 67 37.56 29.15 1.52
N PRO F 68 38.51 29.30 2.46
CA PRO F 68 39.95 29.16 2.24
C PRO F 68 40.36 27.93 1.45
N GLN F 69 39.84 26.77 1.87
CA GLN F 69 40.16 25.51 1.21
C GLN F 69 38.87 24.83 0.77
N LYS F 70 38.73 24.64 -0.54
CA LYS F 70 37.54 23.98 -1.07
C LYS F 70 37.55 22.51 -0.72
N ARG F 71 36.38 21.99 -0.33
CA ARG F 71 36.25 20.60 0.04
C ARG F 71 35.11 19.99 -0.75
N THR F 72 35.16 18.67 -0.94
CA THR F 72 34.10 18.01 -1.68
C THR F 72 32.85 18.00 -0.80
N VAL F 73 31.68 17.98 -1.43
CA VAL F 73 30.42 17.99 -0.71
C VAL F 73 30.31 16.84 0.27
N ASN F 74 30.72 15.64 -0.15
CA ASN F 74 30.63 14.47 0.72
C ASN F 74 31.59 14.51 1.91
N SER F 75 32.72 15.21 1.77
CA SER F 75 33.67 15.29 2.87
C SER F 75 33.17 16.25 3.96
N ILE F 76 32.37 17.23 3.55
CA ILE F 76 31.84 18.19 4.51
C ILE F 76 30.80 17.52 5.40
N SER F 77 30.95 17.69 6.71
CA SER F 77 30.03 17.07 7.67
C SER F 77 28.74 17.86 7.86
N SER F 78 28.82 19.18 7.88
CA SER F 78 27.64 20.01 8.04
C SER F 78 27.86 21.42 7.51
N MET F 79 26.76 22.06 7.12
CA MET F 79 26.81 23.43 6.61
C MET F 79 25.66 24.19 7.26
N PRO F 80 25.69 24.30 8.59
CA PRO F 80 24.63 25.01 9.34
C PRO F 80 24.52 26.49 8.98
N THR F 81 23.30 27.00 9.06
CA THR F 81 23.07 28.40 8.77
C THR F 81 21.77 28.87 9.40
N THR F 82 21.73 30.13 9.81
CA THR F 82 20.54 30.72 10.38
C THR F 82 20.38 32.08 9.70
N ALA F 83 19.14 32.53 9.58
CA ALA F 83 18.88 33.81 8.94
C ALA F 83 17.60 34.40 9.48
N SER F 84 17.65 35.70 9.80
CA SER F 84 16.48 36.42 10.29
C SER F 84 16.43 37.68 9.43
N TRP F 85 15.40 37.79 8.59
CA TRP F 85 15.28 38.95 7.71
C TRP F 85 13.84 39.44 7.54
N SER F 86 13.70 40.58 6.87
CA SER F 86 12.40 41.17 6.59
C SER F 86 12.58 42.09 5.39
N TYR F 87 11.54 42.20 4.58
CA TYR F 87 11.58 43.05 3.40
C TYR F 87 10.54 44.16 3.52
N SER F 88 10.99 45.38 3.26
CA SER F 88 10.12 46.55 3.29
C SER F 88 10.28 47.29 1.98
N GLY F 89 9.29 48.12 1.64
CA GLY F 89 9.36 48.87 0.41
C GLY F 89 8.06 48.78 -0.36
N SER F 90 8.10 49.07 -1.66
CA SER F 90 6.89 49.00 -2.46
C SER F 90 7.18 48.45 -3.84
N ASN F 91 6.20 47.76 -4.42
CA ASN F 91 6.35 47.18 -5.74
C ASN F 91 7.62 46.35 -5.80
N ILE F 92 7.84 45.58 -4.74
CA ILE F 92 9.02 44.75 -4.62
C ILE F 92 8.99 43.49 -5.49
N ARG F 93 9.85 43.46 -6.51
CA ARG F 93 9.97 42.29 -7.36
C ARG F 93 11.41 41.84 -7.13
N ALA F 94 11.58 40.88 -6.23
CA ALA F 94 12.90 40.38 -5.86
C ALA F 94 12.76 39.17 -4.95
N ASN F 95 13.86 38.43 -4.78
CA ASN F 95 13.86 37.26 -3.91
C ASN F 95 14.80 37.45 -2.72
N VAL F 96 14.89 36.41 -1.91
CA VAL F 96 15.78 36.38 -0.75
C VAL F 96 16.25 34.95 -0.82
N ALA F 97 17.53 34.75 -1.09
CA ALA F 97 17.99 33.38 -1.22
C ALA F 97 19.46 33.17 -1.02
N TYR F 98 19.79 31.93 -0.70
CA TYR F 98 21.17 31.50 -0.54
C TYR F 98 21.61 31.14 -1.94
N ASP F 99 22.90 31.17 -2.18
CA ASP F 99 23.43 30.81 -3.48
C ASP F 99 24.79 30.16 -3.26
N LEU F 100 24.98 29.01 -3.89
CA LEU F 100 26.25 28.29 -3.78
C LEU F 100 26.57 27.66 -5.12
N PHE F 101 27.86 27.68 -5.47
CA PHE F 101 28.31 27.07 -6.72
C PHE F 101 29.18 25.87 -6.33
N THR F 102 29.20 24.85 -7.18
CA THR F 102 30.04 23.67 -6.95
C THR F 102 30.61 23.28 -8.30
N ALA F 103 31.80 22.68 -8.29
CA ALA F 103 32.45 22.25 -9.52
C ALA F 103 33.38 21.08 -9.21
N ALA F 104 33.62 20.25 -10.21
CA ALA F 104 34.49 19.09 -10.07
C ALA F 104 35.93 19.56 -9.86
N ASN F 105 36.27 20.71 -10.44
CA ASN F 105 37.61 21.25 -10.29
C ASN F 105 37.66 22.23 -9.11
N PRO F 106 38.42 21.89 -8.05
CA PRO F 106 38.54 22.74 -6.87
C PRO F 106 39.11 24.13 -7.11
N ASN F 107 39.76 24.34 -8.26
CA ASN F 107 40.32 25.65 -8.57
C ASN F 107 39.41 26.44 -9.52
N HIS F 108 38.18 25.95 -9.67
CA HIS F 108 37.21 26.59 -10.54
C HIS F 108 36.93 28.02 -10.07
N VAL F 109 36.65 28.93 -11.00
CA VAL F 109 36.36 30.31 -10.62
C VAL F 109 35.14 30.25 -9.71
N THR F 110 35.06 31.17 -8.76
CA THR F 110 33.97 31.15 -7.79
C THR F 110 32.66 31.85 -8.17
N TYR F 111 32.60 32.43 -9.36
CA TYR F 111 31.38 33.10 -9.79
C TYR F 111 30.48 32.19 -10.61
N SER F 112 30.90 30.94 -10.76
CA SER F 112 30.13 29.95 -11.52
C SER F 112 30.62 28.56 -11.13
N GLY F 113 30.01 27.53 -11.72
CA GLY F 113 30.42 26.17 -11.41
C GLY F 113 29.70 25.18 -12.30
N ASP F 114 29.90 23.89 -12.05
CA ASP F 114 29.20 22.88 -12.84
C ASP F 114 27.74 22.94 -12.43
N TYR F 115 27.52 23.22 -11.15
CA TYR F 115 26.17 23.32 -10.59
C TYR F 115 26.02 24.56 -9.71
N GLU F 116 24.77 25.02 -9.59
CA GLU F 116 24.45 26.14 -8.73
C GLU F 116 23.26 25.71 -7.90
N LEU F 117 23.37 25.90 -6.59
CA LEU F 117 22.29 25.55 -5.67
C LEU F 117 21.76 26.82 -5.06
N MET F 118 20.45 27.01 -5.14
CA MET F 118 19.79 28.18 -4.54
C MET F 118 18.69 27.72 -3.61
N ILE F 119 18.50 28.47 -2.54
CA ILE F 119 17.46 28.19 -1.55
C ILE F 119 16.75 29.53 -1.35
N TRP F 120 15.58 29.66 -1.95
CA TRP F 120 14.81 30.90 -1.84
C TRP F 120 13.92 30.94 -0.61
N LEU F 121 14.32 31.71 0.40
CA LEU F 121 13.54 31.83 1.62
C LEU F 121 12.37 32.76 1.37
N GLY F 122 12.54 33.66 0.42
CA GLY F 122 11.49 34.61 0.11
C GLY F 122 11.39 34.88 -1.38
N LYS F 123 10.20 35.26 -1.82
CA LYS F 123 9.97 35.57 -3.22
C LYS F 123 8.88 36.63 -3.32
N TYR F 124 9.26 37.79 -3.83
CA TYR F 124 8.34 38.90 -4.00
C TYR F 124 8.12 39.21 -5.48
N GLY F 125 6.86 39.35 -5.88
CA GLY F 125 6.56 39.65 -7.27
C GLY F 125 6.37 38.42 -8.12
N ASP F 126 6.33 38.62 -9.44
CA ASP F 126 6.12 37.52 -10.37
C ASP F 126 7.41 36.94 -10.94
N ILE F 127 8.50 37.05 -10.20
CA ILE F 127 9.78 36.52 -10.66
C ILE F 127 9.78 35.01 -10.42
N GLY F 128 10.78 34.33 -10.96
CA GLY F 128 10.85 32.89 -10.78
C GLY F 128 12.23 32.32 -11.04
N PRO F 129 12.54 31.14 -10.49
CA PRO F 129 13.84 30.47 -10.64
C PRO F 129 14.09 30.03 -12.07
N ILE F 130 15.30 29.54 -12.30
CA ILE F 130 15.71 29.04 -13.61
C ILE F 130 15.14 27.63 -13.77
N GLY F 131 14.76 27.28 -15.00
CA GLY F 131 14.24 25.95 -15.25
C GLY F 131 12.75 25.79 -15.03
N SER F 132 12.33 24.56 -14.71
CA SER F 132 10.92 24.28 -14.47
C SER F 132 10.71 23.53 -13.16
N SER F 133 9.51 23.64 -12.61
CA SER F 133 9.18 22.98 -11.36
C SER F 133 9.35 21.46 -11.44
N GLN F 134 9.95 20.91 -10.40
CA GLN F 134 10.21 19.48 -10.29
C GLN F 134 9.24 18.94 -9.23
N GLY F 135 8.35 19.80 -8.75
CA GLY F 135 7.39 19.39 -7.73
C GLY F 135 7.84 19.75 -6.33
N THR F 136 7.16 19.20 -5.33
CA THR F 136 7.48 19.49 -3.94
C THR F 136 8.39 18.43 -3.34
N VAL F 137 9.28 18.87 -2.44
CA VAL F 137 10.23 17.99 -1.77
C VAL F 137 10.43 18.46 -0.34
N ASN F 138 10.77 17.54 0.57
CA ASN F 138 10.99 17.92 1.96
C ASN F 138 12.48 17.94 2.26
N VAL F 139 12.95 19.06 2.81
CA VAL F 139 14.35 19.19 3.18
C VAL F 139 14.49 19.96 4.49
N GLY F 140 15.09 19.33 5.48
CA GLY F 140 15.28 19.99 6.77
C GLY F 140 14.01 20.27 7.52
N GLY F 141 12.96 19.50 7.21
CA GLY F 141 11.69 19.68 7.90
C GLY F 141 10.73 20.64 7.21
N GLN F 142 11.20 21.30 6.17
CA GLN F 142 10.37 22.24 5.45
C GLN F 142 10.10 21.78 4.02
N SER F 143 8.94 22.14 3.49
CA SER F 143 8.56 21.76 2.13
C SER F 143 9.05 22.81 1.15
N TRP F 144 9.52 22.36 -0.01
CA TRP F 144 10.04 23.28 -1.01
C TRP F 144 9.59 22.89 -2.41
N THR F 145 9.44 23.88 -3.28
CA THR F 145 9.11 23.61 -4.67
C THR F 145 10.49 23.62 -5.31
N LEU F 146 10.88 22.49 -5.89
CA LEU F 146 12.19 22.37 -6.51
C LEU F 146 12.19 22.67 -8.01
N TYR F 147 13.04 23.60 -8.42
CA TYR F 147 13.16 23.95 -9.85
C TYR F 147 14.51 23.43 -10.35
N TYR F 148 14.54 23.01 -11.60
CA TYR F 148 15.76 22.50 -12.23
C TYR F 148 15.81 22.98 -13.67
N GLY F 149 17.01 23.33 -14.12
CA GLY F 149 17.15 23.78 -15.49
C GLY F 149 18.60 24.11 -15.77
N TYR F 150 18.87 24.55 -17.00
CA TYR F 150 20.22 24.90 -17.40
C TYR F 150 20.42 26.38 -17.61
N ASN F 151 21.61 26.84 -17.23
CA ASN F 151 22.02 28.23 -17.42
C ASN F 151 23.30 28.01 -18.21
N GLY F 152 23.16 27.89 -19.52
CA GLY F 152 24.32 27.60 -20.33
C GLY F 152 24.59 26.13 -20.04
N ALA F 153 25.84 25.77 -19.80
CA ALA F 153 26.19 24.38 -19.51
C ALA F 153 25.99 24.04 -18.02
N MET F 154 25.75 25.07 -17.22
CA MET F 154 25.58 24.90 -15.78
C MET F 154 24.17 24.45 -15.37
N GLN F 155 24.10 23.48 -14.47
CA GLN F 155 22.81 22.98 -13.99
C GLN F 155 22.44 23.71 -12.71
N VAL F 156 21.22 24.25 -12.69
CA VAL F 156 20.76 25.02 -11.53
C VAL F 156 19.57 24.40 -10.79
N TYR F 157 19.77 24.14 -9.50
CA TYR F 157 18.71 23.59 -8.66
C TYR F 157 18.30 24.68 -7.68
N SER F 158 17.02 25.03 -7.68
CA SER F 158 16.53 26.07 -6.80
C SER F 158 15.38 25.57 -5.93
N PHE F 159 15.59 25.55 -4.61
CA PHE F 159 14.54 25.13 -3.68
C PHE F 159 13.82 26.39 -3.23
N VAL F 160 12.54 26.50 -3.62
CA VAL F 160 11.75 27.67 -3.28
C VAL F 160 10.75 27.44 -2.16
N ALA F 161 10.83 28.26 -1.12
CA ALA F 161 9.93 28.15 0.03
C ALA F 161 8.51 28.41 -0.45
N GLN F 162 7.55 27.69 0.11
CA GLN F 162 6.16 27.86 -0.29
C GLN F 162 5.46 28.99 0.46
N THR F 163 6.24 29.68 1.29
CA THR F 163 5.79 30.82 2.07
C THR F 163 7.06 31.56 2.46
N ASN F 164 7.01 32.88 2.53
CA ASN F 164 8.21 33.65 2.91
C ASN F 164 8.64 33.19 4.29
N THR F 165 9.88 32.74 4.38
CA THR F 165 10.45 32.23 5.62
C THR F 165 11.44 33.26 6.17
N THR F 166 10.94 34.15 7.00
CA THR F 166 11.71 35.25 7.59
C THR F 166 12.70 34.84 8.69
N ASN F 167 12.41 33.75 9.39
CA ASN F 167 13.30 33.23 10.42
C ASN F 167 13.64 31.84 9.96
N TYR F 168 14.91 31.60 9.65
CA TYR F 168 15.31 30.29 9.15
C TYR F 168 16.54 29.69 9.83
N SER F 169 16.49 28.37 10.02
CA SER F 169 17.58 27.64 10.61
C SER F 169 17.65 26.32 9.87
N GLY F 170 18.79 26.06 9.24
CA GLY F 170 18.92 24.82 8.49
C GLY F 170 20.36 24.40 8.30
N ASP F 171 20.55 23.43 7.41
CA ASP F 171 21.86 22.90 7.11
C ASP F 171 21.86 22.60 5.61
N VAL F 172 22.67 23.34 4.86
CA VAL F 172 22.72 23.16 3.41
C VAL F 172 23.10 21.73 3.01
N LYS F 173 23.77 21.01 3.91
CA LYS F 173 24.15 19.64 3.61
C LYS F 173 22.89 18.81 3.33
N ASN F 174 21.78 19.17 3.96
CA ASN F 174 20.53 18.45 3.76
C ASN F 174 20.06 18.59 2.32
N PHE F 175 20.34 19.73 1.70
CA PHE F 175 19.93 19.95 0.32
C PHE F 175 20.82 19.15 -0.64
N PHE F 176 22.13 19.22 -0.44
CA PHE F 176 23.05 18.47 -1.29
C PHE F 176 22.75 16.96 -1.17
N ASN F 177 22.46 16.52 0.04
CA ASN F 177 22.15 15.12 0.26
C ASN F 177 20.89 14.71 -0.48
N TYR F 178 19.90 15.61 -0.54
CA TYR F 178 18.68 15.28 -1.26
C TYR F 178 19.03 15.04 -2.73
N LEU F 179 19.86 15.93 -3.29
CA LEU F 179 20.26 15.84 -4.70
C LEU F 179 21.12 14.61 -4.94
N ARG F 180 22.01 14.31 -4.00
CA ARG F 180 22.88 13.15 -4.14
C ARG F 180 22.07 11.85 -4.14
N ASP F 181 21.05 11.80 -3.29
CA ASP F 181 20.22 10.62 -3.15
C ASP F 181 18.98 10.50 -4.03
N ASN F 182 18.58 11.58 -4.69
CA ASN F 182 17.38 11.55 -5.53
C ASN F 182 17.60 12.10 -6.93
N LYS F 183 18.73 12.75 -7.15
CA LYS F 183 19.00 13.36 -8.46
C LYS F 183 20.35 12.98 -9.05
N GLY F 184 20.98 11.94 -8.50
CA GLY F 184 22.27 11.51 -9.00
C GLY F 184 23.38 12.53 -8.96
N TYR F 185 23.27 13.50 -8.05
CA TYR F 185 24.28 14.54 -7.91
C TYR F 185 25.55 13.91 -7.33
N ASN F 186 26.69 14.20 -7.95
CA ASN F 186 27.96 13.64 -7.48
C ASN F 186 28.61 14.46 -6.37
N ALA F 187 28.12 14.26 -5.15
CA ALA F 187 28.65 14.97 -4.00
C ALA F 187 30.08 14.51 -3.73
N ALA F 188 30.43 13.33 -4.23
CA ALA F 188 31.76 12.78 -4.03
C ALA F 188 32.82 13.55 -4.81
N GLY F 189 32.44 14.14 -5.94
CA GLY F 189 33.39 14.87 -6.75
C GLY F 189 33.19 16.38 -6.89
N GLN F 190 32.11 16.90 -6.31
CA GLN F 190 31.84 18.33 -6.40
C GLN F 190 32.33 19.09 -5.16
N TYR F 191 33.06 20.18 -5.39
CA TYR F 191 33.58 21.00 -4.30
C TYR F 191 32.69 22.23 -4.14
N VAL F 192 32.49 22.66 -2.90
CA VAL F 192 31.68 23.84 -2.63
C VAL F 192 32.57 25.06 -2.85
N LEU F 193 32.21 25.89 -3.82
CA LEU F 193 32.99 27.07 -4.16
C LEU F 193 32.54 28.37 -3.48
N SER F 194 31.29 28.42 -3.06
CA SER F 194 30.75 29.63 -2.41
C SER F 194 29.56 29.30 -1.51
N TYR F 195 29.26 30.21 -0.59
CA TYR F 195 28.15 30.04 0.36
C TYR F 195 27.67 31.47 0.65
N GLN F 196 26.65 31.90 -0.08
CA GLN F 196 26.13 33.25 0.06
C GLN F 196 24.66 33.35 0.39
N PHE F 197 24.25 34.55 0.79
CA PHE F 197 22.88 34.85 1.14
C PHE F 197 22.59 36.30 0.80
N GLY F 198 21.57 36.54 -0.02
CA GLY F 198 21.27 37.91 -0.38
C GLY F 198 19.94 38.01 -1.10
N THR F 199 19.82 39.06 -1.91
CA THR F 199 18.60 39.30 -2.65
C THR F 199 18.88 39.71 -4.09
N GLU F 200 18.09 39.16 -5.01
CA GLU F 200 18.23 39.48 -6.42
C GLU F 200 17.01 40.30 -6.78
N PRO F 201 17.18 41.62 -6.94
CA PRO F 201 16.06 42.49 -7.29
C PRO F 201 15.93 42.75 -8.80
N PHE F 202 14.69 43.00 -9.23
CA PHE F 202 14.44 43.30 -10.63
C PHE F 202 13.99 44.76 -10.75
N THR F 203 12.86 45.09 -10.12
CA THR F 203 12.33 46.44 -10.15
C THR F 203 11.64 46.80 -8.85
N GLY F 204 11.39 48.09 -8.66
CA GLY F 204 10.73 48.55 -7.46
C GLY F 204 11.69 49.26 -6.54
N SER F 205 11.32 49.36 -5.27
CA SER F 205 12.16 49.98 -4.27
C SER F 205 11.95 49.21 -2.99
N GLY F 206 13.02 48.61 -2.49
CA GLY F 206 12.90 47.84 -1.27
C GLY F 206 14.11 47.90 -0.38
N THR F 207 13.91 47.42 0.84
CA THR F 207 14.97 47.37 1.82
C THR F 207 14.94 46.00 2.45
N LEU F 208 16.01 45.24 2.25
CA LEU F 208 16.10 43.92 2.84
C LEU F 208 16.89 44.09 4.11
N ASN F 209 16.26 43.83 5.25
CA ASN F 209 16.98 43.95 6.51
C ASN F 209 17.32 42.58 7.01
N VAL F 210 18.62 42.32 7.13
CA VAL F 210 19.07 41.03 7.63
C VAL F 210 19.53 41.24 9.06
N ALA F 211 18.61 40.99 9.99
CA ALA F 211 18.88 41.13 11.41
C ALA F 211 20.06 40.28 11.81
N SER F 212 20.12 39.07 11.26
CA SER F 212 21.20 38.16 11.57
C SER F 212 21.39 37.08 10.50
N TRP F 213 22.64 36.72 10.25
CA TRP F 213 22.95 35.67 9.28
C TRP F 213 24.24 34.97 9.71
N THR F 214 24.18 33.65 9.82
CA THR F 214 25.34 32.87 10.20
C THR F 214 25.43 31.68 9.27
N ALA F 215 26.64 31.21 9.05
CA ALA F 215 26.86 30.05 8.20
C ALA F 215 28.28 29.55 8.40
N SER F 216 28.48 28.26 8.26
CA SER F 216 29.81 27.68 8.42
C SER F 216 29.89 26.32 7.76
N ILE F 217 31.10 25.92 7.41
CA ILE F 217 31.33 24.63 6.78
C ILE F 217 32.16 23.84 7.79
N ASN F 218 31.64 22.68 8.20
CA ASN F 218 32.35 21.85 9.17
C ASN F 218 32.79 20.52 8.57
C1 NAG G . -15.41 2.43 -13.22
C2 NAG G . -14.01 1.94 -12.87
C3 NAG G . -12.95 2.39 -13.88
C4 NAG G . -13.40 2.07 -15.29
C5 NAG G . -14.79 2.67 -15.55
C6 NAG G . -15.29 2.32 -16.94
C7 NAG G . -13.62 1.60 -10.50
C8 NAG G . -13.34 2.22 -9.13
N2 NAG G . -13.64 2.43 -11.54
O3 NAG G . -11.73 1.73 -13.62
O4 NAG G . -12.47 2.60 -16.23
O5 NAG G . -15.73 2.12 -14.60
O6 NAG G . -15.28 0.92 -17.14
O7 NAG G . -13.81 0.39 -10.60
C1 NAG H . -11.44 -10.00 34.26
C2 NAG H . -10.47 -10.55 33.19
C3 NAG H . -9.80 -11.85 33.65
C4 NAG H . -9.20 -11.70 35.04
C5 NAG H . -10.27 -11.17 36.01
C6 NAG H . -9.73 -10.93 37.40
C7 NAG H . -10.97 -9.99 30.89
C8 NAG H . -11.75 -10.32 29.63
N2 NAG H . -11.17 -10.78 31.95
O3 NAG H . -8.78 -12.21 32.74
O4 NAG H . -8.73 -12.96 35.49
O5 NAG H . -10.79 -9.91 35.53
O6 NAG H . -8.66 -10.01 37.39
O7 NAG H . -10.20 -9.04 30.89
C1 NAG I . 17.52 -12.97 0.54
C2 NAG I . 16.18 -12.72 -0.17
C3 NAG I . 15.26 -13.94 -0.17
C4 NAG I . 16.02 -15.20 -0.61
C5 NAG I . 17.26 -15.36 0.26
C6 NAG I . 18.08 -16.56 -0.16
C7 NAG I . 15.46 -10.43 -0.13
C8 NAG I . 14.81 -9.28 0.65
N2 NAG I . 15.48 -11.62 0.45
O3 NAG I . 14.18 -13.71 -1.07
O4 NAG I . 15.20 -16.35 -0.49
O5 NAG I . 18.12 -14.20 0.10
O6 NAG I . 18.42 -16.50 -1.53
O7 NAG I . 15.95 -10.22 -1.24
C1 NAG J . 13.90 -23.04 2.20
C2 NAG J . 13.03 -22.43 3.32
C3 NAG J . 13.20 -20.91 3.45
C4 NAG J . 14.68 -20.53 3.49
C5 NAG J . 15.36 -21.11 2.26
C6 NAG J . 16.84 -20.77 2.25
C7 NAG J . 11.06 -23.81 3.59
C8 NAG J . 9.81 -24.34 2.90
N2 NAG J . 11.63 -22.74 3.06
O3 NAG J . 12.57 -20.47 4.64
O4 NAG J . 14.80 -19.13 3.51
O5 NAG J . 15.25 -22.55 2.28
O6 NAG J . 17.49 -21.25 3.42
O7 NAG J . 11.49 -24.38 4.60
C1 NAG K . -10.70 6.87 -22.06
C2 NAG K . -10.19 7.98 -21.12
C3 NAG K . -10.61 7.71 -19.66
C4 NAG K . -12.10 7.41 -19.56
C5 NAG K . -12.44 6.27 -20.52
C6 NAG K . -13.93 5.94 -20.51
C7 NAG K . -8.16 9.05 -21.91
C8 NAG K . -6.65 9.00 -22.01
N2 NAG K . -8.74 8.06 -21.22
O3 NAG K . -10.31 8.86 -18.86
O4 NAG K . -12.45 7.04 -18.23
O5 NAG K . -12.11 6.65 -21.86
O6 NAG K . -14.70 7.09 -20.82
O7 NAG K . -8.79 9.96 -22.44
C1 NAG L . 5.90 36.83 0.21
C2 NAG L . 5.04 35.90 -0.67
C3 NAG L . 4.38 36.67 -1.83
C4 NAG L . 3.64 37.90 -1.30
C5 NAG L . 4.62 38.75 -0.49
C6 NAG L . 3.95 39.98 0.09
C7 NAG L . 5.76 33.59 -0.76
C8 NAG L . 6.83 32.60 -1.17
N2 NAG L . 5.86 34.84 -1.22
O3 NAG L . 3.45 35.82 -2.49
O4 NAG L . 3.13 38.67 -2.39
O5 NAG L . 5.14 37.98 0.62
O6 NAG L . 2.89 39.61 0.97
O7 NAG L . 4.84 33.23 -0.01
#